data_9J8V
#
_entry.id   9J8V
#
_cell.length_a   1.00
_cell.length_b   1.00
_cell.length_c   1.00
_cell.angle_alpha   90.00
_cell.angle_beta   90.00
_cell.angle_gamma   90.00
#
_symmetry.space_group_name_H-M   'P 1'
#
loop_
_entity.id
_entity.type
_entity.pdbx_description
1 polymer 'RNA-directed RNA polymerase L'
2 non-polymer 'RIBAVIRIN TRIPHOSPHATE'
#
_entity_poly.entity_id   1
_entity_poly.type   'polypeptide(L)'
_entity_poly.pdbx_seq_one_letter_code
;FFSHWTSKYKERNPTEIAYSEDIERIIDSLVTDEITKEEIIHFLFGNFCFHIETMNDQHIADKFKGYQSSCINLKIEPKV
DLADLKDHLIQKQQIWESLYGKHLEKIMLRIREKKKKEKEIPDITTAFNQNAAEYEEKYPNCFTNDLSETKTNFSMTWSP
SFEKIELSSEVDYNNAIINKFRESFKSSSRVIYNSPYSSINNQTNKARDITNLVRLCLTELSCDTTKMEKQELEDEIDIN
TGSIKVERTKKSKEWNKQGSCLTRNKNEFCMKETGRENKTIYFKGLAVMNIGMSSKKRILKKEEIKERISKGLEYDTSER
QADPNDDYSSIDMSSLTHMKKLIRHDNEDSLSWCERIKDSLFVLHNGDIREEGKITSVYNNYAKNPECLYIQDSVLKTEL
ETCKKINKLCNDLAIYHYSEDMMQFSKGLMVADRYMTKESFKILTTANTSMMLLAFKGDGMNTGGSGVPYIALHIVDEDM
SDQFNICYTKEIYSYFRNGSNYIYIMRPQRLNQVRLLSLFKTPSKVPVCFAQFSKKANEMEKWLKNKDIEKVNVFSMTMT
VKQILINIVFSSVMIGTVTKLSRMGIFDFMRYAGFLPLSDYSNIKEYIRDKFDPDITNVADIYFVNGIKKLLFRMEDLNL
STNAKPVVVDHENDIIGGITDLNIKCPITGSTLLTLEDLYNNVYLAIYMMPKSLHNHVHNLTSLLNVPAEWELKFRKELG
FNIFEDIYPKKAMFDDKDLFSINGALNVKALSDYYLGNIENVGLMRSEIENKEDFLSPCYKISTLKSSKKCSQSNIISTD
EIIECLQNAKIQDIENWKGNNLAIIKGLIRTYNEEKNRLVEFFEDNCVNSLYLVEKLKEIINSGSITVGKSVTSKFIRNN
HPLTVETYLKTKLYYRNNVTVLKSKKVSEELYDLVKQFHNMMEIDLDSVMNLGKGTEGKKHTFLQMLEFVMSKAKNVTGS
VDFLVSVFEKMQRTKTDREIYLMSMKVKMMLYFIEHTFKHVAQSDPSEAISISGDNKIRALSTLSLDTITSYNDILNKNS
KKSRLAFLSADQSKWSASDLTYKYVLAIILNPILTTGEASLMIECILMYVKLKKVCIPTDIFLNLRKAQGTFGQNETAIG
LLTKGLTTNTYPVSMNWLQGNLNYLSSVYHSCAMKAYHKTLECYKDCDFQTRWIVHSDDNATSLIASGEVDKMLTDFSSS
SLPEMLFRSIEAHFKSFCITLNPKKSYASSSEVEFISERIVNGAIIPLYCRHLANCCTESSHISYFDDLMSLSIHVTMLL
RKGCPNEVIPFAYGAVQVQALSIYSMLPGEVNDSIRIFKKLGVSLKSNEIPTNMGGWLTSPIEPLSILGPSSNDQIIYYN
VIRDFLNKKSLEEVKDSVSSSSYLQMRFRELKGKYEKGTLEEKDKKMIFLINLFEKASVSEDSDVLTIGMKFQTMLTQII
KLPNFINENALNKMSSYKDFSKLYPNLKKNEDLYKSTAKNLKIDEDAILEEDELYEKIASSLEMESVHDIMIKNPETILI
APLNDRDFLLSQLFMYTSPSKRNQLSNQSTAKLALDRVLRSKARTFVDISSTEKMTYEENMEKKILEMLKFDLDSYCSFK
TCVNLVIKDVNFSMLIPILDSAYPCESRKRDNYNFRWFQTEKWIPVVEGSPGLVVMHAVYGSNYIENLGLKNIPLTDDSI
NVLTSTFGTGLIMEDVKSLVKGKDSFETEAFSNSNECQRLVKACNYMIAAQNRLLAINTCFTRKSFPFYSKFNLGRGFIS
NTLALL
;
_entity_poly.pdbx_strand_id   A
#
loop_
_chem_comp.id
_chem_comp.type
_chem_comp.name
_chem_comp.formula
RTP RNA linking 'RIBAVIRIN TRIPHOSPHATE' 'C8 H15 N4 O14 P3'
#
# COMPACT_ATOMS: atom_id res chain seq x y z
N PHE A 1 -9.10 -39.37 15.08
CA PHE A 1 -7.85 -38.63 14.91
C PHE A 1 -6.68 -39.59 14.72
N PHE A 2 -6.00 -39.47 13.58
CA PHE A 2 -4.86 -40.31 13.24
C PHE A 2 -3.59 -39.48 13.26
N SER A 3 -2.51 -40.07 13.76
CA SER A 3 -1.23 -39.40 13.91
C SER A 3 -0.26 -39.84 12.82
N HIS A 4 0.41 -38.86 12.21
CA HIS A 4 1.42 -39.13 11.20
C HIS A 4 2.63 -38.26 11.48
N TRP A 5 3.81 -38.90 11.56
CA TRP A 5 5.05 -38.17 11.82
C TRP A 5 5.62 -37.67 10.50
N THR A 6 5.68 -36.36 10.36
CA THR A 6 5.92 -35.71 9.07
C THR A 6 7.40 -35.33 8.92
N SER A 7 8.27 -36.32 9.07
CA SER A 7 9.69 -36.01 9.01
C SER A 7 10.52 -37.25 8.66
N LYS A 8 11.59 -37.02 7.90
CA LYS A 8 12.74 -37.90 7.89
C LYS A 8 13.61 -37.67 9.13
N TYR A 9 13.44 -36.51 9.78
CA TYR A 9 14.10 -36.01 10.99
C TYR A 9 13.67 -36.73 12.26
N LYS A 10 12.97 -37.86 12.20
CA LYS A 10 12.42 -38.50 13.40
C LYS A 10 13.51 -38.92 14.37
N GLU A 11 14.64 -39.40 13.84
CA GLU A 11 15.74 -39.87 14.68
C GLU A 11 16.73 -38.77 15.05
N ARG A 12 16.29 -37.51 15.02
CA ARG A 12 17.12 -36.38 15.40
C ARG A 12 16.52 -35.71 16.63
N ASN A 13 17.38 -35.34 17.56
CA ASN A 13 17.03 -34.70 18.82
C ASN A 13 17.40 -33.23 18.79
N PRO A 14 16.80 -32.40 19.64
CA PRO A 14 17.19 -30.97 19.70
C PRO A 14 18.60 -30.72 20.24
N THR A 15 19.32 -31.73 20.69
CA THR A 15 20.69 -31.56 21.16
C THR A 15 21.74 -32.09 20.18
N GLU A 16 21.33 -32.48 18.97
CA GLU A 16 22.25 -32.97 17.96
C GLU A 16 21.92 -32.37 16.59
N ILE A 17 21.77 -31.05 16.55
CA ILE A 17 21.30 -30.36 15.36
C ILE A 17 22.37 -29.43 14.82
N ALA A 18 23.64 -29.85 14.90
CA ALA A 18 24.84 -29.14 14.44
C ALA A 18 25.06 -27.84 15.21
N TYR A 19 24.14 -26.89 15.11
CA TYR A 19 24.11 -25.73 16.01
C TYR A 19 23.38 -26.13 17.29
N SER A 20 24.00 -27.04 18.03
CA SER A 20 23.40 -27.63 19.21
C SER A 20 24.09 -27.21 20.50
N GLU A 21 25.27 -26.60 20.43
CA GLU A 21 25.93 -26.10 21.63
C GLU A 21 25.24 -24.87 22.19
N ASP A 22 24.45 -24.17 21.37
CA ASP A 22 23.70 -23.03 21.86
C ASP A 22 22.58 -23.45 22.81
N ILE A 23 22.00 -24.63 22.61
CA ILE A 23 21.03 -25.17 23.54
C ILE A 23 21.69 -25.50 24.88
N GLU A 24 22.94 -25.96 24.82
CA GLU A 24 23.71 -26.20 26.05
C GLU A 24 23.97 -24.89 26.79
N ARG A 25 24.26 -23.81 26.06
CA ARG A 25 24.47 -22.51 26.71
C ARG A 25 23.18 -21.94 27.27
N ILE A 26 22.04 -22.18 26.59
CA ILE A 26 20.75 -21.74 27.12
C ILE A 26 20.40 -22.52 28.38
N ILE A 27 20.70 -23.82 28.40
CA ILE A 27 20.47 -24.65 29.58
C ILE A 27 21.37 -24.20 30.73
N ASP A 28 22.64 -23.94 30.45
CA ASP A 28 23.59 -23.53 31.47
C ASP A 28 23.31 -22.12 31.98
N SER A 29 22.65 -21.29 31.17
CA SER A 29 22.39 -19.91 31.56
C SER A 29 21.04 -19.73 32.25
N LEU A 30 20.23 -20.79 32.36
CA LEU A 30 18.97 -20.73 33.09
C LEU A 30 19.11 -21.18 34.54
N VAL A 31 20.30 -21.58 34.96
CA VAL A 31 20.50 -22.13 36.30
C VAL A 31 20.50 -20.98 37.30
N THR A 32 19.53 -20.98 38.21
CA THR A 32 19.47 -19.98 39.26
C THR A 32 20.05 -20.56 40.55
N ASP A 33 20.00 -19.76 41.62
CA ASP A 33 20.51 -20.20 42.91
C ASP A 33 19.54 -21.13 43.63
N GLU A 34 18.29 -21.17 43.21
CA GLU A 34 17.29 -22.05 43.80
C GLU A 34 16.86 -23.19 42.90
N ILE A 35 17.02 -23.05 41.58
CA ILE A 35 16.68 -24.09 40.62
C ILE A 35 17.98 -24.52 39.95
N THR A 36 18.32 -25.80 40.09
CA THR A 36 19.56 -26.31 39.54
C THR A 36 19.37 -26.71 38.08
N LYS A 37 20.45 -27.22 37.47
CA LYS A 37 20.43 -27.58 36.06
C LYS A 37 19.54 -28.80 35.80
N GLU A 38 19.54 -29.74 36.75
CA GLU A 38 18.79 -30.99 36.59
C GLU A 38 17.29 -30.72 36.55
N GLU A 39 16.79 -29.83 37.42
CA GLU A 39 15.37 -29.49 37.40
C GLU A 39 15.00 -28.69 36.16
N ILE A 40 15.92 -27.85 35.66
CA ILE A 40 15.69 -27.10 34.42
C ILE A 40 15.51 -28.05 33.25
N ILE A 41 16.39 -29.06 33.14
CA ILE A 41 16.31 -30.02 32.05
C ILE A 41 15.07 -30.90 32.20
N HIS A 42 14.79 -31.36 33.43
CA HIS A 42 13.63 -32.22 33.67
C HIS A 42 12.31 -31.50 33.41
N PHE A 43 12.27 -30.18 33.61
CA PHE A 43 11.07 -29.43 33.26
C PHE A 43 10.98 -29.20 31.76
N LEU A 44 12.08 -28.72 31.16
CA LEU A 44 12.07 -28.31 29.75
C LEU A 44 11.80 -29.48 28.81
N PHE A 45 12.51 -30.59 29.02
CA PHE A 45 12.23 -31.83 28.31
C PHE A 45 11.46 -32.73 29.26
N GLY A 46 10.14 -32.66 29.19
CA GLY A 46 9.31 -33.39 30.14
C GLY A 46 8.05 -32.63 30.53
N ASN A 47 7.95 -31.38 30.09
CA ASN A 47 6.73 -30.59 30.26
C ASN A 47 5.51 -31.22 29.59
N PHE A 48 5.71 -32.07 28.57
CA PHE A 48 4.61 -32.73 27.88
C PHE A 48 3.86 -33.72 28.77
N CYS A 49 4.41 -34.12 29.91
CA CYS A 49 3.73 -35.05 30.81
C CYS A 49 2.54 -34.41 31.52
N PHE A 50 2.39 -33.09 31.45
CA PHE A 50 1.16 -32.47 31.92
C PHE A 50 0.08 -32.46 30.84
N HIS A 51 0.41 -32.87 29.62
CA HIS A 51 -0.52 -32.83 28.50
C HIS A 51 -0.98 -34.20 28.04
N ILE A 52 -0.66 -35.26 28.79
CA ILE A 52 -0.82 -36.63 28.27
C ILE A 52 -2.24 -37.06 28.61
N GLU A 53 -3.19 -36.54 27.82
CA GLU A 53 -4.55 -37.07 27.82
C GLU A 53 -5.18 -37.12 26.44
N THR A 54 -4.65 -36.39 25.45
CA THR A 54 -5.26 -36.30 24.13
C THR A 54 -4.30 -36.70 23.02
N MET A 55 -3.11 -37.18 23.35
CA MET A 55 -2.11 -37.56 22.36
C MET A 55 -2.00 -39.07 22.27
N ASN A 56 -1.48 -39.53 21.13
CA ASN A 56 -1.38 -40.95 20.84
C ASN A 56 -0.31 -41.62 21.70
N ASP A 57 -0.38 -42.94 21.78
CA ASP A 57 0.62 -43.68 22.54
C ASP A 57 1.95 -43.77 21.79
N GLN A 58 1.91 -43.78 20.46
CA GLN A 58 3.15 -43.69 19.70
C GLN A 58 3.78 -42.31 19.88
N HIS A 59 2.94 -41.28 20.04
CA HIS A 59 3.42 -39.95 20.42
C HIS A 59 4.07 -39.97 21.80
N ILE A 60 3.52 -40.78 22.73
CA ILE A 60 4.09 -40.92 24.06
C ILE A 60 5.48 -41.54 23.97
N ALA A 61 5.61 -42.63 23.22
CA ALA A 61 6.90 -43.31 23.07
C ALA A 61 7.91 -42.43 22.35
N ASP A 62 7.45 -41.66 21.35
CA ASP A 62 8.32 -40.74 20.62
C ASP A 62 8.85 -39.64 21.53
N LYS A 63 7.98 -38.99 22.29
CA LYS A 63 8.42 -37.89 23.13
C LYS A 63 9.23 -38.37 24.33
N PHE A 64 8.95 -39.58 24.82
CA PHE A 64 9.79 -40.12 25.89
C PHE A 64 11.16 -40.54 25.38
N LYS A 65 11.25 -41.05 24.14
CA LYS A 65 12.56 -41.31 23.55
C LYS A 65 13.34 -40.02 23.35
N GLY A 66 12.66 -38.95 22.93
CA GLY A 66 13.32 -37.65 22.83
C GLY A 66 13.79 -37.13 24.18
N TYR A 67 12.97 -37.33 25.22
CA TYR A 67 13.35 -37.00 26.60
C TYR A 67 14.61 -37.75 27.02
N GLN A 68 14.64 -39.06 26.77
CA GLN A 68 15.77 -39.88 27.18
C GLN A 68 17.04 -39.50 26.43
N SER A 69 16.93 -39.23 25.12
CA SER A 69 18.09 -38.81 24.34
C SER A 69 18.61 -37.45 24.79
N SER A 70 17.69 -36.52 25.09
CA SER A 70 18.10 -35.20 25.57
C SER A 70 18.78 -35.29 26.93
N CYS A 71 18.30 -36.15 27.82
CA CYS A 71 18.92 -36.26 29.14
C CYS A 71 20.25 -36.99 29.07
N ILE A 72 20.38 -38.00 28.20
CA ILE A 72 21.64 -38.69 28.04
C ILE A 72 22.69 -37.77 27.44
N ASN A 73 22.31 -36.98 26.42
CA ASN A 73 23.26 -36.07 25.80
C ASN A 73 23.61 -34.87 26.68
N LEU A 74 22.84 -34.59 27.73
CA LEU A 74 23.12 -33.49 28.63
C LEU A 74 23.71 -33.94 29.96
N LYS A 75 24.21 -35.18 30.01
CA LYS A 75 24.86 -35.79 31.19
C LYS A 75 23.98 -35.74 32.44
N ILE A 76 22.69 -36.04 32.28
CA ILE A 76 21.75 -36.14 33.39
C ILE A 76 21.13 -37.53 33.37
N GLU A 77 21.03 -38.15 34.54
CA GLU A 77 20.36 -39.43 34.65
C GLU A 77 18.85 -39.24 34.53
N PRO A 78 18.20 -39.83 33.53
CA PRO A 78 16.76 -39.60 33.35
C PRO A 78 15.92 -40.54 34.20
N LYS A 79 14.65 -40.18 34.33
CA LYS A 79 13.70 -41.06 34.99
C LYS A 79 13.33 -42.23 34.09
N VAL A 80 13.29 -43.43 34.67
CA VAL A 80 13.10 -44.65 33.89
C VAL A 80 11.69 -44.74 33.34
N ASP A 81 10.69 -44.41 34.15
CA ASP A 81 9.30 -44.56 33.78
C ASP A 81 8.69 -43.19 33.55
N LEU A 82 7.64 -43.15 32.74
CA LEU A 82 6.89 -41.92 32.51
C LEU A 82 6.18 -41.47 33.77
N ALA A 83 5.65 -42.42 34.55
CA ALA A 83 5.03 -42.09 35.82
C ALA A 83 6.05 -41.56 36.83
N ASP A 84 7.30 -42.02 36.74
CA ASP A 84 8.36 -41.48 37.58
C ASP A 84 8.63 -40.01 37.27
N LEU A 85 8.66 -39.66 35.98
CA LEU A 85 8.82 -38.25 35.59
C LEU A 85 7.61 -37.42 36.01
N LYS A 86 6.40 -37.98 35.91
CA LYS A 86 5.21 -37.28 36.36
C LYS A 86 5.24 -37.03 37.86
N ASP A 87 5.67 -38.02 38.64
CA ASP A 87 5.78 -37.86 40.09
C ASP A 87 6.84 -36.83 40.46
N HIS A 88 7.99 -36.86 39.77
CA HIS A 88 9.04 -35.88 40.04
C HIS A 88 8.62 -34.46 39.68
N LEU A 89 7.93 -34.29 38.55
CA LEU A 89 7.49 -32.96 38.15
C LEU A 89 6.31 -32.48 38.96
N ILE A 90 5.53 -33.38 39.55
CA ILE A 90 4.44 -32.95 40.44
C ILE A 90 4.93 -32.74 41.86
N GLN A 91 6.10 -33.26 42.22
CA GLN A 91 6.63 -33.01 43.56
C GLN A 91 7.60 -31.83 43.59
N LYS A 92 8.28 -31.53 42.48
CA LYS A 92 9.03 -30.28 42.37
C LYS A 92 8.19 -29.20 41.66
N GLN A 93 7.11 -28.82 42.33
CA GLN A 93 6.17 -27.83 41.80
C GLN A 93 6.22 -26.51 42.55
N GLN A 94 6.37 -26.54 43.88
CA GLN A 94 6.44 -25.32 44.67
C GLN A 94 7.74 -24.55 44.44
N ILE A 95 8.79 -25.23 43.99
CA ILE A 95 10.03 -24.55 43.65
C ILE A 95 9.84 -23.68 42.40
N TRP A 96 9.07 -24.18 41.42
CA TRP A 96 8.82 -23.41 40.21
C TRP A 96 7.70 -22.40 40.39
N GLU A 97 6.76 -22.66 41.31
CA GLU A 97 5.65 -21.75 41.54
C GLU A 97 6.03 -20.53 42.36
N SER A 98 7.22 -20.52 42.97
CA SER A 98 7.65 -19.42 43.82
C SER A 98 8.28 -18.27 43.04
N LEU A 99 8.38 -18.38 41.72
CA LEU A 99 9.00 -17.31 40.93
C LEU A 99 8.08 -16.11 40.75
N TYR A 100 6.79 -16.24 41.02
CA TYR A 100 5.87 -15.12 40.81
C TYR A 100 5.97 -14.07 41.90
N GLY A 101 6.14 -14.49 43.16
CA GLY A 101 6.25 -13.53 44.25
C GLY A 101 7.53 -12.73 44.19
N LYS A 102 8.64 -13.39 43.85
CA LYS A 102 9.91 -12.70 43.65
C LYS A 102 9.82 -11.72 42.49
N HIS A 103 9.08 -12.09 41.44
CA HIS A 103 8.87 -11.17 40.32
C HIS A 103 8.01 -9.98 40.74
N LEU A 104 7.01 -10.20 41.59
CA LEU A 104 6.19 -9.09 42.09
C LEU A 104 7.02 -8.11 42.90
N GLU A 105 7.88 -8.64 43.78
CA GLU A 105 8.78 -7.78 44.53
C GLU A 105 9.78 -7.07 43.62
N LYS A 106 10.22 -7.74 42.55
CA LYS A 106 11.15 -7.13 41.61
C LYS A 106 10.52 -5.96 40.85
N ILE A 107 9.28 -6.13 40.38
CA ILE A 107 8.64 -5.01 39.68
C ILE A 107 8.25 -3.89 40.64
N MET A 108 7.95 -4.20 41.91
CA MET A 108 7.73 -3.13 42.88
C MET A 108 9.00 -2.34 43.13
N LEU A 109 10.14 -3.03 43.26
CA LEU A 109 11.42 -2.35 43.39
C LEU A 109 11.79 -1.56 42.15
N ARG A 110 11.42 -2.06 40.96
CA ARG A 110 11.74 -1.35 39.73
C ARG A 110 10.91 -0.07 39.57
N ILE A 111 9.63 -0.12 39.98
CA ILE A 111 8.82 1.11 40.01
C ILE A 111 9.39 2.11 41.00
N ARG A 112 9.78 1.63 42.19
CA ARG A 112 10.34 2.52 43.21
C ARG A 112 11.69 3.11 42.78
N GLU A 113 12.46 2.38 41.98
CA GLU A 113 13.74 2.90 41.51
C GLU A 113 13.61 3.75 40.26
N LYS A 114 12.52 3.61 39.50
CA LYS A 114 12.36 4.41 38.29
C LYS A 114 11.64 5.72 38.56
N LYS A 115 10.65 5.74 39.45
CA LYS A 115 9.93 6.98 39.72
C LYS A 115 10.74 7.94 40.57
N LYS A 116 11.76 7.46 41.28
CA LYS A 116 12.64 8.34 42.05
C LYS A 116 13.60 9.10 41.16
N LYS A 117 14.09 8.45 40.11
CA LYS A 117 15.12 9.05 39.25
C LYS A 117 14.55 10.17 38.37
N GLU A 118 13.27 10.08 38.01
CA GLU A 118 12.68 11.03 37.08
C GLU A 118 12.47 12.40 37.73
N LYS A 119 12.32 13.42 36.89
CA LYS A 119 12.07 14.78 37.33
C LYS A 119 10.67 15.22 36.91
N GLU A 120 10.12 16.16 37.67
CA GLU A 120 8.75 16.64 37.46
C GLU A 120 8.77 18.06 36.94
N ILE A 121 8.09 18.29 35.82
CA ILE A 121 7.92 19.62 35.23
C ILE A 121 6.66 20.23 35.85
N PRO A 122 6.70 21.50 36.30
CA PRO A 122 5.52 22.10 36.95
C PRO A 122 4.31 22.29 36.03
N ASP A 123 4.51 22.87 34.84
CA ASP A 123 3.41 23.06 33.90
C ASP A 123 3.92 22.91 32.48
N ILE A 124 2.99 23.02 31.53
CA ILE A 124 3.28 22.77 30.13
C ILE A 124 4.18 23.87 29.55
N THR A 125 4.00 25.11 30.01
CA THR A 125 4.82 26.22 29.54
C THR A 125 6.29 26.04 29.93
N THR A 126 6.53 25.50 31.12
CA THR A 126 7.89 25.19 31.52
C THR A 126 8.48 24.04 30.70
N ALA A 127 7.65 23.08 30.29
CA ALA A 127 8.13 22.01 29.41
C ALA A 127 8.53 22.56 28.04
N PHE A 128 7.71 23.46 27.49
CA PHE A 128 8.04 24.11 26.23
C PHE A 128 9.31 24.96 26.36
N ASN A 129 9.45 25.68 27.47
CA ASN A 129 10.62 26.52 27.68
C ASN A 129 11.88 25.68 27.88
N GLN A 130 11.75 24.52 28.54
CA GLN A 130 12.89 23.63 28.71
C GLN A 130 13.30 23.00 27.39
N ASN A 131 12.32 22.68 26.54
CA ASN A 131 12.63 22.21 25.19
C ASN A 131 13.36 23.28 24.39
N ALA A 132 12.91 24.53 24.49
CA ALA A 132 13.58 25.63 23.79
C ALA A 132 14.99 25.86 24.33
N ALA A 133 15.16 25.74 25.65
CA ALA A 133 16.47 25.93 26.27
C ALA A 133 17.45 24.84 25.86
N GLU A 134 17.00 23.58 25.84
CA GLU A 134 17.90 22.52 25.41
C GLU A 134 18.16 22.57 23.91
N TYR A 135 17.20 23.07 23.12
CA TYR A 135 17.42 23.27 21.69
C TYR A 135 18.48 24.35 21.46
N GLU A 136 18.45 25.41 22.27
CA GLU A 136 19.53 26.39 22.23
C GLU A 136 20.84 25.80 22.74
N GLU A 137 20.77 24.82 23.64
CA GLU A 137 21.97 24.18 24.14
C GLU A 137 22.65 23.28 23.09
N LYS A 138 21.86 22.65 22.22
CA LYS A 138 22.46 21.85 21.15
C LYS A 138 23.17 22.76 20.14
N TYR A 139 22.40 23.64 19.49
CA TYR A 139 22.95 24.64 18.58
C TYR A 139 22.72 26.02 19.15
N PRO A 140 23.77 26.79 19.42
CA PRO A 140 23.60 28.08 20.10
C PRO A 140 23.04 29.16 19.19
N ASN A 141 22.19 30.01 19.78
CA ASN A 141 21.60 31.19 19.14
C ASN A 141 20.82 30.83 17.88
N CYS A 142 20.10 29.72 17.93
CA CYS A 142 19.31 29.29 16.78
C CYS A 142 17.96 29.98 16.69
N PHE A 143 17.58 30.75 17.70
CA PHE A 143 16.28 31.38 17.75
C PHE A 143 16.41 32.87 17.41
N THR A 144 15.71 33.31 16.37
CA THR A 144 15.78 34.67 15.89
C THR A 144 14.47 35.40 16.14
N ASN A 145 14.56 36.62 16.66
CA ASN A 145 13.39 37.44 16.92
C ASN A 145 13.00 38.32 15.74
N ASP A 146 13.84 38.41 14.72
CA ASP A 146 13.56 39.20 13.53
C ASP A 146 12.97 38.30 12.45
N LEU A 147 11.80 38.68 11.93
CA LEU A 147 11.07 37.83 10.99
C LEU A 147 11.43 38.19 9.54
N SER A 148 12.73 38.28 9.27
CA SER A 148 13.21 38.56 7.93
C SER A 148 14.13 37.50 7.36
N GLU A 149 14.63 36.58 8.19
CA GLU A 149 15.49 35.49 7.73
C GLU A 149 14.77 34.14 7.73
N THR A 150 13.46 34.13 7.97
CA THR A 150 12.71 32.89 8.03
C THR A 150 12.41 32.39 6.62
N LYS A 151 11.76 31.23 6.53
CA LYS A 151 11.43 30.63 5.26
C LYS A 151 10.06 31.12 4.79
N THR A 152 9.55 30.51 3.72
CA THR A 152 8.34 30.99 3.06
C THR A 152 7.10 30.68 3.89
N ASN A 153 6.28 31.71 4.12
CA ASN A 153 5.03 31.53 4.85
C ASN A 153 4.03 30.71 4.04
N PHE A 154 3.66 31.20 2.86
CA PHE A 154 2.49 30.66 2.16
C PHE A 154 2.88 29.64 1.11
N SER A 155 3.90 28.83 1.43
CA SER A 155 4.21 27.58 0.77
C SER A 155 4.60 27.75 -0.69
N MET A 156 4.26 26.75 -1.52
CA MET A 156 4.89 26.64 -2.82
C MET A 156 4.35 27.65 -3.84
N THR A 157 3.04 27.86 -3.91
CA THR A 157 2.46 28.64 -4.98
C THR A 157 1.34 29.52 -4.41
N TRP A 158 1.09 30.64 -5.08
CA TRP A 158 0.22 31.70 -4.58
C TRP A 158 -0.84 31.99 -5.62
N SER A 159 -2.09 32.12 -5.17
CA SER A 159 -3.23 32.29 -6.07
C SER A 159 -3.89 33.64 -5.87
N PRO A 160 -3.60 34.63 -6.70
CA PRO A 160 -4.36 35.88 -6.67
C PRO A 160 -5.75 35.70 -7.25
N SER A 161 -6.57 36.73 -7.06
CA SER A 161 -7.93 36.70 -7.56
C SER A 161 -7.97 37.23 -8.99
N PHE A 162 -8.94 36.71 -9.77
CA PHE A 162 -8.97 36.85 -11.22
C PHE A 162 -10.17 37.72 -11.55
N GLU A 163 -9.92 38.97 -11.95
CA GLU A 163 -10.94 40.00 -11.88
C GLU A 163 -11.53 40.43 -13.23
N LYS A 164 -10.90 40.10 -14.34
CA LYS A 164 -11.36 40.58 -15.64
C LYS A 164 -11.69 39.42 -16.57
N ILE A 165 -12.79 39.55 -17.30
CA ILE A 165 -13.16 38.57 -18.31
C ILE A 165 -12.29 38.79 -19.54
N GLU A 166 -11.60 37.73 -19.98
CA GLU A 166 -10.69 37.79 -21.11
C GLU A 166 -11.39 37.17 -22.32
N LEU A 167 -11.75 38.01 -23.29
CA LEU A 167 -12.42 37.54 -24.50
C LEU A 167 -11.41 36.92 -25.46
N SER A 168 -11.80 35.82 -26.10
CA SER A 168 -10.94 35.10 -27.02
C SER A 168 -11.57 35.12 -28.41
N SER A 169 -10.78 35.56 -29.40
CA SER A 169 -11.22 35.56 -30.80
C SER A 169 -9.95 35.36 -31.63
N GLU A 170 -9.68 34.10 -32.00
CA GLU A 170 -8.58 33.68 -32.88
C GLU A 170 -7.21 33.97 -32.24
N VAL A 171 -7.21 34.24 -30.93
CA VAL A 171 -6.02 34.66 -30.22
C VAL A 171 -5.48 33.59 -29.28
N ASP A 172 -6.04 32.37 -29.32
CA ASP A 172 -5.54 31.21 -28.59
C ASP A 172 -5.49 31.43 -27.08
N TYR A 173 -6.65 31.39 -26.41
CA TYR A 173 -6.93 31.76 -25.02
C TYR A 173 -5.82 31.47 -24.00
N ASN A 174 -5.12 30.35 -24.15
CA ASN A 174 -3.97 30.06 -23.31
C ASN A 174 -2.84 31.06 -23.57
N ASN A 175 -2.69 31.52 -24.80
CA ASN A 175 -1.56 32.37 -25.17
C ASN A 175 -1.89 33.85 -25.05
N ALA A 176 -3.18 34.23 -25.02
CA ALA A 176 -3.57 35.63 -24.89
C ALA A 176 -3.18 36.20 -23.52
N ILE A 177 -3.13 35.36 -22.49
CA ILE A 177 -2.73 35.81 -21.17
C ILE A 177 -1.26 36.18 -21.15
N ILE A 178 -0.43 35.42 -21.87
CA ILE A 178 1.01 35.66 -21.89
C ILE A 178 1.33 37.00 -22.56
N ASN A 179 0.68 37.30 -23.69
CA ASN A 179 0.92 38.58 -24.31
C ASN A 179 0.21 39.72 -23.59
N LYS A 180 -0.84 39.44 -22.81
CA LYS A 180 -1.41 40.45 -21.92
C LYS A 180 -0.39 40.86 -20.86
N PHE A 181 0.26 39.87 -20.23
CA PHE A 181 1.34 40.18 -19.29
C PHE A 181 2.53 40.83 -19.98
N ARG A 182 2.80 40.46 -21.24
CA ARG A 182 3.92 41.05 -21.98
C ARG A 182 3.68 42.52 -22.28
N GLU A 183 2.46 42.89 -22.70
CA GLU A 183 2.17 44.29 -22.94
C GLU A 183 1.99 45.07 -21.64
N SER A 184 1.69 44.40 -20.54
CA SER A 184 1.76 45.08 -19.25
C SER A 184 3.21 45.32 -18.83
N PHE A 185 4.09 44.37 -19.15
CA PHE A 185 5.51 44.44 -18.78
C PHE A 185 6.35 45.09 -19.87
N LYS A 186 5.90 46.25 -20.36
CA LYS A 186 6.67 47.00 -21.34
C LYS A 186 6.65 48.49 -21.03
N SER A 187 6.10 48.89 -19.88
CA SER A 187 6.08 50.27 -19.44
C SER A 187 7.42 50.65 -18.81
N SER A 188 7.45 51.76 -18.09
CA SER A 188 8.68 52.27 -17.50
C SER A 188 9.06 51.47 -16.25
N SER A 189 9.97 52.01 -15.45
CA SER A 189 10.69 51.23 -14.46
C SER A 189 10.40 51.69 -13.04
N ARG A 190 9.12 51.82 -12.68
CA ARG A 190 8.74 52.18 -11.32
C ARG A 190 8.77 50.97 -10.36
N VAL A 191 9.88 50.23 -10.39
CA VAL A 191 10.00 49.00 -9.62
C VAL A 191 10.24 49.35 -8.15
N ILE A 192 9.33 48.93 -7.29
CA ILE A 192 9.46 49.10 -5.85
C ILE A 192 9.75 47.73 -5.26
N TYR A 193 10.91 47.56 -4.65
CA TYR A 193 11.27 46.29 -4.04
C TYR A 193 10.61 46.16 -2.67
N ASN A 194 10.12 44.96 -2.36
CA ASN A 194 9.35 44.72 -1.16
C ASN A 194 10.26 44.28 -0.04
N SER A 195 10.18 44.98 1.09
CA SER A 195 10.87 44.56 2.30
C SER A 195 10.03 43.52 3.03
N PRO A 196 10.55 42.33 3.30
CA PRO A 196 9.72 41.29 3.92
C PRO A 196 9.39 41.61 5.36
N TYR A 197 8.11 41.46 5.70
CA TYR A 197 7.58 41.55 7.06
C TYR A 197 7.84 42.91 7.70
N SER A 198 7.69 43.97 6.88
CA SER A 198 7.84 45.37 7.28
C SER A 198 9.22 45.66 7.86
N SER A 199 10.25 45.02 7.31
CA SER A 199 11.61 45.27 7.72
C SER A 199 12.10 46.60 7.16
N ILE A 200 13.20 47.09 7.72
CA ILE A 200 13.77 48.37 7.30
C ILE A 200 15.07 48.21 6.52
N ASN A 201 15.91 47.24 6.85
CA ASN A 201 17.20 47.06 6.19
C ASN A 201 17.07 46.02 5.07
N ASN A 202 16.36 46.41 4.02
CA ASN A 202 16.20 45.56 2.85
C ASN A 202 17.47 45.65 2.00
N GLN A 203 18.10 44.50 1.76
CA GLN A 203 19.33 44.47 0.98
C GLN A 203 19.04 44.68 -0.50
N THR A 204 17.92 44.11 -0.99
CA THR A 204 17.56 44.00 -2.41
C THR A 204 18.73 43.32 -3.13
N ASN A 205 19.21 43.85 -4.26
CA ASN A 205 20.38 43.39 -5.03
C ASN A 205 20.16 42.03 -5.68
N LYS A 206 18.99 41.43 -5.48
CA LYS A 206 18.53 40.25 -6.18
C LYS A 206 17.16 40.43 -6.80
N ALA A 207 16.35 41.34 -6.26
CA ALA A 207 15.08 41.69 -6.87
C ALA A 207 15.28 42.38 -8.22
N ARG A 208 16.33 43.19 -8.33
CA ARG A 208 16.69 43.76 -9.63
C ARG A 208 17.05 42.66 -10.63
N ASP A 209 17.78 41.63 -10.18
CA ASP A 209 18.16 40.52 -11.06
C ASP A 209 16.93 39.72 -11.49
N ILE A 210 16.02 39.43 -10.56
CA ILE A 210 14.83 38.66 -10.89
C ILE A 210 13.90 39.46 -11.81
N THR A 211 13.78 40.77 -11.56
CA THR A 211 12.96 41.63 -12.41
C THR A 211 13.54 41.73 -13.81
N ASN A 212 14.86 41.86 -13.92
CA ASN A 212 15.50 41.91 -15.24
C ASN A 212 15.36 40.58 -15.98
N LEU A 213 15.45 39.46 -15.26
CA LEU A 213 15.27 38.16 -15.88
C LEU A 213 13.85 37.97 -16.39
N VAL A 214 12.86 38.38 -15.61
CA VAL A 214 11.46 38.24 -16.01
C VAL A 214 11.14 39.16 -17.18
N ARG A 215 11.66 40.38 -17.15
CA ARG A 215 11.45 41.32 -18.25
C ARG A 215 12.12 40.83 -19.53
N LEU A 216 13.30 40.21 -19.42
CA LEU A 216 13.94 39.61 -20.59
C LEU A 216 13.14 38.44 -21.12
N CYS A 217 12.67 37.55 -20.24
CA CYS A 217 11.96 36.36 -20.67
C CYS A 217 10.56 36.66 -21.20
N LEU A 218 9.98 37.82 -20.90
CA LEU A 218 8.70 38.18 -21.45
C LEU A 218 8.75 39.24 -22.54
N THR A 219 9.88 39.92 -22.74
CA THR A 219 9.98 40.96 -23.75
C THR A 219 10.73 40.49 -24.99
N GLU A 220 11.89 39.86 -24.81
CA GLU A 220 12.75 39.47 -25.92
C GLU A 220 12.72 37.98 -26.20
N LEU A 221 12.54 37.15 -25.18
CA LEU A 221 12.75 35.71 -25.30
C LEU A 221 11.46 34.93 -25.59
N SER A 222 10.33 35.61 -25.78
CA SER A 222 9.07 34.93 -26.02
C SER A 222 8.19 35.79 -26.91
N CYS A 223 7.20 35.15 -27.53
CA CYS A 223 6.33 35.82 -28.49
C CYS A 223 5.02 35.08 -28.59
N ASP A 224 4.03 35.75 -29.19
CA ASP A 224 2.74 35.14 -29.48
C ASP A 224 2.92 34.06 -30.54
N THR A 225 2.80 32.80 -30.13
CA THR A 225 3.06 31.70 -31.05
C THR A 225 1.86 31.41 -31.94
N THR A 226 0.76 30.93 -31.33
CA THR A 226 -0.59 30.69 -31.87
C THR A 226 -0.67 29.79 -33.11
N LYS A 227 0.48 29.26 -33.56
CA LYS A 227 0.56 28.44 -34.76
C LYS A 227 1.27 27.12 -34.56
N MET A 228 2.06 26.98 -33.50
CA MET A 228 2.87 25.77 -33.31
C MET A 228 2.00 24.61 -32.84
N GLU A 229 2.55 23.41 -32.98
CA GLU A 229 1.84 22.19 -32.66
C GLU A 229 2.00 21.83 -31.19
N LYS A 230 0.99 21.13 -30.67
CA LYS A 230 0.99 20.70 -29.28
C LYS A 230 2.01 19.59 -29.07
N GLN A 231 2.44 19.41 -27.82
CA GLN A 231 3.37 18.34 -27.49
C GLN A 231 2.68 16.98 -27.62
N GLU A 232 3.26 16.10 -28.44
CA GLU A 232 2.75 14.76 -28.66
C GLU A 232 3.83 13.74 -28.33
N LEU A 233 3.42 12.66 -27.65
CA LEU A 233 4.33 11.65 -27.14
C LEU A 233 4.07 10.32 -27.84
N GLU A 234 5.08 9.44 -27.78
CA GLU A 234 5.00 8.13 -28.39
C GLU A 234 5.71 7.11 -27.51
N ASP A 235 5.13 5.91 -27.40
CA ASP A 235 5.79 4.83 -26.68
C ASP A 235 6.96 4.28 -27.47
N GLU A 236 8.05 3.98 -26.76
CA GLU A 236 9.26 3.46 -27.36
C GLU A 236 9.79 2.31 -26.51
N ILE A 237 10.51 1.40 -27.15
CA ILE A 237 11.09 0.28 -26.44
C ILE A 237 12.33 0.72 -25.67
N ASP A 238 12.41 0.32 -24.41
CA ASP A 238 13.56 0.59 -23.56
C ASP A 238 14.55 -0.57 -23.66
N ILE A 239 15.81 -0.27 -23.34
CA ILE A 239 16.85 -1.29 -23.36
C ILE A 239 16.90 -2.09 -22.05
N ASN A 240 16.12 -1.71 -21.04
CA ASN A 240 15.99 -2.47 -19.81
C ASN A 240 14.59 -2.98 -19.53
N THR A 241 13.57 -2.26 -19.97
CA THR A 241 12.18 -2.61 -19.70
C THR A 241 11.43 -2.41 -21.04
N GLY A 242 10.11 -2.35 -21.00
CA GLY A 242 9.33 -2.11 -22.20
C GLY A 242 8.33 -1.00 -22.00
N SER A 243 8.03 -0.32 -23.11
CA SER A 243 6.90 0.61 -23.24
C SER A 243 7.00 1.79 -22.28
N ILE A 244 8.03 2.61 -22.48
CA ILE A 244 8.15 3.89 -21.79
C ILE A 244 7.65 4.98 -22.74
N LYS A 245 7.24 6.10 -22.16
CA LYS A 245 6.65 7.20 -22.91
C LYS A 245 7.67 8.32 -23.04
N VAL A 246 7.92 8.73 -24.28
CA VAL A 246 8.92 9.77 -24.58
C VAL A 246 8.42 10.60 -25.75
N GLU A 247 9.00 11.80 -25.89
CA GLU A 247 8.68 12.67 -27.00
C GLU A 247 9.26 12.11 -28.29
N ARG A 248 8.60 12.40 -29.40
CA ARG A 248 9.07 11.92 -30.70
C ARG A 248 10.32 12.69 -31.11
N THR A 249 11.15 12.04 -31.92
CA THR A 249 12.45 12.60 -32.30
C THR A 249 12.30 13.87 -33.13
N LYS A 250 11.36 13.88 -34.05
CA LYS A 250 11.04 15.09 -34.80
C LYS A 250 9.91 15.83 -34.10
N LYS A 251 9.54 16.98 -34.68
CA LYS A 251 8.46 17.85 -34.22
C LYS A 251 8.65 18.31 -32.78
N SER A 252 8.05 17.60 -31.83
CA SER A 252 8.05 18.04 -30.43
C SER A 252 9.30 17.59 -29.68
N LYS A 253 10.46 17.71 -30.32
CA LYS A 253 11.73 17.76 -29.62
C LYS A 253 12.69 18.73 -30.29
N GLU A 254 12.25 19.44 -31.34
CA GLU A 254 13.11 20.29 -32.14
C GLU A 254 12.74 21.74 -31.94
N TRP A 255 13.74 22.61 -31.98
CA TRP A 255 13.52 24.04 -31.80
C TRP A 255 13.11 24.67 -33.12
N ASN A 256 11.90 25.23 -33.16
CA ASN A 256 11.39 25.90 -34.35
C ASN A 256 11.94 27.32 -34.40
N LYS A 257 11.42 28.14 -35.31
CA LYS A 257 11.93 29.50 -35.49
C LYS A 257 10.77 30.45 -35.75
N GLN A 258 10.40 31.23 -34.75
CA GLN A 258 9.56 32.40 -34.94
C GLN A 258 10.47 33.60 -35.18
N GLY A 259 9.92 34.80 -35.08
CA GLY A 259 10.73 36.00 -35.26
C GLY A 259 11.73 36.24 -34.15
N SER A 260 13.01 35.97 -34.44
CA SER A 260 14.14 36.20 -33.54
C SER A 260 14.00 35.48 -32.21
N CYS A 261 13.45 34.26 -32.25
CA CYS A 261 13.30 33.47 -31.04
C CYS A 261 13.26 31.99 -31.43
N LEU A 262 13.47 31.14 -30.43
CA LEU A 262 13.45 29.69 -30.60
C LEU A 262 12.32 29.11 -29.78
N THR A 263 11.52 28.25 -30.41
CA THR A 263 10.33 27.69 -29.79
C THR A 263 10.27 26.20 -30.07
N ARG A 264 9.76 25.43 -29.10
CA ARG A 264 9.61 23.99 -29.25
C ARG A 264 8.16 23.58 -29.35
N ASN A 265 7.34 23.95 -28.38
CA ASN A 265 5.90 23.69 -28.38
C ASN A 265 5.20 24.99 -28.02
N LYS A 266 3.92 24.91 -27.64
CA LYS A 266 3.15 26.11 -27.35
C LYS A 266 3.57 26.79 -26.04
N ASN A 267 4.43 26.17 -25.24
CA ASN A 267 4.78 26.73 -23.94
C ASN A 267 6.29 26.94 -23.78
N GLU A 268 7.10 26.10 -24.42
CA GLU A 268 8.55 26.12 -24.20
C GLU A 268 9.21 27.10 -25.15
N PHE A 269 10.23 27.80 -24.65
CA PHE A 269 11.02 28.74 -25.44
C PHE A 269 12.50 28.55 -25.11
N CYS A 270 13.35 29.12 -25.94
CA CYS A 270 14.79 28.96 -25.79
C CYS A 270 15.50 30.25 -26.17
N MET A 271 16.76 30.34 -25.73
CA MET A 271 17.59 31.52 -25.97
C MET A 271 18.99 31.11 -26.39
N LYS A 272 19.09 30.14 -27.30
CA LYS A 272 20.40 29.66 -27.74
C LYS A 272 21.16 30.70 -28.55
N GLU A 273 20.46 31.52 -29.32
CA GLU A 273 21.08 32.57 -30.13
C GLU A 273 20.47 33.90 -29.72
N THR A 274 21.09 34.54 -28.73
CA THR A 274 20.63 35.81 -28.18
C THR A 274 21.85 36.69 -27.96
N GLY A 275 21.62 38.00 -27.85
CA GLY A 275 22.73 38.93 -27.64
C GLY A 275 23.42 38.73 -26.32
N ARG A 276 24.65 39.25 -26.26
CA ARG A 276 25.54 38.96 -25.13
C ARG A 276 25.09 39.68 -23.87
N GLU A 277 24.55 40.90 -24.00
CA GLU A 277 23.99 41.59 -22.85
C GLU A 277 22.75 40.88 -22.32
N ASN A 278 21.90 40.40 -23.23
CA ASN A 278 20.72 39.63 -22.85
C ASN A 278 21.11 38.31 -22.20
N LYS A 279 22.17 37.66 -22.72
CA LYS A 279 22.66 36.42 -22.12
C LYS A 279 23.24 36.68 -20.73
N THR A 280 23.92 37.82 -20.55
CA THR A 280 24.46 38.18 -19.24
C THR A 280 23.33 38.45 -18.25
N ILE A 281 22.26 39.11 -18.70
CA ILE A 281 21.09 39.34 -17.85
C ILE A 281 20.43 38.02 -17.47
N TYR A 282 20.33 37.10 -18.44
CA TYR A 282 19.73 35.80 -18.19
C TYR A 282 20.55 34.99 -17.18
N PHE A 283 21.87 35.01 -17.30
CA PHE A 283 22.71 34.26 -16.37
C PHE A 283 22.76 34.91 -14.99
N LYS A 284 22.69 36.25 -14.93
CA LYS A 284 22.62 36.94 -13.65
C LYS A 284 21.31 36.63 -12.92
N GLY A 285 20.21 36.55 -13.66
CA GLY A 285 18.96 36.12 -13.05
C GLY A 285 18.94 34.64 -12.71
N LEU A 286 19.68 33.84 -13.46
CA LEU A 286 19.74 32.40 -13.22
C LEU A 286 20.59 32.06 -12.00
N ALA A 287 21.59 32.88 -11.69
CA ALA A 287 22.46 32.61 -10.56
C ALA A 287 21.75 32.76 -9.21
N VAL A 288 20.60 33.44 -9.18
CA VAL A 288 19.82 33.53 -7.95
C VAL A 288 19.25 32.17 -7.58
N MET A 289 18.77 31.41 -8.57
CA MET A 289 18.18 30.11 -8.35
C MET A 289 19.20 28.98 -8.26
N ASN A 290 20.49 29.32 -8.19
CA ASN A 290 21.60 28.36 -8.07
C ASN A 290 21.63 27.38 -9.25
N ILE A 291 21.64 27.95 -10.45
CA ILE A 291 21.70 27.16 -11.67
C ILE A 291 22.95 27.52 -12.47
N HIS A 338 25.65 25.62 12.26
CA HIS A 338 24.25 25.67 11.89
C HIS A 338 23.87 27.04 11.35
N MET A 339 22.83 27.08 10.50
CA MET A 339 22.37 28.33 9.92
C MET A 339 20.85 28.39 9.89
N LYS A 340 20.19 27.66 10.79
CA LYS A 340 18.74 27.61 10.83
C LYS A 340 18.20 28.73 11.72
N LYS A 341 17.22 29.46 11.21
CA LYS A 341 16.58 30.56 11.92
C LYS A 341 15.16 30.11 12.28
N LEU A 342 15.02 29.45 13.42
CA LEU A 342 13.76 28.93 13.89
C LEU A 342 13.14 29.92 14.87
N ILE A 343 11.87 30.24 14.68
CA ILE A 343 11.22 31.19 15.55
C ILE A 343 10.60 30.45 16.74
N ARG A 344 10.45 31.16 17.85
CA ARG A 344 10.08 30.55 19.11
C ARG A 344 8.59 30.26 19.17
N HIS A 345 8.22 29.38 20.10
CA HIS A 345 6.82 29.02 20.26
C HIS A 345 6.02 30.13 20.92
N ASP A 346 6.67 30.99 21.70
CA ASP A 346 6.00 32.05 22.45
C ASP A 346 6.21 33.41 21.80
N ASN A 347 6.37 33.45 20.49
CA ASN A 347 6.54 34.69 19.76
C ASN A 347 5.18 35.36 19.58
N GLU A 348 4.97 36.49 20.26
CA GLU A 348 3.72 37.23 20.12
C GLU A 348 3.65 38.03 18.83
N ASP A 349 4.79 38.28 18.19
CA ASP A 349 4.78 39.04 16.94
C ASP A 349 4.29 38.19 15.79
N SER A 350 4.66 36.91 15.78
CA SER A 350 4.27 36.02 14.68
C SER A 350 2.77 35.74 14.69
N LEU A 351 2.18 35.58 15.88
CA LEU A 351 0.74 35.39 15.98
C LEU A 351 -0.01 36.64 15.52
N SER A 352 0.52 37.83 15.86
CA SER A 352 -0.09 39.08 15.42
C SER A 352 0.01 39.25 13.91
N TRP A 353 1.12 38.82 13.32
CA TRP A 353 1.26 38.93 11.86
C TRP A 353 0.36 37.92 11.15
N CYS A 354 0.24 36.71 11.70
CA CYS A 354 -0.68 35.71 11.14
C CYS A 354 -2.13 36.15 11.26
N GLU A 355 -2.46 36.88 12.33
CA GLU A 355 -3.81 37.44 12.49
C GLU A 355 -4.07 38.65 11.62
N ARG A 356 -3.22 38.92 10.63
CA ARG A 356 -3.51 39.81 9.52
C ARG A 356 -3.35 39.10 8.18
N ILE A 357 -2.38 38.18 8.10
CA ILE A 357 -2.14 37.43 6.87
C ILE A 357 -3.31 36.52 6.53
N LYS A 358 -3.85 35.82 7.54
CA LYS A 358 -4.90 34.85 7.25
C LYS A 358 -6.26 35.50 7.02
N ASP A 359 -6.42 36.80 7.31
CA ASP A 359 -7.65 37.46 6.91
C ASP A 359 -7.46 38.32 5.67
N SER A 360 -6.22 38.64 5.30
CA SER A 360 -5.99 39.14 3.95
C SER A 360 -6.18 38.04 2.92
N LEU A 361 -5.88 36.79 3.28
CA LEU A 361 -6.15 35.66 2.39
C LEU A 361 -7.65 35.52 2.10
N PHE A 362 -8.48 35.71 3.12
CA PHE A 362 -9.93 35.62 2.93
C PHE A 362 -10.46 36.75 2.07
N VAL A 363 -9.84 37.93 2.13
CA VAL A 363 -10.18 39.01 1.22
C VAL A 363 -9.80 38.65 -0.21
N LEU A 364 -8.63 38.04 -0.38
CA LEU A 364 -8.19 37.63 -1.71
C LEU A 364 -9.03 36.49 -2.28
N HIS A 365 -9.62 35.65 -1.42
CA HIS A 365 -10.46 34.54 -1.84
C HIS A 365 -11.91 34.94 -2.03
N ASN A 366 -12.19 36.22 -2.26
CA ASN A 366 -13.55 36.72 -2.27
C ASN A 366 -13.85 37.63 -3.47
N GLY A 367 -12.97 37.68 -4.47
CA GLY A 367 -13.20 38.56 -5.59
C GLY A 367 -13.11 37.89 -6.94
N ASP A 368 -13.04 36.56 -6.95
CA ASP A 368 -12.94 35.80 -8.18
C ASP A 368 -14.28 35.77 -8.90
N ILE A 369 -14.22 35.86 -10.23
CA ILE A 369 -15.42 35.98 -11.05
C ILE A 369 -15.65 34.76 -11.94
N ARG A 370 -14.77 33.77 -11.90
CA ARG A 370 -14.93 32.59 -12.74
C ARG A 370 -16.09 31.73 -12.23
N GLU A 371 -16.82 31.13 -13.17
CA GLU A 371 -18.04 30.41 -12.84
C GLU A 371 -18.05 28.96 -13.29
N GLU A 372 -17.25 28.57 -14.27
CA GLU A 372 -17.27 27.21 -14.79
C GLU A 372 -15.86 26.67 -14.91
N GLY A 373 -15.72 25.36 -14.77
CA GLY A 373 -14.41 24.75 -14.84
C GLY A 373 -14.54 23.24 -14.72
N LYS A 374 -13.37 22.59 -14.68
CA LYS A 374 -13.33 21.13 -14.63
C LYS A 374 -13.72 20.59 -13.26
N ILE A 375 -13.04 21.06 -12.22
CA ILE A 375 -13.30 20.59 -10.86
C ILE A 375 -14.68 21.06 -10.38
N THR A 376 -15.09 22.25 -10.81
CA THR A 376 -16.41 22.78 -10.46
C THR A 376 -17.52 21.91 -11.02
N SER A 377 -17.34 21.38 -12.23
CA SER A 377 -18.37 20.57 -12.88
C SER A 377 -18.56 19.23 -12.16
N VAL A 378 -17.46 18.54 -11.86
CA VAL A 378 -17.56 17.25 -11.19
C VAL A 378 -18.05 17.41 -9.76
N TYR A 379 -17.63 18.46 -9.05
CA TYR A 379 -18.12 18.64 -7.69
C TYR A 379 -19.57 19.11 -7.65
N ASN A 380 -20.01 19.88 -8.65
CA ASN A 380 -21.40 20.29 -8.72
C ASN A 380 -22.31 19.22 -9.31
N ASN A 381 -21.74 18.16 -9.89
CA ASN A 381 -22.58 17.02 -10.27
C ASN A 381 -23.17 16.35 -9.03
N TYR A 382 -22.41 16.28 -7.95
CA TYR A 382 -22.85 15.60 -6.74
C TYR A 382 -23.38 16.56 -5.67
N ALA A 383 -22.71 17.69 -5.46
CA ALA A 383 -23.04 18.55 -4.34
C ALA A 383 -24.17 19.53 -4.63
N LYS A 384 -24.32 19.97 -5.89
CA LYS A 384 -25.39 20.92 -6.20
C LYS A 384 -26.75 20.24 -6.19
N ASN A 385 -26.81 18.96 -6.56
CA ASN A 385 -28.03 18.17 -6.48
C ASN A 385 -27.72 16.85 -5.79
N PRO A 386 -27.70 16.84 -4.46
CA PRO A 386 -27.44 15.59 -3.73
C PRO A 386 -28.67 14.73 -3.52
N GLU A 387 -29.82 15.11 -4.09
CA GLU A 387 -31.02 14.31 -3.95
C GLU A 387 -30.97 13.03 -4.78
N CYS A 388 -30.11 12.98 -5.80
CA CYS A 388 -30.02 11.80 -6.63
C CYS A 388 -29.29 10.65 -5.93
N LEU A 389 -28.41 10.97 -4.99
CA LEU A 389 -27.64 9.93 -4.30
C LEU A 389 -28.49 9.20 -3.27
N TYR A 390 -29.51 9.84 -2.73
CA TYR A 390 -30.34 9.26 -1.68
C TYR A 390 -31.69 8.89 -2.25
N ILE A 391 -32.09 7.62 -2.08
CA ILE A 391 -33.36 7.17 -2.62
C ILE A 391 -34.53 7.80 -1.86
N GLN A 392 -34.47 7.77 -0.53
CA GLN A 392 -35.48 8.43 0.29
C GLN A 392 -34.99 9.79 0.76
N ASP A 393 -34.78 10.67 -0.23
CA ASP A 393 -34.24 12.00 0.02
C ASP A 393 -35.28 13.01 0.47
N SER A 394 -36.56 12.63 0.53
CA SER A 394 -37.61 13.56 0.91
C SER A 394 -37.61 13.89 2.40
N VAL A 395 -36.90 13.10 3.21
CA VAL A 395 -36.82 13.37 4.65
C VAL A 395 -35.54 14.10 5.04
N LEU A 396 -34.57 14.20 4.13
CA LEU A 396 -33.32 14.91 4.39
C LEU A 396 -33.41 16.36 3.89
N LYS A 397 -34.43 17.08 4.34
CA LYS A 397 -34.63 18.44 3.87
C LYS A 397 -33.65 19.42 4.49
N THR A 398 -33.05 19.06 5.62
CA THR A 398 -32.06 19.90 6.28
C THR A 398 -30.64 19.53 5.90
N GLU A 399 -30.36 18.22 5.84
CA GLU A 399 -29.00 17.75 5.59
C GLU A 399 -28.55 18.06 4.16
N LEU A 400 -29.41 17.79 3.18
CA LEU A 400 -29.08 18.08 1.79
C LEU A 400 -29.02 19.58 1.54
N GLU A 401 -29.86 20.36 2.23
CA GLU A 401 -29.79 21.81 2.13
C GLU A 401 -28.47 22.34 2.69
N THR A 402 -27.99 21.76 3.79
CA THR A 402 -26.70 22.15 4.35
C THR A 402 -25.56 21.79 3.40
N CYS A 403 -25.66 20.63 2.74
CA CYS A 403 -24.66 20.27 1.73
C CYS A 403 -24.67 21.24 0.55
N LYS A 404 -25.86 21.66 0.11
CA LYS A 404 -25.97 22.63 -0.98
C LYS A 404 -25.40 23.99 -0.57
N LYS A 405 -25.62 24.38 0.69
CA LYS A 405 -25.06 25.64 1.18
C LYS A 405 -23.53 25.58 1.26
N ILE A 406 -22.98 24.45 1.68
CA ILE A 406 -21.52 24.28 1.70
C ILE A 406 -20.97 24.32 0.27
N ASN A 407 -21.70 23.74 -0.68
CA ASN A 407 -21.28 23.83 -2.09
C ASN A 407 -21.32 25.26 -2.60
N LYS A 408 -22.34 26.04 -2.19
CA LYS A 408 -22.41 27.44 -2.61
C LYS A 408 -21.27 28.26 -2.00
N LEU A 409 -20.92 27.96 -0.75
CA LEU A 409 -19.77 28.63 -0.14
C LEU A 409 -18.46 28.24 -0.80
N CYS A 410 -18.34 27.00 -1.25
CA CYS A 410 -17.16 26.58 -2.01
C CYS A 410 -17.10 27.27 -3.36
N ASN A 411 -18.26 27.50 -3.98
CA ASN A 411 -18.29 28.19 -5.27
C ASN A 411 -17.96 29.67 -5.11
N ASP A 412 -18.50 30.32 -4.08
CA ASP A 412 -18.33 31.76 -3.93
C ASP A 412 -16.95 32.14 -3.41
N LEU A 413 -16.31 31.27 -2.64
CA LEU A 413 -14.97 31.53 -2.12
C LEU A 413 -13.87 31.01 -3.03
N ALA A 414 -14.23 30.53 -4.23
CA ALA A 414 -13.31 30.06 -5.27
C ALA A 414 -12.42 28.93 -4.76
N ILE A 415 -12.99 28.02 -3.98
CA ILE A 415 -12.25 26.85 -3.51
C ILE A 415 -11.95 25.90 -4.67
N TYR A 416 -12.98 25.62 -5.48
CA TYR A 416 -12.83 24.73 -6.63
C TYR A 416 -11.86 25.29 -7.65
N HIS A 417 -11.95 26.60 -7.92
CA HIS A 417 -11.12 27.21 -8.93
C HIS A 417 -9.66 27.29 -8.49
N TYR A 418 -9.43 27.62 -7.21
CA TYR A 418 -8.08 27.62 -6.67
C TYR A 418 -7.46 26.23 -6.70
N SER A 419 -8.24 25.21 -6.32
CA SER A 419 -7.76 23.84 -6.35
C SER A 419 -7.44 23.37 -7.76
N GLU A 420 -8.30 23.76 -8.73
CA GLU A 420 -8.06 23.44 -10.13
C GLU A 420 -6.80 24.09 -10.65
N ASP A 421 -6.57 25.36 -10.28
CA ASP A 421 -5.38 26.06 -10.71
C ASP A 421 -4.12 25.42 -10.14
N MET A 422 -4.16 24.99 -8.88
CA MET A 422 -3.02 24.29 -8.30
C MET A 422 -2.77 22.96 -9.00
N MET A 423 -3.84 22.24 -9.36
CA MET A 423 -3.69 20.95 -10.01
C MET A 423 -3.05 21.08 -11.40
N GLN A 424 -3.56 22.01 -12.23
CA GLN A 424 -2.98 22.15 -13.55
C GLN A 424 -1.59 22.81 -13.51
N PHE A 425 -1.31 23.63 -12.50
CA PHE A 425 0.04 24.18 -12.43
C PHE A 425 1.04 23.12 -11.97
N SER A 426 0.61 22.19 -11.11
CA SER A 426 1.49 21.06 -10.77
C SER A 426 1.70 20.15 -11.97
N LYS A 427 0.64 19.95 -12.78
CA LYS A 427 0.76 19.24 -14.05
C LYS A 427 1.85 19.84 -14.94
N GLY A 428 1.70 21.12 -15.26
CA GLY A 428 2.69 21.82 -16.07
C GLY A 428 4.06 21.90 -15.44
N LEU A 429 4.14 21.90 -14.12
CA LEU A 429 5.44 21.97 -13.45
C LEU A 429 6.20 20.67 -13.54
N MET A 430 5.54 19.51 -13.36
CA MET A 430 6.34 18.29 -13.51
C MET A 430 6.55 17.94 -14.97
N VAL A 431 5.68 18.40 -15.87
CA VAL A 431 5.98 18.27 -17.29
C VAL A 431 7.20 19.13 -17.64
N ALA A 432 7.32 20.29 -17.01
CA ALA A 432 8.53 21.11 -17.13
C ALA A 432 9.72 20.54 -16.38
N ASP A 433 9.50 19.65 -15.42
CA ASP A 433 10.61 19.17 -14.59
C ASP A 433 11.51 18.19 -15.32
N ARG A 434 10.96 17.43 -16.26
CA ARG A 434 11.70 16.36 -16.91
C ARG A 434 12.38 16.77 -18.21
N TYR A 435 11.85 17.77 -18.91
CA TYR A 435 12.31 18.09 -20.25
C TYR A 435 13.09 19.40 -20.35
N MET A 436 13.08 20.24 -19.31
CA MET A 436 13.71 21.54 -19.41
C MET A 436 15.23 21.44 -19.33
N THR A 437 15.89 22.29 -20.10
CA THR A 437 17.34 22.45 -20.08
C THR A 437 17.69 23.76 -19.40
N LYS A 438 18.99 24.03 -19.30
CA LYS A 438 19.47 25.26 -18.67
C LYS A 438 19.11 26.49 -19.50
N GLU A 439 19.14 26.37 -20.83
CA GLU A 439 18.88 27.48 -21.73
C GLU A 439 17.44 27.49 -22.25
N SER A 440 16.48 27.05 -21.44
CA SER A 440 15.10 27.00 -21.88
C SER A 440 14.17 27.23 -20.69
N PHE A 441 12.97 27.72 -20.98
CA PHE A 441 11.96 27.92 -19.96
C PHE A 441 10.59 27.50 -20.51
N LYS A 442 9.65 27.31 -19.59
CA LYS A 442 8.38 26.60 -19.83
C LYS A 442 7.24 27.41 -19.23
N ILE A 443 6.99 28.61 -19.79
CA ILE A 443 5.89 29.47 -19.36
C ILE A 443 4.56 28.72 -19.28
N LEU A 444 4.01 28.61 -18.08
CA LEU A 444 2.77 27.88 -17.85
C LEU A 444 1.59 28.83 -17.83
N THR A 445 0.46 28.35 -18.34
CA THR A 445 -0.79 29.09 -18.27
C THR A 445 -1.90 28.06 -18.07
N THR A 446 -2.99 28.48 -17.45
CA THR A 446 -4.08 27.60 -17.04
C THR A 446 -5.38 28.31 -17.43
N ALA A 447 -6.48 27.89 -16.81
CA ALA A 447 -7.79 28.55 -16.90
C ALA A 447 -7.85 29.90 -16.13
N ASN A 448 -6.69 30.41 -15.73
CA ASN A 448 -6.53 31.63 -14.96
C ASN A 448 -6.83 32.86 -15.82
N THR A 449 -6.60 34.03 -15.22
CA THR A 449 -6.65 35.27 -15.97
C THR A 449 -5.37 36.07 -15.69
N SER A 450 -4.89 36.02 -14.46
CA SER A 450 -3.75 36.82 -14.02
C SER A 450 -2.73 35.96 -13.29
N MET A 451 -2.35 34.84 -13.89
CA MET A 451 -1.39 33.94 -13.28
C MET A 451 -0.54 33.26 -14.34
N MET A 452 0.78 33.37 -14.20
CA MET A 452 1.74 32.61 -14.97
C MET A 452 2.81 32.07 -14.05
N LEU A 453 3.62 31.16 -14.60
CA LEU A 453 4.78 30.61 -13.91
C LEU A 453 5.89 30.40 -14.93
N LEU A 454 7.09 30.84 -14.60
CA LEU A 454 8.25 30.72 -15.48
C LEU A 454 9.14 29.60 -14.95
N ALA A 455 8.83 28.38 -15.37
CA ALA A 455 9.57 27.22 -14.92
C ALA A 455 10.94 27.16 -15.60
N PHE A 456 11.93 26.65 -14.86
CA PHE A 456 13.30 26.55 -15.37
C PHE A 456 13.82 25.13 -15.24
N LYS A 457 15.13 24.95 -15.41
CA LYS A 457 15.73 23.62 -15.44
C LYS A 457 15.60 22.92 -14.10
N GLY A 458 14.87 21.81 -14.09
CA GLY A 458 14.71 20.98 -12.92
C GLY A 458 15.64 19.78 -12.95
N ASP A 459 15.30 18.77 -12.14
CA ASP A 459 16.10 17.56 -12.07
C ASP A 459 15.48 16.47 -12.93
N GLY A 460 15.69 16.60 -14.24
CA GLY A 460 15.35 15.52 -15.15
C GLY A 460 16.26 14.33 -14.94
N MET A 461 15.71 13.14 -15.18
CA MET A 461 16.31 11.85 -14.82
C MET A 461 16.64 11.83 -13.32
N ASN A 462 15.55 11.81 -12.55
CA ASN A 462 15.51 12.17 -11.13
C ASN A 462 16.50 11.34 -10.32
N THR A 463 17.46 12.05 -9.72
CA THR A 463 18.45 11.50 -8.80
C THR A 463 18.39 12.24 -7.48
N GLY A 464 17.17 12.40 -6.97
CA GLY A 464 16.93 13.21 -5.78
C GLY A 464 16.78 14.67 -6.13
N GLY A 465 17.90 15.34 -6.42
CA GLY A 465 17.92 16.72 -6.85
C GLY A 465 17.42 17.68 -5.78
N SER A 466 16.90 18.80 -6.23
CA SER A 466 16.29 19.79 -5.35
C SER A 466 14.88 20.17 -5.77
N GLY A 467 14.61 20.24 -7.06
CA GLY A 467 13.29 20.58 -7.55
C GLY A 467 13.39 21.34 -8.85
N VAL A 468 12.28 21.97 -9.23
CA VAL A 468 12.19 22.77 -10.44
C VAL A 468 11.98 24.23 -10.06
N PRO A 469 12.88 25.13 -10.45
CA PRO A 469 12.68 26.55 -10.17
C PRO A 469 11.53 27.14 -10.98
N TYR A 470 10.86 28.12 -10.39
CA TYR A 470 9.71 28.78 -11.01
C TYR A 470 9.50 30.15 -10.38
N ILE A 471 9.19 31.12 -11.23
CA ILE A 471 8.85 32.47 -10.80
C ILE A 471 7.45 32.77 -11.28
N ALA A 472 6.55 33.10 -10.36
CA ALA A 472 5.16 33.36 -10.72
C ALA A 472 4.90 34.86 -10.80
N LEU A 473 4.02 35.23 -11.72
CA LEU A 473 3.63 36.61 -11.93
C LEU A 473 2.15 36.76 -11.65
N HIS A 474 1.76 37.90 -11.07
CA HIS A 474 0.37 38.16 -10.71
C HIS A 474 -0.02 39.57 -11.12
N ILE A 475 -1.25 39.73 -11.61
CA ILE A 475 -1.83 41.05 -11.87
C ILE A 475 -2.96 41.24 -10.87
N VAL A 476 -2.79 42.21 -9.96
CA VAL A 476 -3.79 42.55 -8.97
C VAL A 476 -4.16 44.01 -9.16
N ASP A 477 -5.44 44.32 -8.97
CA ASP A 477 -5.93 45.67 -9.19
C ASP A 477 -5.60 46.57 -8.00
N GLU A 478 -6.04 47.83 -8.07
CA GLU A 478 -5.72 48.80 -7.03
C GLU A 478 -6.52 48.59 -5.76
N ASP A 479 -7.72 48.00 -5.86
CA ASP A 479 -8.55 47.83 -4.67
C ASP A 479 -7.96 46.78 -3.73
N MET A 480 -7.59 45.62 -4.26
CA MET A 480 -6.96 44.58 -3.46
C MET A 480 -5.44 44.64 -3.56
N SER A 481 -4.87 45.82 -3.34
CA SER A 481 -3.42 45.99 -3.42
C SER A 481 -2.75 45.90 -2.06
N ASP A 482 -3.35 46.48 -1.03
CA ASP A 482 -2.76 46.43 0.31
C ASP A 482 -2.85 45.02 0.89
N GLN A 483 -3.97 44.33 0.65
CA GLN A 483 -4.16 42.98 1.19
C GLN A 483 -3.23 41.98 0.53
N PHE A 484 -2.90 42.18 -0.74
CA PHE A 484 -1.91 41.34 -1.40
C PHE A 484 -0.53 41.53 -0.79
N ASN A 485 -0.19 42.77 -0.43
CA ASN A 485 1.09 43.02 0.22
C ASN A 485 1.13 42.44 1.63
N ILE A 486 0.01 42.52 2.35
CA ILE A 486 -0.03 42.02 3.72
C ILE A 486 0.03 40.49 3.75
N CYS A 487 -0.74 39.83 2.86
CA CYS A 487 -0.82 38.38 2.87
C CYS A 487 0.50 37.73 2.46
N TYR A 488 0.97 38.01 1.26
CA TYR A 488 2.21 37.40 0.77
C TYR A 488 3.40 38.30 1.04
N THR A 489 3.58 38.73 2.29
CA THR A 489 4.61 39.71 2.61
C THR A 489 6.01 39.14 2.55
N LYS A 490 6.17 37.83 2.63
CA LYS A 490 7.49 37.21 2.63
C LYS A 490 8.03 36.99 1.22
N GLU A 491 7.16 36.66 0.28
CA GLU A 491 7.55 36.18 -1.04
C GLU A 491 7.39 37.18 -2.16
N ILE A 492 6.72 38.30 -1.94
CA ILE A 492 6.66 39.36 -2.96
C ILE A 492 8.06 39.94 -3.10
N TYR A 493 8.57 39.95 -4.33
CA TYR A 493 9.97 40.26 -4.58
C TYR A 493 10.14 41.59 -5.32
N SER A 494 9.23 41.92 -6.23
CA SER A 494 9.15 43.26 -6.82
C SER A 494 7.71 43.52 -7.24
N TYR A 495 7.37 44.80 -7.37
CA TYR A 495 6.06 45.17 -7.90
C TYR A 495 6.13 46.57 -8.49
N PHE A 496 5.26 46.81 -9.48
CA PHE A 496 5.10 48.12 -10.08
C PHE A 496 3.65 48.26 -10.54
N ARG A 497 3.31 49.47 -10.97
CA ARG A 497 1.94 49.82 -11.31
C ARG A 497 1.82 50.08 -12.81
N ASN A 498 0.85 49.43 -13.45
CA ASN A 498 0.55 49.68 -14.86
C ASN A 498 -0.97 49.75 -15.01
N GLY A 499 -1.47 50.93 -15.39
CA GLY A 499 -2.90 51.13 -15.46
C GLY A 499 -3.51 51.14 -14.08
N SER A 500 -4.72 50.60 -13.97
CA SER A 500 -5.34 50.36 -12.67
C SER A 500 -5.04 48.95 -12.18
N ASN A 501 -3.76 48.59 -12.19
CA ASN A 501 -3.32 47.24 -11.86
C ASN A 501 -1.91 47.30 -11.30
N TYR A 502 -1.54 46.25 -10.58
CA TYR A 502 -0.18 46.07 -10.08
C TYR A 502 0.36 44.74 -10.59
N ILE A 503 1.60 44.75 -11.05
CA ILE A 503 2.25 43.54 -11.57
C ILE A 503 3.25 43.07 -10.54
N TYR A 504 3.00 41.89 -9.97
CA TYR A 504 3.79 41.35 -8.87
C TYR A 504 4.69 40.23 -9.37
N ILE A 505 5.97 40.30 -9.02
CA ILE A 505 6.92 39.23 -9.28
C ILE A 505 7.27 38.60 -7.93
N MET A 506 7.00 37.31 -7.80
CA MET A 506 7.22 36.62 -6.53
C MET A 506 8.56 35.90 -6.53
N ARG A 507 8.94 35.40 -5.35
CA ARG A 507 10.26 34.81 -5.20
C ARG A 507 10.31 33.41 -5.82
N PRO A 508 11.46 33.00 -6.35
CA PRO A 508 11.56 31.65 -6.90
C PRO A 508 11.76 30.60 -5.81
N GLN A 509 11.03 29.49 -5.97
CA GLN A 509 11.15 28.33 -5.10
C GLN A 509 11.38 27.10 -5.97
N ARG A 510 11.40 25.93 -5.33
CA ARG A 510 11.60 24.69 -6.06
C ARG A 510 10.81 23.57 -5.40
N LEU A 511 10.39 22.60 -6.21
CA LEU A 511 9.48 21.56 -5.77
C LEU A 511 9.92 20.21 -6.34
N ASN A 512 10.05 19.23 -5.46
CA ASN A 512 10.35 17.87 -5.88
C ASN A 512 9.11 17.23 -6.49
N GLN A 513 9.30 16.03 -7.07
CA GLN A 513 8.20 15.33 -7.71
C GLN A 513 7.16 14.85 -6.69
N VAL A 514 7.59 14.49 -5.48
CA VAL A 514 6.65 14.11 -4.43
C VAL A 514 5.83 15.31 -3.98
N ARG A 515 6.47 16.49 -3.90
CA ARG A 515 5.74 17.69 -3.54
C ARG A 515 4.79 18.13 -4.63
N LEU A 516 5.17 17.93 -5.90
CA LEU A 516 4.24 18.17 -7.00
C LEU A 516 3.09 17.18 -7.01
N LEU A 517 3.34 15.94 -6.56
CA LEU A 517 2.26 14.96 -6.46
C LEU A 517 1.31 15.32 -5.33
N SER A 518 1.82 15.88 -4.23
CA SER A 518 0.94 16.34 -3.16
C SER A 518 0.19 17.61 -3.56
N LEU A 519 0.81 18.44 -4.41
CA LEU A 519 0.11 19.57 -5.00
C LEU A 519 -0.98 19.13 -5.97
N PHE A 520 -0.79 17.96 -6.61
CA PHE A 520 -1.75 17.44 -7.58
C PHE A 520 -3.09 17.12 -6.95
N LYS A 521 -3.09 16.55 -5.75
CA LYS A 521 -4.31 16.09 -5.10
C LYS A 521 -5.03 17.20 -4.34
N THR A 522 -4.71 18.46 -4.64
CA THR A 522 -5.42 19.61 -4.08
C THR A 522 -6.94 19.60 -4.33
N PRO A 523 -7.48 19.29 -5.54
CA PRO A 523 -8.95 19.27 -5.67
C PRO A 523 -9.63 18.12 -4.95
N SER A 524 -8.90 17.08 -4.56
CA SER A 524 -9.47 16.03 -3.75
C SER A 524 -9.39 16.33 -2.26
N LYS A 525 -8.40 17.12 -1.84
CA LYS A 525 -8.11 17.32 -0.43
C LYS A 525 -8.69 18.60 0.16
N VAL A 526 -8.73 19.69 -0.61
CA VAL A 526 -9.20 20.97 -0.07
C VAL A 526 -10.72 21.05 0.07
N PRO A 527 -11.57 20.68 -0.92
CA PRO A 527 -13.02 20.79 -0.68
C PRO A 527 -13.57 19.86 0.39
N VAL A 528 -13.00 18.66 0.57
CA VAL A 528 -13.48 17.81 1.66
C VAL A 528 -13.04 18.37 3.02
N CYS A 529 -11.88 19.05 3.06
CA CYS A 529 -11.47 19.75 4.27
C CYS A 529 -12.44 20.88 4.59
N PHE A 530 -12.82 21.65 3.57
CA PHE A 530 -13.77 22.75 3.76
C PHE A 530 -15.12 22.22 4.22
N ALA A 531 -15.58 21.10 3.64
CA ALA A 531 -16.88 20.53 4.00
C ALA A 531 -16.88 20.00 5.43
N GLN A 532 -15.84 19.24 5.81
CA GLN A 532 -15.79 18.69 7.16
C GLN A 532 -15.62 19.80 8.21
N PHE A 533 -14.74 20.77 7.94
CA PHE A 533 -14.51 21.83 8.92
C PHE A 533 -15.70 22.79 8.99
N SER A 534 -16.47 22.91 7.90
CA SER A 534 -17.68 23.72 7.95
C SER A 534 -18.82 23.00 8.66
N LYS A 535 -18.88 21.68 8.55
CA LYS A 535 -19.91 20.94 9.29
C LYS A 535 -19.59 20.91 10.78
N LYS A 536 -18.33 20.62 11.14
CA LYS A 536 -18.01 20.41 12.54
C LYS A 536 -17.91 21.71 13.33
N ALA A 537 -17.72 22.86 12.68
CA ALA A 537 -17.78 24.13 13.37
C ALA A 537 -19.22 24.48 13.68
N ASN A 538 -19.56 24.60 14.96
CA ASN A 538 -20.95 24.77 15.34
C ASN A 538 -21.46 26.17 15.05
N GLU A 539 -20.59 27.18 15.06
CA GLU A 539 -21.02 28.53 14.68
C GLU A 539 -21.35 28.59 13.19
N MET A 540 -20.51 27.98 12.35
CA MET A 540 -20.73 27.96 10.91
C MET A 540 -22.00 27.18 10.57
N GLU A 541 -22.17 26.00 11.15
CA GLU A 541 -23.38 25.19 10.90
C GLU A 541 -24.62 25.87 11.46
N LYS A 542 -24.50 26.49 12.62
CA LYS A 542 -25.63 27.19 13.23
C LYS A 542 -26.07 28.38 12.38
N TRP A 543 -25.11 29.13 11.83
CA TRP A 543 -25.47 30.23 10.94
C TRP A 543 -26.03 29.71 9.62
N LEU A 544 -25.53 28.57 9.12
CA LEU A 544 -26.04 28.02 7.87
C LEU A 544 -27.46 27.49 8.01
N LYS A 545 -27.85 27.06 9.22
CA LYS A 545 -29.16 26.43 9.37
C LYS A 545 -30.32 27.43 9.32
N ASN A 546 -30.13 28.68 9.75
CA ASN A 546 -31.24 29.63 9.66
C ASN A 546 -31.43 30.21 8.26
N LYS A 547 -30.35 30.52 7.55
CA LYS A 547 -30.46 31.24 6.30
C LYS A 547 -30.94 30.31 5.19
N ASP A 548 -31.28 30.91 4.04
CA ASP A 548 -31.70 30.18 2.85
C ASP A 548 -30.55 30.15 1.86
N ILE A 549 -30.75 29.36 0.80
CA ILE A 549 -29.70 29.19 -0.21
C ILE A 549 -29.49 30.47 -1.03
N GLU A 550 -30.49 31.34 -1.12
CA GLU A 550 -30.31 32.60 -1.84
C GLU A 550 -29.72 33.70 -0.98
N LYS A 551 -29.58 33.48 0.33
CA LYS A 551 -29.10 34.51 1.24
C LYS A 551 -27.81 34.13 1.95
N VAL A 552 -27.10 33.10 1.50
CA VAL A 552 -25.82 32.73 2.07
C VAL A 552 -24.75 33.53 1.32
N ASN A 553 -24.10 34.45 2.03
CA ASN A 553 -23.02 35.24 1.47
C ASN A 553 -22.17 35.78 2.62
N VAL A 554 -21.04 36.38 2.26
CA VAL A 554 -20.15 36.97 3.26
C VAL A 554 -20.75 38.25 3.83
N PHE A 555 -21.65 38.89 3.08
CA PHE A 555 -22.21 40.19 3.46
C PHE A 555 -23.08 40.06 4.70
N SER A 556 -24.00 39.11 4.72
CA SER A 556 -24.96 38.98 5.82
C SER A 556 -24.43 38.03 6.90
N MET A 557 -23.22 38.33 7.36
CA MET A 557 -22.52 37.50 8.33
C MET A 557 -22.14 38.31 9.55
N THR A 558 -22.24 37.70 10.73
CA THR A 558 -21.71 38.32 11.94
C THR A 558 -20.19 38.21 11.95
N MET A 559 -19.57 38.95 12.89
CA MET A 559 -18.10 38.99 12.93
C MET A 559 -17.53 37.67 13.42
N THR A 560 -18.21 37.00 14.35
CA THR A 560 -17.71 35.73 14.89
C THR A 560 -17.76 34.63 13.84
N VAL A 561 -18.89 34.54 13.11
CA VAL A 561 -19.03 33.53 12.07
C VAL A 561 -18.07 33.81 10.91
N LYS A 562 -17.86 35.09 10.61
CA LYS A 562 -16.87 35.45 9.59
C LYS A 562 -15.46 35.07 10.02
N GLN A 563 -15.13 35.25 11.29
CA GLN A 563 -13.81 34.87 11.78
C GLN A 563 -13.61 33.35 11.75
N ILE A 564 -14.67 32.60 12.09
CA ILE A 564 -14.60 31.15 12.00
C ILE A 564 -14.44 30.70 10.54
N LEU A 565 -15.12 31.38 9.61
CA LEU A 565 -14.96 31.07 8.19
C LEU A 565 -13.56 31.41 7.70
N ILE A 566 -12.98 32.50 8.21
CA ILE A 566 -11.60 32.87 7.87
C ILE A 566 -10.64 31.79 8.32
N ASN A 567 -10.82 31.30 9.55
CA ASN A 567 -9.97 30.23 10.08
C ASN A 567 -10.15 28.94 9.30
N ILE A 568 -11.39 28.64 8.90
CA ILE A 568 -11.68 27.41 8.14
C ILE A 568 -11.03 27.46 6.77
N VAL A 569 -11.12 28.60 6.09
CA VAL A 569 -10.51 28.77 4.76
C VAL A 569 -8.99 28.67 4.86
N PHE A 570 -8.40 29.34 5.85
CA PHE A 570 -6.94 29.32 6.02
C PHE A 570 -6.44 27.92 6.36
N SER A 571 -7.15 27.21 7.25
CA SER A 571 -6.72 25.86 7.62
C SER A 571 -6.90 24.88 6.48
N SER A 572 -7.99 25.00 5.71
CA SER A 572 -8.20 24.12 4.57
C SER A 572 -7.14 24.33 3.50
N VAL A 573 -6.78 25.59 3.25
CA VAL A 573 -5.71 25.89 2.28
C VAL A 573 -4.37 25.36 2.79
N MET A 574 -4.06 25.55 4.07
CA MET A 574 -2.77 25.12 4.60
C MET A 574 -2.67 23.60 4.78
N ILE A 575 -3.80 22.90 4.90
CA ILE A 575 -3.78 21.46 5.11
C ILE A 575 -3.86 20.70 3.79
N GLY A 576 -4.72 21.17 2.87
CA GLY A 576 -4.94 20.44 1.63
C GLY A 576 -3.72 20.39 0.73
N THR A 577 -2.93 21.46 0.71
CA THR A 577 -1.63 21.45 0.04
C THR A 577 -0.54 21.67 1.09
N VAL A 578 0.18 20.59 1.39
CA VAL A 578 1.30 20.62 2.31
C VAL A 578 2.53 20.13 1.57
N THR A 579 3.58 20.96 1.54
CA THR A 579 4.80 20.64 0.83
C THR A 579 6.05 20.88 1.68
N LYS A 580 5.88 21.18 2.96
CA LYS A 580 6.98 21.44 3.88
C LYS A 580 7.07 20.34 4.92
N LEU A 581 8.30 19.98 5.28
CA LEU A 581 8.48 18.93 6.29
C LEU A 581 8.17 19.43 7.69
N SER A 582 8.32 20.73 7.93
CA SER A 582 8.02 21.29 9.24
C SER A 582 6.53 21.20 9.56
N ARG A 583 5.68 21.43 8.57
CA ARG A 583 4.24 21.31 8.77
C ARG A 583 3.84 19.86 9.03
N MET A 584 4.49 18.92 8.34
CA MET A 584 4.25 17.51 8.64
C MET A 584 4.70 17.14 10.05
N GLY A 585 5.83 17.69 10.50
CA GLY A 585 6.27 17.46 11.86
C GLY A 585 5.29 18.01 12.88
N ILE A 586 4.76 19.20 12.63
CA ILE A 586 3.76 19.81 13.51
C ILE A 586 2.48 18.99 13.52
N PHE A 587 2.09 18.45 12.36
CA PHE A 587 0.82 17.73 12.28
C PHE A 587 0.90 16.29 12.75
N ASP A 588 2.08 15.66 12.73
CA ASP A 588 2.18 14.34 13.36
C ASP A 588 2.74 14.41 14.78
N PHE A 589 3.06 15.61 15.27
CA PHE A 589 3.14 15.84 16.71
C PHE A 589 1.76 15.83 17.35
N MET A 590 0.72 16.08 16.54
CA MET A 590 -0.65 16.32 16.98
C MET A 590 -1.40 15.04 17.33
N ARG A 591 -0.89 13.87 16.94
CA ARG A 591 -1.59 12.61 17.21
C ARG A 591 -1.33 12.07 18.61
N TYR A 592 -0.45 12.70 19.38
CA TYR A 592 -0.20 12.37 20.78
C TYR A 592 -0.63 13.45 21.75
N ALA A 593 -0.63 14.71 21.34
CA ALA A 593 -1.11 15.80 22.20
C ALA A 593 -2.58 16.11 21.94
N GLY A 594 -3.43 15.08 22.02
CA GLY A 594 -4.84 15.27 21.73
C GLY A 594 -5.79 14.42 22.56
N PHE A 595 -5.34 13.94 23.72
CA PHE A 595 -6.16 13.08 24.57
C PHE A 595 -6.72 13.91 25.72
N LEU A 596 -8.02 14.24 25.65
CA LEU A 596 -8.64 14.89 26.79
C LEU A 596 -9.08 13.94 27.91
N PRO A 597 -9.88 12.85 27.68
CA PRO A 597 -10.41 12.15 28.87
C PRO A 597 -9.41 11.14 29.42
N LEU A 598 -8.44 11.65 30.17
CA LEU A 598 -7.23 10.87 30.45
C LEU A 598 -6.88 10.76 31.92
N SER A 599 -5.68 10.27 32.18
CA SER A 599 -5.10 10.05 33.49
C SER A 599 -3.59 10.05 33.28
N ASP A 600 -2.84 9.48 34.24
CA ASP A 600 -1.38 9.41 34.13
C ASP A 600 -0.96 8.65 32.89
N TYR A 601 -0.21 9.32 32.01
CA TYR A 601 0.22 8.74 30.75
C TYR A 601 1.68 8.97 30.41
N SER A 602 2.41 9.81 31.18
CA SER A 602 3.80 10.20 30.92
C SER A 602 3.95 10.78 29.52
N ASN A 603 2.94 11.53 29.10
CA ASN A 603 2.85 12.08 27.75
C ASN A 603 2.51 13.56 27.73
N ILE A 604 1.91 14.08 28.80
CA ILE A 604 1.55 15.50 28.85
C ILE A 604 2.80 16.36 28.98
N LYS A 605 3.75 15.95 29.80
CA LYS A 605 4.93 16.77 30.06
C LYS A 605 6.23 16.19 29.51
N GLU A 606 6.44 14.88 29.65
CA GLU A 606 7.70 14.29 29.23
C GLU A 606 7.81 14.11 27.72
N TYR A 607 6.71 14.28 26.97
CA TYR A 607 6.81 14.23 25.52
C TYR A 607 7.18 15.57 24.93
N ILE A 608 6.67 16.67 25.50
CA ILE A 608 7.01 18.00 25.02
C ILE A 608 8.44 18.38 25.40
N ARG A 609 9.08 17.61 26.26
CA ARG A 609 10.52 17.70 26.51
C ARG A 609 11.27 16.99 25.37
N ASP A 610 12.53 16.64 25.61
CA ASP A 610 13.61 16.47 24.63
C ASP A 610 13.30 15.80 23.29
N LYS A 611 12.34 14.89 23.25
CA LYS A 611 12.05 14.18 22.01
C LYS A 611 11.06 14.90 21.11
N PHE A 612 10.44 15.99 21.57
CA PHE A 612 9.66 16.86 20.69
C PHE A 612 10.67 17.71 19.92
N ASP A 613 10.48 17.80 18.60
CA ASP A 613 11.30 18.66 17.75
C ASP A 613 10.48 19.87 17.32
N PRO A 614 10.65 21.04 17.96
CA PRO A 614 9.98 22.27 17.49
C PRO A 614 10.73 22.93 16.34
N ASP A 615 10.45 22.46 15.13
CA ASP A 615 11.14 22.88 13.91
C ASP A 615 10.36 23.95 13.16
N ILE A 616 9.74 24.88 13.89
CA ILE A 616 8.96 25.96 13.31
C ILE A 616 9.90 26.88 12.53
N THR A 617 9.83 26.84 11.22
CA THR A 617 10.69 27.65 10.37
C THR A 617 10.03 28.93 9.88
N ASN A 618 8.76 28.88 9.52
CA ASN A 618 8.04 30.03 9.00
C ASN A 618 7.03 30.52 10.04
N VAL A 619 6.22 31.48 9.63
CA VAL A 619 5.16 32.01 10.45
C VAL A 619 3.87 31.32 9.99
N ALA A 620 2.81 31.41 10.82
CA ALA A 620 1.43 30.99 10.56
C ALA A 620 1.26 29.47 10.62
N ASP A 621 2.33 28.75 10.92
CA ASP A 621 2.20 27.51 11.65
C ASP A 621 2.28 27.74 13.15
N ILE A 622 2.61 28.97 13.55
CA ILE A 622 2.40 29.45 14.92
C ILE A 622 0.91 29.42 15.26
N TYR A 623 0.06 29.60 14.26
CA TYR A 623 -1.39 29.46 14.47
C TYR A 623 -1.76 28.05 14.87
N PHE A 624 -1.21 27.04 14.20
CA PHE A 624 -1.48 25.64 14.53
C PHE A 624 -0.86 25.22 15.87
N VAL A 625 0.41 25.56 16.09
CA VAL A 625 1.09 25.24 17.34
C VAL A 625 0.45 25.98 18.50
N ASN A 626 -0.02 27.20 18.26
CA ASN A 626 -0.75 27.94 19.27
C ASN A 626 -2.12 27.32 19.56
N GLY A 627 -2.77 26.76 18.54
CA GLY A 627 -4.00 26.00 18.80
C GLY A 627 -3.76 24.78 19.66
N ILE A 628 -2.65 24.07 19.40
CA ILE A 628 -2.23 22.96 20.26
C ILE A 628 -1.98 23.45 21.69
N LYS A 629 -1.32 24.60 21.82
CA LYS A 629 -0.99 25.14 23.14
C LYS A 629 -2.24 25.56 23.91
N LYS A 630 -3.23 26.15 23.23
CA LYS A 630 -4.48 26.48 23.91
C LYS A 630 -5.25 25.24 24.31
N LEU A 631 -5.23 24.19 23.47
CA LEU A 631 -5.88 22.94 23.86
C LEU A 631 -5.21 22.31 25.07
N LEU A 632 -3.88 22.32 25.10
CA LEU A 632 -3.15 21.74 26.24
C LEU A 632 -3.29 22.58 27.49
N PHE A 633 -3.36 23.91 27.35
CA PHE A 633 -3.58 24.78 28.51
C PHE A 633 -5.00 24.63 29.04
N ARG A 634 -5.96 24.37 28.16
CA ARG A 634 -7.32 24.09 28.62
C ARG A 634 -7.40 22.76 29.34
N MET A 635 -6.71 21.74 28.82
CA MET A 635 -6.76 20.43 29.48
C MET A 635 -5.92 20.38 30.74
N GLU A 636 -4.93 21.27 30.88
CA GLU A 636 -4.15 21.35 32.11
C GLU A 636 -4.99 21.95 33.23
N ASP A 637 -5.73 23.01 32.95
CA ASP A 637 -6.58 23.64 33.94
C ASP A 637 -7.90 22.92 34.15
N LEU A 638 -8.18 21.89 33.35
CA LEU A 638 -9.35 21.01 33.46
C LEU A 638 -10.68 21.76 33.41
N ASP A 654 -24.60 8.61 25.94
CA ASP A 654 -24.27 9.76 25.10
C ASP A 654 -22.98 10.43 25.58
N ILE A 655 -22.11 10.77 24.64
CA ILE A 655 -20.87 11.47 24.94
C ILE A 655 -21.10 12.96 24.76
N ILE A 656 -20.84 13.73 25.82
CA ILE A 656 -21.16 15.15 25.86
C ILE A 656 -19.87 15.91 26.17
N GLY A 657 -18.75 15.33 25.77
CA GLY A 657 -17.44 15.77 26.20
C GLY A 657 -16.92 17.02 25.50
N GLY A 658 -17.38 18.18 25.93
CA GLY A 658 -16.96 19.42 25.32
C GLY A 658 -18.00 20.53 25.36
N ILE A 659 -19.23 20.20 25.78
CA ILE A 659 -20.19 21.26 26.04
C ILE A 659 -19.95 21.89 27.41
N THR A 660 -19.18 21.25 28.28
CA THR A 660 -18.86 21.76 29.60
C THR A 660 -17.40 22.18 29.76
N ASP A 661 -16.50 21.60 28.97
CA ASP A 661 -15.09 21.98 29.05
C ASP A 661 -14.79 23.22 28.23
N LEU A 662 -15.68 23.60 27.31
CA LEU A 662 -15.49 24.70 26.34
C LEU A 662 -14.20 24.50 25.55
N ASN A 663 -14.17 23.41 24.79
CA ASN A 663 -12.98 23.05 24.03
C ASN A 663 -12.87 23.92 22.77
N ILE A 664 -11.66 23.94 22.23
CA ILE A 664 -11.31 24.75 21.07
C ILE A 664 -10.70 23.83 20.03
N LYS A 665 -11.17 23.92 18.79
CA LYS A 665 -10.58 23.14 17.71
C LYS A 665 -9.15 23.56 17.46
N CYS A 666 -8.27 22.57 17.24
CA CYS A 666 -6.87 22.89 17.03
C CYS A 666 -6.60 23.58 15.68
N PRO A 667 -7.06 23.07 14.50
CA PRO A 667 -6.72 23.82 13.27
C PRO A 667 -7.73 24.90 12.87
N ILE A 668 -8.98 24.81 13.31
CA ILE A 668 -10.03 25.68 12.80
C ILE A 668 -10.67 26.57 13.86
N THR A 669 -10.36 26.37 15.14
CA THR A 669 -10.56 27.30 16.26
C THR A 669 -12.05 27.54 16.57
N GLY A 670 -12.93 26.80 15.90
CA GLY A 670 -14.36 26.94 16.13
C GLY A 670 -14.80 26.30 17.43
N SER A 671 -15.35 27.12 18.33
CA SER A 671 -15.69 26.68 19.68
C SER A 671 -17.04 25.98 19.70
N THR A 672 -17.56 25.76 20.91
CA THR A 672 -18.88 25.19 21.18
C THR A 672 -19.05 23.81 20.53
N LEU A 673 -18.12 22.92 20.87
CA LEU A 673 -18.11 21.56 20.32
C LEU A 673 -19.15 20.73 21.07
N LEU A 674 -20.17 20.28 20.36
CA LEU A 674 -21.24 19.52 21.01
C LEU A 674 -20.84 18.09 21.32
N THR A 675 -19.85 17.55 20.61
CA THR A 675 -19.45 16.15 20.78
C THR A 675 -17.93 16.05 20.70
N LEU A 676 -17.38 15.09 21.44
CA LEU A 676 -15.94 14.83 21.41
C LEU A 676 -15.51 14.21 20.09
N GLU A 677 -16.42 13.49 19.42
CA GLU A 677 -16.10 12.87 18.14
C GLU A 677 -15.83 13.89 17.06
N ASP A 678 -16.39 15.10 17.18
CA ASP A 678 -16.05 16.19 16.27
C ASP A 678 -14.59 16.59 16.41
N LEU A 679 -14.11 16.68 17.65
CA LEU A 679 -12.72 17.01 17.90
C LEU A 679 -11.79 15.92 17.38
N TYR A 680 -12.14 14.65 17.66
CA TYR A 680 -11.31 13.55 17.19
C TYR A 680 -11.27 13.50 15.66
N ASN A 681 -12.41 13.78 15.02
CA ASN A 681 -12.47 13.78 13.57
C ASN A 681 -11.65 14.92 12.98
N ASN A 682 -11.69 16.10 13.60
CA ASN A 682 -10.93 17.23 13.06
C ASN A 682 -9.42 17.01 13.18
N VAL A 683 -8.94 16.58 14.36
CA VAL A 683 -7.51 16.32 14.52
C VAL A 683 -7.06 15.18 13.62
N TYR A 684 -7.80 14.07 13.58
CA TYR A 684 -7.31 12.94 12.78
C TYR A 684 -7.47 13.16 11.28
N LEU A 685 -8.40 14.01 10.84
CA LEU A 685 -8.44 14.36 9.43
C LEU A 685 -7.30 15.32 9.08
N ALA A 686 -6.91 16.20 10.00
CA ALA A 686 -5.73 17.02 9.77
C ALA A 686 -4.46 16.17 9.77
N ILE A 687 -4.44 15.09 10.54
CA ILE A 687 -3.26 14.23 10.59
C ILE A 687 -3.15 13.37 9.33
N TYR A 688 -4.22 12.67 8.96
CA TYR A 688 -4.14 11.69 7.89
C TYR A 688 -4.06 12.30 6.50
N MET A 689 -4.38 13.59 6.33
CA MET A 689 -4.28 14.20 5.01
C MET A 689 -2.85 14.57 4.61
N MET A 690 -1.92 14.62 5.56
CA MET A 690 -0.51 14.81 5.21
C MET A 690 0.00 13.59 4.45
N PRO A 691 0.95 13.79 3.53
CA PRO A 691 1.51 12.67 2.78
C PRO A 691 2.36 11.78 3.68
N LYS A 692 2.60 10.55 3.21
CA LYS A 692 3.38 9.59 3.97
C LYS A 692 4.82 10.05 4.14
N SER A 693 5.41 10.56 3.06
CA SER A 693 6.74 11.16 3.11
C SER A 693 6.92 12.00 1.84
N LEU A 694 7.51 13.18 1.99
CA LEU A 694 7.96 13.98 0.86
C LEU A 694 9.42 13.77 0.54
N HIS A 695 10.04 12.74 1.11
CA HIS A 695 11.40 12.38 0.77
C HIS A 695 11.42 11.48 -0.45
N ASN A 696 12.58 11.43 -1.11
CA ASN A 696 12.77 10.52 -2.22
C ASN A 696 12.87 9.09 -1.73
N HIS A 697 12.76 8.15 -2.66
CA HIS A 697 12.95 6.73 -2.32
C HIS A 697 14.39 6.43 -1.92
N VAL A 698 15.35 7.21 -2.44
CA VAL A 698 16.75 7.06 -2.06
C VAL A 698 16.98 7.34 -0.58
N HIS A 699 16.40 8.40 -0.03
CA HIS A 699 16.52 8.71 1.38
C HIS A 699 15.72 7.78 2.27
N ASN A 700 14.50 7.42 1.84
CA ASN A 700 13.66 6.52 2.62
C ASN A 700 14.28 5.12 2.73
N LEU A 701 14.86 4.63 1.64
CA LEU A 701 15.51 3.32 1.69
C LEU A 701 16.77 3.35 2.54
N THR A 702 17.51 4.45 2.54
CA THR A 702 18.65 4.57 3.46
C THR A 702 18.21 4.61 4.90
N SER A 703 17.06 5.25 5.20
CA SER A 703 16.54 5.23 6.56
C SER A 703 16.13 3.82 6.99
N LEU A 704 15.46 3.10 6.09
CA LEU A 704 15.04 1.73 6.39
C LEU A 704 16.21 0.75 6.47
N LEU A 705 17.30 1.00 5.76
CA LEU A 705 18.50 0.19 5.88
C LEU A 705 19.44 0.68 6.98
N ASN A 706 19.17 1.85 7.55
CA ASN A 706 20.00 2.42 8.60
C ASN A 706 19.49 2.14 9.99
N VAL A 707 18.16 2.03 10.18
CA VAL A 707 17.62 1.70 11.51
C VAL A 707 18.06 0.34 12.06
N PRO A 708 18.07 -0.78 11.31
CA PRO A 708 18.47 -2.05 11.96
C PRO A 708 19.97 -2.13 12.23
N ALA A 709 20.80 -1.40 11.47
CA ALA A 709 22.23 -1.38 11.76
C ALA A 709 22.51 -0.72 13.11
N GLU A 710 21.84 0.41 13.39
CA GLU A 710 21.96 1.05 14.70
C GLU A 710 21.39 0.18 15.80
N TRP A 711 20.23 -0.44 15.57
CA TRP A 711 19.64 -1.25 16.62
C TRP A 711 20.32 -2.60 16.81
N GLU A 712 21.19 -3.01 15.88
CA GLU A 712 22.04 -4.17 16.09
C GLU A 712 23.37 -3.81 16.74
N LEU A 713 23.93 -2.65 16.39
CA LEU A 713 25.14 -2.18 17.04
C LEU A 713 24.89 -1.87 18.51
N LYS A 714 23.69 -1.38 18.84
CA LYS A 714 23.31 -1.17 20.24
C LYS A 714 23.31 -2.49 21.02
N PHE A 715 22.75 -3.55 20.41
CA PHE A 715 22.72 -4.87 21.04
C PHE A 715 24.12 -5.44 21.23
N ARG A 716 24.97 -5.31 20.20
CA ARG A 716 26.34 -5.83 20.31
C ARG A 716 27.15 -5.08 21.35
N LYS A 717 27.00 -3.75 21.41
CA LYS A 717 27.70 -2.95 22.41
C LYS A 717 27.18 -3.25 23.81
N GLU A 718 25.88 -3.50 23.95
CA GLU A 718 25.31 -3.77 25.27
C GLU A 718 25.73 -5.13 25.79
N LEU A 719 25.74 -6.16 24.94
CA LEU A 719 26.04 -7.51 25.42
C LEU A 719 27.49 -7.92 25.15
N GLY A 720 28.33 -7.02 24.68
CA GLY A 720 29.76 -7.28 24.65
C GLY A 720 30.27 -8.03 23.45
N PHE A 721 29.44 -8.29 22.44
CA PHE A 721 29.90 -8.90 21.21
C PHE A 721 30.72 -7.89 20.41
N ASN A 722 31.77 -8.37 19.77
CA ASN A 722 32.50 -7.50 18.86
C ASN A 722 31.80 -7.44 17.51
N ILE A 723 32.40 -6.68 16.58
CA ILE A 723 31.70 -6.30 15.36
C ILE A 723 31.62 -7.47 14.38
N PHE A 724 32.73 -8.19 14.20
CA PHE A 724 32.88 -9.16 13.13
C PHE A 724 32.84 -10.61 13.61
N GLU A 725 31.99 -10.91 14.58
CA GLU A 725 31.91 -12.25 15.14
C GLU A 725 30.46 -12.72 15.15
N ASP A 726 30.28 -14.01 15.42
CA ASP A 726 28.97 -14.64 15.46
C ASP A 726 28.23 -14.30 16.75
N ILE A 727 27.02 -14.84 16.88
CA ILE A 727 26.16 -14.55 18.03
C ILE A 727 25.82 -15.88 18.70
N TYR A 728 26.13 -15.97 19.99
CA TYR A 728 25.80 -17.12 20.82
C TYR A 728 25.15 -16.64 22.10
N PRO A 729 24.30 -17.46 22.72
CA PRO A 729 23.67 -17.05 23.99
C PRO A 729 24.69 -16.87 25.11
N LYS A 730 24.41 -15.89 25.98
CA LYS A 730 25.25 -15.59 27.12
C LYS A 730 24.38 -15.53 28.37
N LYS A 731 25.03 -15.41 29.52
CA LYS A 731 24.32 -15.35 30.79
C LYS A 731 23.54 -14.05 30.95
N ALA A 732 23.99 -12.96 30.32
CA ALA A 732 23.36 -11.66 30.51
C ALA A 732 21.98 -11.59 29.86
N MET A 733 21.73 -12.39 28.82
CA MET A 733 20.41 -12.39 28.19
C MET A 733 19.34 -13.08 29.03
N PHE A 734 19.74 -13.83 30.07
CA PHE A 734 18.81 -14.64 30.83
C PHE A 734 18.88 -14.29 32.32
N ASP A 735 19.28 -13.06 32.63
CA ASP A 735 19.57 -12.67 34.01
C ASP A 735 18.78 -11.44 34.44
N ASP A 736 17.65 -11.18 33.76
CA ASP A 736 16.70 -10.11 34.11
C ASP A 736 17.35 -8.72 34.12
N LYS A 737 18.06 -8.41 33.04
CA LYS A 737 18.66 -7.09 32.88
C LYS A 737 17.64 -6.16 32.23
N ASP A 738 18.11 -5.00 31.78
CA ASP A 738 17.21 -3.95 31.28
C ASP A 738 17.11 -3.91 29.76
N LEU A 739 18.23 -3.92 29.04
CA LEU A 739 18.20 -3.62 27.62
C LEU A 739 17.80 -4.83 26.78
N PHE A 740 18.62 -5.88 26.79
CA PHE A 740 18.37 -7.08 25.97
C PHE A 740 18.46 -8.30 26.88
N SER A 741 17.37 -8.60 27.57
CA SER A 741 17.34 -9.73 28.49
C SER A 741 15.90 -10.11 28.79
N ILE A 742 15.74 -11.30 29.37
CA ILE A 742 14.48 -11.75 29.94
C ILE A 742 14.78 -12.30 31.34
N ASN A 743 13.72 -12.71 32.04
CA ASN A 743 13.92 -13.23 33.40
C ASN A 743 14.58 -14.61 33.37
N GLY A 744 14.27 -15.42 32.36
CA GLY A 744 14.86 -16.74 32.31
C GLY A 744 13.91 -17.83 32.76
N ALA A 745 14.07 -18.28 34.01
CA ALA A 745 13.24 -19.34 34.56
C ALA A 745 11.78 -18.93 34.71
N LEU A 746 11.49 -17.63 34.81
CA LEU A 746 10.11 -17.18 34.80
C LEU A 746 9.47 -17.34 33.42
N ASN A 747 10.26 -17.17 32.36
CA ASN A 747 9.75 -17.31 31.00
C ASN A 747 9.33 -18.76 30.71
N VAL A 748 10.11 -19.72 31.21
CA VAL A 748 9.80 -21.13 31.00
C VAL A 748 8.51 -21.51 31.70
N LYS A 749 8.34 -21.07 32.95
CA LYS A 749 7.12 -21.35 33.69
C LYS A 749 5.92 -20.64 33.07
N ALA A 750 6.11 -19.41 32.58
CA ALA A 750 5.03 -18.68 31.93
C ALA A 750 4.59 -19.36 30.64
N LEU A 751 5.55 -19.85 29.84
CA LEU A 751 5.21 -20.54 28.61
C LEU A 751 4.54 -21.89 28.88
N SER A 752 5.00 -22.59 29.92
CA SER A 752 4.37 -23.85 30.29
C SER A 752 2.94 -23.65 30.77
N ASP A 753 2.71 -22.60 31.57
CA ASP A 753 1.35 -22.31 32.03
C ASP A 753 0.46 -21.85 30.88
N TYR A 754 1.01 -21.10 29.93
CA TYR A 754 0.25 -20.69 28.76
C TYR A 754 -0.15 -21.88 27.90
N TYR A 755 0.78 -22.83 27.68
CA TYR A 755 0.46 -24.01 26.90
C TYR A 755 -0.48 -24.95 27.64
N LEU A 756 -0.43 -24.96 28.97
CA LEU A 756 -1.41 -25.73 29.73
C LEU A 756 -2.80 -25.12 29.62
N GLY A 757 -2.88 -23.78 29.64
CA GLY A 757 -4.17 -23.12 29.61
C GLY A 757 -4.77 -22.96 28.23
N ASN A 758 -3.96 -23.10 27.17
CA ASN A 758 -4.46 -22.89 25.81
C ASN A 758 -4.79 -24.19 25.09
N ILE A 759 -3.82 -25.10 24.98
CA ILE A 759 -4.01 -26.33 24.22
C ILE A 759 -4.82 -27.31 25.07
N GLU A 760 -6.01 -27.67 24.59
CA GLU A 760 -6.87 -28.60 25.29
C GLU A 760 -6.92 -29.99 24.65
N ASN A 761 -6.61 -30.08 23.36
CA ASN A 761 -6.58 -31.36 22.64
C ASN A 761 -5.41 -31.32 21.67
N VAL A 762 -4.35 -32.09 21.97
CA VAL A 762 -3.15 -32.06 21.14
C VAL A 762 -3.41 -32.72 19.79
N GLY A 763 -4.05 -33.89 19.81
CA GLY A 763 -4.25 -34.64 18.57
C GLY A 763 -5.20 -33.96 17.59
N LEU A 764 -6.30 -33.41 18.11
CA LEU A 764 -7.27 -32.71 17.25
C LEU A 764 -6.66 -31.45 16.65
N MET A 765 -5.91 -30.70 17.47
CA MET A 765 -5.31 -29.46 16.97
C MET A 765 -4.15 -29.76 16.01
N ARG A 766 -3.43 -30.85 16.24
CA ARG A 766 -2.43 -31.32 15.28
C ARG A 766 -3.06 -31.72 13.96
N SER A 767 -4.23 -32.36 14.02
CA SER A 767 -4.96 -32.71 12.80
C SER A 767 -5.42 -31.45 12.06
N GLU A 768 -5.90 -30.44 12.79
CA GLU A 768 -6.26 -29.17 12.16
C GLU A 768 -5.05 -28.46 11.56
N ILE A 769 -3.89 -28.59 12.20
CA ILE A 769 -2.67 -27.99 11.66
C ILE A 769 -2.27 -28.67 10.35
N GLU A 770 -2.25 -29.99 10.34
CA GLU A 770 -1.77 -30.72 9.17
C GLU A 770 -2.86 -30.94 8.12
N ASN A 771 -4.08 -30.48 8.37
CA ASN A 771 -5.14 -30.49 7.37
C ASN A 771 -5.49 -29.12 6.82
N LYS A 772 -5.46 -28.08 7.66
CA LYS A 772 -5.88 -26.74 7.26
C LYS A 772 -4.75 -25.87 6.78
N GLU A 773 -3.54 -26.07 7.28
CA GLU A 773 -2.36 -25.32 6.84
C GLU A 773 -1.63 -26.02 5.70
N ASP A 774 -2.24 -27.05 5.12
CA ASP A 774 -1.76 -27.75 3.93
C ASP A 774 -0.40 -28.40 4.14
N PHE A 775 -0.17 -28.91 5.35
CA PHE A 775 0.89 -29.88 5.54
C PHE A 775 0.45 -31.23 4.99
N LEU A 776 1.43 -32.08 4.68
CA LEU A 776 1.24 -33.33 3.92
C LEU A 776 0.53 -33.07 2.59
N SER A 777 0.94 -32.00 1.94
CA SER A 777 0.43 -31.60 0.63
C SER A 777 1.58 -30.97 -0.14
N PRO A 778 1.58 -31.08 -1.47
CA PRO A 778 2.63 -30.42 -2.25
C PRO A 778 2.51 -28.90 -2.18
N CYS A 779 3.64 -28.24 -2.41
CA CYS A 779 3.76 -26.82 -2.11
C CYS A 779 2.95 -25.93 -3.05
N TYR A 780 2.59 -26.41 -4.24
CA TYR A 780 1.77 -25.58 -5.13
C TYR A 780 0.32 -25.54 -4.72
N LYS A 781 -0.10 -26.34 -3.74
CA LYS A 781 -1.41 -26.17 -3.14
C LYS A 781 -1.42 -25.08 -2.08
N ILE A 782 -0.26 -24.62 -1.64
CA ILE A 782 -0.16 -23.53 -0.68
C ILE A 782 -0.16 -22.22 -1.45
N SER A 783 -1.10 -21.34 -1.11
CA SER A 783 -1.26 -20.09 -1.87
C SER A 783 -0.11 -19.12 -1.61
N THR A 784 0.53 -19.20 -0.45
CA THR A 784 1.64 -18.29 -0.15
C THR A 784 2.87 -18.62 -0.99
N LEU A 785 3.15 -19.90 -1.21
CA LEU A 785 4.33 -20.32 -1.95
C LEU A 785 4.08 -20.52 -3.44
N LYS A 786 2.85 -20.27 -3.90
CA LYS A 786 2.52 -20.40 -5.31
C LYS A 786 2.17 -19.08 -5.98
N SER A 787 1.34 -18.25 -5.33
CA SER A 787 0.98 -16.95 -5.90
C SER A 787 2.18 -16.02 -5.86
N SER A 788 2.55 -15.51 -7.04
CA SER A 788 3.80 -14.77 -7.22
C SER A 788 3.70 -13.40 -6.56
N LYS A 789 4.17 -13.30 -5.33
CA LYS A 789 4.27 -11.99 -4.71
C LYS A 789 5.52 -11.30 -5.24
N LYS A 790 6.69 -11.81 -4.84
CA LYS A 790 8.06 -11.64 -5.34
C LYS A 790 8.91 -12.58 -4.49
N CYS A 791 10.20 -12.69 -4.84
CA CYS A 791 11.15 -13.47 -4.06
C CYS A 791 12.53 -12.85 -4.21
N SER A 792 13.56 -13.56 -3.77
CA SER A 792 14.93 -13.08 -3.87
C SER A 792 15.85 -14.27 -4.05
N GLN A 793 16.48 -14.36 -5.23
CA GLN A 793 17.47 -15.39 -5.50
C GLN A 793 18.72 -14.71 -6.04
N SER A 794 19.86 -15.01 -5.42
CA SER A 794 21.12 -14.36 -5.76
C SER A 794 21.64 -14.94 -7.07
N ASN A 795 21.24 -14.34 -8.19
CA ASN A 795 21.71 -14.74 -9.50
C ASN A 795 22.86 -13.82 -9.89
N ILE A 796 24.07 -14.38 -9.93
CA ILE A 796 25.29 -13.65 -10.22
C ILE A 796 25.96 -14.32 -11.42
N ILE A 797 26.41 -13.50 -12.38
CA ILE A 797 27.16 -14.01 -13.52
C ILE A 797 28.43 -14.67 -13.02
N SER A 798 28.65 -15.92 -13.42
CA SER A 798 29.70 -16.74 -12.85
C SER A 798 31.09 -16.22 -13.20
N THR A 799 32.01 -16.33 -12.25
CA THR A 799 33.37 -15.82 -12.43
C THR A 799 34.12 -16.61 -13.50
N ASP A 800 33.91 -17.93 -13.54
CA ASP A 800 34.44 -18.73 -14.63
C ASP A 800 33.79 -18.32 -15.96
N GLU A 801 32.49 -18.04 -15.95
CA GLU A 801 31.83 -17.51 -17.13
C GLU A 801 32.33 -16.11 -17.47
N ILE A 802 32.69 -15.31 -16.47
CA ILE A 802 33.23 -13.98 -16.71
C ILE A 802 34.59 -14.06 -17.40
N ILE A 803 35.48 -14.92 -16.91
CA ILE A 803 36.80 -15.03 -17.53
C ILE A 803 36.72 -15.74 -18.88
N GLU A 804 35.74 -16.65 -19.05
CA GLU A 804 35.53 -17.25 -20.36
C GLU A 804 35.03 -16.24 -21.37
N CYS A 805 34.11 -15.36 -20.96
CA CYS A 805 33.62 -14.29 -21.83
C CYS A 805 34.72 -13.28 -22.14
N LEU A 806 35.61 -13.03 -21.19
CA LEU A 806 36.78 -12.20 -21.46
C LEU A 806 37.72 -12.87 -22.46
N GLN A 807 37.86 -14.19 -22.38
CA GLN A 807 38.74 -14.90 -23.30
C GLN A 807 38.18 -14.93 -24.72
N ASN A 808 36.87 -15.19 -24.87
CA ASN A 808 36.31 -15.27 -26.21
C ASN A 808 36.02 -13.91 -26.82
N ALA A 809 36.11 -12.83 -26.06
CA ALA A 809 35.99 -11.48 -26.60
C ALA A 809 37.32 -11.13 -27.26
N LYS A 810 37.40 -11.38 -28.56
CA LYS A 810 38.64 -11.21 -29.29
C LYS A 810 38.90 -9.73 -29.57
N ILE A 811 40.06 -9.46 -30.17
CA ILE A 811 40.46 -8.10 -30.52
C ILE A 811 40.39 -7.83 -32.01
N GLN A 812 40.08 -8.82 -32.83
CA GLN A 812 39.97 -8.66 -34.27
C GLN A 812 38.54 -8.50 -34.74
N ASP A 813 37.58 -8.38 -33.82
CA ASP A 813 36.17 -8.23 -34.15
C ASP A 813 35.61 -6.93 -33.56
N ILE A 814 36.31 -5.82 -33.80
CA ILE A 814 35.90 -4.52 -33.28
C ILE A 814 34.55 -4.11 -33.87
N GLU A 815 34.36 -4.35 -35.17
CA GLU A 815 33.07 -4.07 -35.79
C GLU A 815 32.01 -5.06 -35.33
N ASN A 816 32.37 -6.34 -35.23
CA ASN A 816 31.42 -7.39 -34.89
C ASN A 816 31.39 -7.69 -33.39
N TRP A 817 31.20 -6.65 -32.57
CA TRP A 817 30.95 -6.85 -31.14
C TRP A 817 29.44 -6.90 -30.89
N LYS A 818 28.84 -7.98 -31.39
CA LYS A 818 27.41 -8.22 -31.24
C LYS A 818 27.15 -9.21 -30.12
N GLY A 819 25.92 -9.20 -29.63
CA GLY A 819 25.55 -10.03 -28.50
C GLY A 819 25.68 -9.27 -27.19
N ASN A 820 25.65 -10.04 -26.10
CA ASN A 820 25.70 -9.46 -24.77
C ASN A 820 27.11 -9.32 -24.22
N ASN A 821 28.12 -9.87 -24.90
CA ASN A 821 29.50 -9.82 -24.41
C ASN A 821 30.08 -8.40 -24.44
N LEU A 822 29.53 -7.54 -25.30
CA LEU A 822 29.93 -6.13 -25.32
C LEU A 822 29.58 -5.44 -24.01
N ALA A 823 28.50 -5.89 -23.35
CA ALA A 823 28.14 -5.35 -22.04
C ALA A 823 29.17 -5.72 -20.97
N ILE A 824 29.65 -6.98 -20.98
CA ILE A 824 30.74 -7.39 -20.08
C ILE A 824 31.99 -6.58 -20.36
N ILE A 825 32.33 -6.37 -21.65
CA ILE A 825 33.51 -5.59 -22.02
C ILE A 825 33.39 -4.15 -21.54
N LYS A 826 32.21 -3.55 -21.72
CA LYS A 826 31.96 -2.19 -21.25
C LYS A 826 32.05 -2.10 -19.74
N GLY A 827 31.54 -3.11 -19.02
CA GLY A 827 31.63 -3.10 -17.57
C GLY A 827 33.05 -3.19 -17.04
N LEU A 828 33.86 -4.09 -17.62
CA LEU A 828 35.23 -4.21 -17.16
C LEU A 828 36.07 -2.99 -17.53
N ILE A 829 35.80 -2.38 -18.69
CA ILE A 829 36.54 -1.17 -19.07
C ILE A 829 36.14 0.02 -18.20
N ARG A 830 34.84 0.17 -17.91
CA ARG A 830 34.38 1.24 -17.05
C ARG A 830 34.85 1.06 -15.61
N THR A 831 35.09 -0.18 -15.19
CA THR A 831 35.72 -0.40 -13.90
C THR A 831 37.22 -0.12 -13.95
N TYR A 832 37.87 -0.45 -15.07
CA TYR A 832 39.31 -0.21 -15.21
C TYR A 832 39.64 1.27 -15.21
N ASN A 833 38.72 2.11 -15.71
CA ASN A 833 39.01 3.54 -15.90
C ASN A 833 39.30 4.27 -14.59
N GLU A 834 38.75 3.81 -13.46
CA GLU A 834 39.05 4.45 -12.18
C GLU A 834 39.31 3.49 -11.02
N GLU A 835 39.14 2.18 -11.19
CA GLU A 835 39.31 1.25 -10.07
C GLU A 835 40.41 0.24 -10.36
N LYS A 836 41.59 0.74 -10.78
CA LYS A 836 42.75 -0.10 -11.07
C LYS A 836 43.24 -0.88 -9.85
N ASN A 837 42.93 -0.41 -8.63
CA ASN A 837 43.47 -1.04 -7.42
C ASN A 837 42.89 -2.43 -7.18
N ARG A 838 41.61 -2.63 -7.49
CA ARG A 838 40.96 -3.90 -7.20
C ARG A 838 40.83 -4.83 -8.40
N LEU A 839 40.92 -4.29 -9.63
CA LEU A 839 40.75 -5.13 -10.81
C LEU A 839 41.91 -6.10 -10.98
N VAL A 840 43.13 -5.70 -10.60
CA VAL A 840 44.27 -6.60 -10.67
C VAL A 840 44.13 -7.72 -9.64
N GLU A 841 43.63 -7.39 -8.44
CA GLU A 841 43.40 -8.41 -7.42
C GLU A 841 42.34 -9.41 -7.85
N PHE A 842 41.23 -8.92 -8.43
CA PHE A 842 40.19 -9.81 -8.92
C PHE A 842 40.66 -10.65 -10.10
N PHE A 843 41.49 -10.08 -10.98
CA PHE A 843 41.97 -10.79 -12.15
C PHE A 843 43.12 -11.73 -11.83
N GLU A 844 43.77 -11.60 -10.67
CA GLU A 844 44.88 -12.47 -10.31
C GLU A 844 44.57 -13.46 -9.20
N ASP A 845 43.50 -13.26 -8.42
CA ASP A 845 43.18 -14.18 -7.34
C ASP A 845 41.97 -15.05 -7.62
N ASN A 846 40.94 -14.50 -8.28
CA ASN A 846 39.76 -15.29 -8.59
C ASN A 846 40.04 -16.31 -9.69
N CYS A 847 40.77 -15.92 -10.72
CA CYS A 847 41.10 -16.79 -11.83
C CYS A 847 42.52 -17.34 -11.68
N VAL A 848 42.71 -18.58 -12.12
CA VAL A 848 44.02 -19.21 -12.05
C VAL A 848 45.01 -18.60 -13.04
N ASN A 849 44.52 -17.94 -14.09
CA ASN A 849 45.36 -17.24 -15.05
C ASN A 849 45.37 -15.76 -14.67
N SER A 850 46.52 -15.28 -14.19
CA SER A 850 46.60 -13.95 -13.59
C SER A 850 46.98 -12.88 -14.60
N LEU A 851 48.16 -13.01 -15.22
CA LEU A 851 48.70 -11.96 -16.07
C LEU A 851 47.99 -11.85 -17.41
N TYR A 852 47.43 -12.96 -17.90
CA TYR A 852 46.84 -13.01 -19.24
C TYR A 852 45.63 -12.10 -19.35
N LEU A 853 44.78 -12.10 -18.31
CA LEU A 853 43.53 -11.32 -18.37
C LEU A 853 43.81 -9.83 -18.36
N VAL A 854 44.72 -9.37 -17.49
CA VAL A 854 45.05 -7.94 -17.43
C VAL A 854 45.81 -7.51 -18.67
N GLU A 855 46.72 -8.36 -19.19
CA GLU A 855 47.43 -7.97 -20.39
C GLU A 855 46.53 -7.97 -21.62
N LYS A 856 45.47 -8.79 -21.63
CA LYS A 856 44.48 -8.72 -22.70
C LYS A 856 43.61 -7.47 -22.56
N LEU A 857 43.25 -7.13 -21.31
CA LEU A 857 42.52 -5.89 -21.05
C LEU A 857 43.31 -4.65 -21.47
N LYS A 858 44.64 -4.75 -21.46
CA LYS A 858 45.48 -3.63 -21.89
C LYS A 858 45.24 -3.24 -23.34
N GLU A 859 45.30 -4.19 -24.27
CA GLU A 859 44.97 -3.78 -25.64
C GLU A 859 43.47 -3.75 -25.90
N ILE A 860 42.65 -4.30 -24.99
CA ILE A 860 41.20 -4.12 -25.10
C ILE A 860 40.85 -2.64 -24.91
N ILE A 861 41.44 -2.00 -23.89
CA ILE A 861 41.22 -0.56 -23.76
C ILE A 861 42.05 0.22 -24.78
N ASN A 862 43.23 -0.28 -25.17
CA ASN A 862 44.06 0.40 -26.16
C ASN A 862 43.70 0.05 -27.60
N SER A 863 42.51 -0.51 -27.83
CA SER A 863 42.02 -0.79 -29.18
C SER A 863 41.49 0.46 -29.89
N GLY A 864 41.44 1.60 -29.21
CA GLY A 864 41.04 2.85 -29.83
C GLY A 864 39.57 3.19 -29.72
N SER A 865 38.71 2.43 -30.39
CA SER A 865 37.29 2.74 -30.47
C SER A 865 36.53 1.90 -29.44
N ILE A 866 35.95 2.57 -28.45
CA ILE A 866 35.12 1.93 -27.44
C ILE A 866 34.15 2.96 -26.90
N THR A 867 32.94 2.52 -26.54
CA THR A 867 31.86 3.42 -26.15
C THR A 867 31.72 3.47 -24.63
N VAL A 868 32.63 4.21 -24.01
CA VAL A 868 32.54 4.56 -22.59
C VAL A 868 32.87 6.04 -22.44
N GLY A 869 32.01 6.76 -21.71
CA GLY A 869 32.24 8.18 -21.52
C GLY A 869 32.99 8.55 -20.27
N LYS A 870 32.47 8.12 -19.11
CA LYS A 870 32.99 8.50 -17.81
C LYS A 870 32.31 7.65 -16.75
N SER A 871 32.99 7.47 -15.61
CA SER A 871 32.39 6.83 -14.45
C SER A 871 31.44 7.83 -13.78
N VAL A 872 30.22 7.90 -14.33
CA VAL A 872 29.23 8.88 -13.90
C VAL A 872 28.33 8.26 -12.82
N THR A 873 28.70 7.05 -12.38
CA THR A 873 28.01 6.27 -11.34
C THR A 873 26.53 6.07 -11.65
N SER A 874 25.68 6.91 -11.06
CA SER A 874 24.23 6.73 -11.16
C SER A 874 23.73 6.95 -12.59
N LYS A 875 24.35 7.86 -13.34
CA LYS A 875 23.97 8.05 -14.73
C LYS A 875 24.36 6.84 -15.58
N PHE A 876 25.39 6.10 -15.18
CA PHE A 876 25.71 4.84 -15.84
C PHE A 876 24.74 3.74 -15.44
N ILE A 877 24.35 3.70 -14.16
CA ILE A 877 23.50 2.62 -13.66
C ILE A 877 22.08 2.74 -14.22
N ARG A 878 21.57 3.98 -14.32
CA ARG A 878 20.14 4.20 -14.56
C ARG A 878 19.72 3.78 -15.97
N ASN A 879 20.49 4.16 -16.98
CA ASN A 879 20.05 3.89 -18.36
C ASN A 879 21.03 2.99 -19.11
N ASN A 880 21.47 1.91 -18.48
CA ASN A 880 22.24 0.87 -19.15
C ASN A 880 21.66 -0.49 -18.79
N HIS A 881 22.09 -1.50 -19.54
CA HIS A 881 21.60 -2.86 -19.35
C HIS A 881 22.02 -3.37 -17.97
N PRO A 882 21.16 -4.13 -17.28
CA PRO A 882 21.52 -4.66 -15.96
C PRO A 882 22.80 -5.49 -15.89
N LEU A 883 23.15 -6.24 -16.94
CA LEU A 883 24.39 -6.99 -16.87
C LEU A 883 25.63 -6.12 -17.06
N THR A 884 25.50 -4.91 -17.62
CA THR A 884 26.58 -3.94 -17.53
C THR A 884 26.86 -3.57 -16.08
N VAL A 885 25.79 -3.36 -15.30
CA VAL A 885 25.93 -3.09 -13.87
C VAL A 885 26.53 -4.30 -13.16
N GLU A 886 26.10 -5.50 -13.58
CA GLU A 886 26.63 -6.74 -12.97
C GLU A 886 28.12 -6.90 -13.21
N THR A 887 28.59 -6.63 -14.43
CA THR A 887 30.03 -6.73 -14.70
C THR A 887 30.82 -5.60 -14.05
N TYR A 888 30.29 -4.37 -14.13
CA TYR A 888 30.94 -3.20 -13.54
C TYR A 888 31.07 -3.34 -12.03
N LEU A 889 30.15 -4.07 -11.40
CA LEU A 889 30.38 -4.55 -10.06
C LEU A 889 31.47 -5.62 -10.05
N LYS A 890 31.17 -6.77 -10.67
CA LYS A 890 31.84 -8.05 -10.38
C LYS A 890 33.31 -8.07 -10.76
N THR A 891 33.78 -7.13 -11.59
CA THR A 891 35.22 -7.12 -11.87
C THR A 891 36.04 -6.49 -10.75
N LYS A 892 35.42 -5.99 -9.68
CA LYS A 892 36.17 -5.48 -8.53
C LYS A 892 35.63 -6.01 -7.21
N LEU A 893 34.93 -7.16 -7.22
CA LEU A 893 34.37 -7.74 -6.00
C LEU A 893 34.81 -9.20 -5.89
N TYR A 894 35.91 -9.45 -5.19
CA TYR A 894 36.32 -10.81 -4.87
C TYR A 894 36.39 -11.05 -3.36
N TYR A 895 37.17 -10.27 -2.63
CA TYR A 895 37.33 -10.44 -1.19
C TYR A 895 36.70 -9.34 -0.37
N ARG A 896 36.56 -8.14 -0.93
CA ARG A 896 35.82 -7.05 -0.32
C ARG A 896 34.73 -6.60 -1.29
N ASN A 897 33.73 -5.91 -0.74
CA ASN A 897 32.61 -5.34 -1.51
C ASN A 897 31.85 -6.41 -2.29
N ASN A 898 31.65 -7.58 -1.64
CA ASN A 898 31.22 -8.78 -2.36
C ASN A 898 29.82 -8.66 -2.95
N VAL A 899 28.94 -7.89 -2.31
CA VAL A 899 27.57 -7.57 -2.75
C VAL A 899 26.71 -8.81 -2.90
N THR A 900 26.99 -9.62 -3.93
CA THR A 900 26.19 -10.78 -4.34
C THR A 900 24.72 -10.39 -4.51
N VAL A 901 24.49 -9.57 -5.54
CA VAL A 901 23.24 -8.86 -5.81
C VAL A 901 22.05 -9.81 -5.86
N LEU A 902 21.08 -9.61 -4.97
CA LEU A 902 19.86 -10.39 -4.96
C LEU A 902 18.85 -9.76 -5.90
N LYS A 903 18.66 -10.35 -7.07
CA LYS A 903 17.63 -9.88 -7.99
C LYS A 903 16.31 -10.58 -7.70
N SER A 904 15.23 -9.85 -7.94
CA SER A 904 13.90 -10.32 -7.60
C SER A 904 13.45 -11.42 -8.57
N LYS A 905 12.57 -12.29 -8.09
CA LYS A 905 12.03 -13.37 -8.89
C LYS A 905 10.64 -13.74 -8.39
N LYS A 906 9.87 -14.45 -9.21
CA LYS A 906 8.56 -14.93 -8.78
C LYS A 906 8.74 -16.22 -7.97
N VAL A 907 7.85 -16.42 -7.00
CA VAL A 907 7.94 -17.64 -6.18
C VAL A 907 7.46 -18.85 -6.96
N SER A 908 6.64 -18.62 -8.00
CA SER A 908 6.19 -19.70 -8.86
C SER A 908 7.35 -20.29 -9.65
N GLU A 909 8.26 -19.45 -10.14
CA GLU A 909 9.44 -19.96 -10.83
C GLU A 909 10.43 -20.62 -9.87
N GLU A 910 10.56 -20.09 -8.65
CA GLU A 910 11.42 -20.72 -7.66
C GLU A 910 10.86 -22.06 -7.22
N LEU A 911 9.53 -22.15 -7.05
CA LEU A 911 8.91 -23.43 -6.73
C LEU A 911 9.01 -24.41 -7.90
N TYR A 912 8.93 -23.90 -9.13
CA TYR A 912 9.13 -24.73 -10.31
C TYR A 912 10.54 -25.30 -10.35
N ASP A 913 11.53 -24.48 -10.03
CA ASP A 913 12.92 -24.95 -9.96
C ASP A 913 13.11 -25.95 -8.83
N LEU A 914 12.43 -25.75 -7.70
CA LEU A 914 12.55 -26.67 -6.57
C LEU A 914 11.93 -28.03 -6.89
N VAL A 915 10.77 -28.04 -7.53
CA VAL A 915 10.13 -29.30 -7.91
C VAL A 915 10.94 -30.00 -9.00
N LYS A 916 11.54 -29.23 -9.91
CA LYS A 916 12.43 -29.80 -10.92
C LYS A 916 13.68 -30.40 -10.28
N GLN A 917 14.21 -29.76 -9.25
CA GLN A 917 15.42 -30.26 -8.59
C GLN A 917 15.14 -31.39 -7.62
N PHE A 918 13.88 -31.58 -7.21
CA PHE A 918 13.57 -32.65 -6.27
C PHE A 918 13.64 -34.01 -6.95
N HIS A 919 13.10 -34.13 -8.16
CA HIS A 919 13.10 -35.39 -8.89
C HIS A 919 14.32 -35.53 -9.80
N ASN A 920 15.38 -34.75 -9.54
CA ASN A 920 16.64 -34.76 -10.29
C ASN A 920 16.45 -34.43 -11.77
N MET A 921 15.40 -33.69 -12.09
CA MET A 921 15.15 -33.26 -13.48
C MET A 921 15.64 -31.84 -13.69
N MET A 922 16.96 -31.65 -13.56
CA MET A 922 17.55 -30.34 -13.76
C MET A 922 17.57 -29.98 -15.24
N GLU A 923 18.26 -30.80 -16.05
CA GLU A 923 18.17 -30.66 -17.49
C GLU A 923 16.82 -31.18 -17.97
N ILE A 924 16.03 -30.32 -18.59
CA ILE A 924 14.63 -30.64 -18.87
C ILE A 924 14.56 -31.62 -20.03
N ASP A 925 13.72 -32.64 -19.87
CA ASP A 925 13.50 -33.65 -20.90
C ASP A 925 12.02 -34.00 -20.81
N LEU A 926 11.39 -34.18 -21.97
CA LEU A 926 9.94 -34.40 -22.01
C LEU A 926 9.59 -35.79 -21.49
N ASP A 927 10.36 -36.81 -21.86
CA ASP A 927 10.08 -38.16 -21.38
C ASP A 927 10.34 -38.29 -19.89
N SER A 928 11.33 -37.55 -19.38
CA SER A 928 11.67 -37.60 -17.96
C SER A 928 10.55 -37.00 -17.11
N VAL A 929 9.95 -35.88 -17.54
CA VAL A 929 8.84 -35.33 -16.77
C VAL A 929 7.58 -36.16 -16.98
N MET A 930 7.33 -36.63 -18.20
CA MET A 930 6.12 -37.41 -18.46
C MET A 930 6.18 -38.83 -17.92
N ASN A 931 7.33 -39.28 -17.41
CA ASN A 931 7.41 -40.57 -16.75
C ASN A 931 7.01 -40.52 -15.26
N LEU A 932 6.51 -39.37 -14.79
CA LEU A 932 6.10 -39.23 -13.40
C LEU A 932 4.69 -39.73 -13.14
N GLY A 933 3.98 -40.19 -14.16
CA GLY A 933 2.65 -40.75 -13.98
C GLY A 933 1.55 -39.72 -14.16
N LYS A 934 0.33 -40.22 -14.33
CA LYS A 934 -0.85 -39.40 -14.53
C LYS A 934 -1.87 -39.68 -13.45
N GLY A 935 -2.72 -38.70 -13.20
CA GLY A 935 -3.78 -38.85 -12.23
C GLY A 935 -3.28 -38.77 -10.80
N THR A 936 -4.15 -39.20 -9.89
CA THR A 936 -3.81 -39.22 -8.46
C THR A 936 -3.18 -40.55 -8.06
N GLU A 937 -2.24 -41.01 -8.87
CA GLU A 937 -1.43 -42.18 -8.52
C GLU A 937 0.03 -42.03 -8.91
N GLY A 938 0.45 -40.89 -9.44
CA GLY A 938 1.81 -40.67 -9.84
C GLY A 938 2.66 -40.10 -8.72
N LYS A 939 3.83 -39.61 -9.10
CA LYS A 939 4.76 -39.06 -8.11
C LYS A 939 4.25 -37.73 -7.62
N LYS A 940 4.33 -37.53 -6.30
CA LYS A 940 3.86 -36.31 -5.66
C LYS A 940 4.62 -36.13 -4.35
N HIS A 941 5.01 -34.90 -4.07
CA HIS A 941 5.75 -34.59 -2.86
C HIS A 941 4.83 -33.96 -1.83
N THR A 942 5.39 -33.69 -0.66
CA THR A 942 4.73 -32.94 0.40
C THR A 942 5.55 -31.71 0.71
N PHE A 943 4.94 -30.76 1.44
CA PHE A 943 5.62 -29.52 1.78
C PHE A 943 6.82 -29.76 2.68
N LEU A 944 6.67 -30.63 3.67
CA LEU A 944 7.75 -30.87 4.62
C LEU A 944 8.89 -31.67 4.00
N GLN A 945 8.59 -32.54 3.04
CA GLN A 945 9.66 -33.26 2.33
C GLN A 945 10.52 -32.29 1.53
N MET A 946 9.89 -31.33 0.86
CA MET A 946 10.65 -30.29 0.15
C MET A 946 11.40 -29.39 1.12
N LEU A 947 10.82 -29.14 2.30
CA LEU A 947 11.49 -28.35 3.33
C LEU A 947 12.78 -29.02 3.79
N GLU A 948 12.71 -30.30 4.13
CA GLU A 948 13.91 -31.01 4.55
C GLU A 948 14.88 -31.25 3.39
N PHE A 949 14.39 -31.32 2.16
CA PHE A 949 15.30 -31.36 1.01
C PHE A 949 16.11 -30.07 0.90
N VAL A 950 15.45 -28.92 1.10
CA VAL A 950 16.14 -27.63 1.04
C VAL A 950 17.12 -27.49 2.21
N MET A 951 16.71 -27.93 3.40
CA MET A 951 17.58 -27.86 4.58
C MET A 951 18.80 -28.76 4.43
N SER A 952 18.62 -29.97 3.89
CA SER A 952 19.76 -30.86 3.66
C SER A 952 20.64 -30.38 2.52
N LYS A 953 20.07 -29.68 1.54
CA LYS A 953 20.88 -29.07 0.49
C LYS A 953 21.75 -27.95 1.04
N ALA A 954 21.18 -27.03 1.81
CA ALA A 954 21.91 -25.84 2.18
C ALA A 954 22.68 -26.00 3.49
N LYS A 955 22.49 -27.10 4.21
CA LYS A 955 23.45 -27.43 5.26
C LYS A 955 24.75 -27.98 4.71
N ASN A 956 24.81 -28.30 3.41
CA ASN A 956 26.00 -28.84 2.79
C ASN A 956 26.82 -27.71 2.16
N VAL A 957 27.42 -26.90 3.04
CA VAL A 957 28.43 -25.86 2.81
C VAL A 957 28.04 -24.92 1.64
N THR A 958 26.77 -24.55 1.58
CA THR A 958 26.26 -23.69 0.51
C THR A 958 26.74 -22.25 0.61
N GLY A 959 27.36 -21.85 1.73
CA GLY A 959 27.84 -20.50 1.89
C GLY A 959 26.87 -19.52 2.51
N SER A 960 25.72 -20.00 3.02
CA SER A 960 24.69 -19.20 3.67
C SER A 960 24.16 -18.08 2.78
N VAL A 961 24.02 -18.36 1.49
CA VAL A 961 23.50 -17.36 0.56
C VAL A 961 21.99 -17.24 0.71
N ASP A 962 21.33 -18.27 1.25
CA ASP A 962 19.88 -18.25 1.37
C ASP A 962 19.42 -17.29 2.46
N PHE A 963 20.25 -17.04 3.48
CA PHE A 963 19.90 -16.08 4.53
C PHE A 963 20.44 -14.70 4.16
N LEU A 964 19.78 -14.11 3.17
CA LEU A 964 20.14 -12.78 2.66
C LEU A 964 18.85 -12.07 2.30
N VAL A 965 18.49 -11.04 3.06
CA VAL A 965 17.29 -10.27 2.80
C VAL A 965 17.68 -8.91 2.23
N SER A 966 16.72 -8.28 1.57
CA SER A 966 16.91 -6.97 0.96
C SER A 966 15.61 -6.19 1.05
N VAL A 967 15.72 -4.88 0.92
CA VAL A 967 14.57 -3.98 1.03
C VAL A 967 14.07 -3.67 -0.37
N PHE A 968 12.83 -4.02 -0.64
CA PHE A 968 12.21 -3.78 -1.95
C PHE A 968 10.70 -3.69 -1.82
N ILE A 980 7.72 -5.54 3.33
CA ILE A 980 8.73 -4.49 3.34
C ILE A 980 10.11 -5.06 3.09
N TYR A 981 10.30 -6.33 3.44
CA TYR A 981 11.57 -7.02 3.25
C TYR A 981 11.41 -8.16 2.26
N LEU A 982 12.49 -8.45 1.54
CA LEU A 982 12.48 -9.41 0.44
C LEU A 982 13.39 -10.57 0.83
N MET A 983 12.80 -11.69 1.21
CA MET A 983 13.52 -12.86 1.69
C MET A 983 13.54 -13.96 0.64
N SER A 984 14.38 -14.96 0.86
CA SER A 984 14.57 -16.04 -0.09
C SER A 984 13.44 -17.05 0.01
N MET A 985 13.52 -18.08 -0.85
CA MET A 985 12.47 -19.09 -0.89
C MET A 985 12.57 -20.05 0.28
N LYS A 986 13.81 -20.41 0.67
CA LYS A 986 14.02 -21.24 1.85
C LYS A 986 13.47 -20.56 3.10
N VAL A 987 13.86 -19.31 3.32
CA VAL A 987 13.45 -18.56 4.51
C VAL A 987 11.94 -18.35 4.50
N LYS A 988 11.36 -18.18 3.32
CA LYS A 988 9.90 -18.11 3.21
C LYS A 988 9.25 -19.43 3.64
N MET A 989 9.85 -20.57 3.28
CA MET A 989 9.27 -21.85 3.66
C MET A 989 9.43 -22.12 5.17
N MET A 990 10.60 -21.83 5.73
CA MET A 990 10.81 -21.98 7.17
C MET A 990 9.91 -21.06 7.97
N LEU A 991 9.77 -19.81 7.54
CA LEU A 991 8.87 -18.89 8.21
C LEU A 991 7.42 -19.32 8.02
N TYR A 992 7.07 -19.96 6.90
CA TYR A 992 5.73 -20.51 6.75
C TYR A 992 5.49 -21.62 7.76
N PHE A 993 6.46 -22.51 7.95
CA PHE A 993 6.34 -23.61 8.90
C PHE A 993 6.16 -23.09 10.32
N ILE A 994 7.09 -22.22 10.76
CA ILE A 994 7.05 -21.67 12.11
C ILE A 994 5.82 -20.77 12.32
N GLU A 995 5.42 -20.04 11.28
CA GLU A 995 4.27 -19.14 11.36
C GLU A 995 2.97 -19.92 11.50
N HIS A 996 2.78 -20.94 10.67
CA HIS A 996 1.50 -21.63 10.60
C HIS A 996 1.41 -22.81 11.55
N THR A 997 2.50 -23.18 12.22
CA THR A 997 2.34 -24.08 13.36
C THR A 997 2.00 -23.34 14.64
N PHE A 998 2.10 -22.01 14.64
CA PHE A 998 1.73 -21.17 15.78
C PHE A 998 0.47 -20.36 15.52
N LYS A 999 0.03 -20.27 14.27
CA LYS A 999 -1.24 -19.64 13.94
C LYS A 999 -2.41 -20.36 14.62
N HIS A 1000 -2.37 -21.69 14.63
CA HIS A 1000 -3.43 -22.44 15.29
C HIS A 1000 -3.30 -22.39 16.82
N VAL A 1001 -2.08 -22.20 17.33
CA VAL A 1001 -1.91 -21.95 18.76
C VAL A 1001 -2.53 -20.62 19.15
N ALA A 1002 -2.33 -19.60 18.32
CA ALA A 1002 -2.94 -18.30 18.58
C ALA A 1002 -4.43 -18.30 18.25
N GLN A 1003 -4.90 -19.24 17.42
CA GLN A 1003 -6.32 -19.32 17.11
C GLN A 1003 -7.12 -19.88 18.27
N SER A 1004 -6.49 -20.67 19.13
CA SER A 1004 -7.16 -21.20 20.31
C SER A 1004 -7.19 -20.21 21.46
N ASP A 1005 -6.48 -19.08 21.34
CA ASP A 1005 -6.46 -18.08 22.40
C ASP A 1005 -7.55 -17.05 22.14
N PRO A 1006 -8.53 -16.90 23.05
CA PRO A 1006 -9.55 -15.87 22.86
C PRO A 1006 -9.04 -14.45 23.04
N SER A 1007 -7.92 -14.27 23.73
CA SER A 1007 -7.34 -12.95 23.94
C SER A 1007 -6.39 -12.53 22.81
N GLU A 1008 -6.30 -13.32 21.75
CA GLU A 1008 -5.40 -13.03 20.64
C GLU A 1008 -6.20 -12.44 19.49
N ALA A 1009 -5.71 -11.32 18.94
CA ALA A 1009 -6.44 -10.60 17.91
C ALA A 1009 -5.91 -10.78 16.50
N ILE A 1010 -4.64 -11.15 16.34
CA ILE A 1010 -4.11 -11.35 14.99
C ILE A 1010 -4.58 -12.65 14.36
N SER A 1011 -5.13 -13.57 15.16
CA SER A 1011 -5.73 -14.79 14.65
C SER A 1011 -7.17 -14.59 14.19
N ILE A 1012 -7.71 -13.39 14.35
CA ILE A 1012 -9.06 -13.09 13.89
C ILE A 1012 -9.03 -12.99 12.36
N SER A 1013 -9.96 -13.69 11.71
CA SER A 1013 -10.04 -13.72 10.26
C SER A 1013 -10.45 -12.34 9.74
N GLY A 1014 -9.50 -11.62 9.16
CA GLY A 1014 -9.77 -10.28 8.67
C GLY A 1014 -9.82 -9.25 9.79
N ASP A 1015 -10.25 -8.05 9.42
CA ASP A 1015 -10.42 -6.94 10.34
C ASP A 1015 -11.83 -6.86 10.90
N ASN A 1016 -12.68 -7.86 10.59
CA ASN A 1016 -14.11 -7.79 10.93
C ASN A 1016 -14.34 -7.82 12.43
N LYS A 1017 -13.74 -8.79 13.13
CA LYS A 1017 -14.00 -8.96 14.54
C LYS A 1017 -13.00 -8.22 15.42
N ILE A 1018 -12.10 -7.44 14.82
CA ILE A 1018 -11.10 -6.68 15.60
C ILE A 1018 -11.81 -5.65 16.49
N ARG A 1019 -12.81 -4.98 15.95
CA ARG A 1019 -13.65 -4.10 16.77
C ARG A 1019 -14.51 -4.89 17.74
N ALA A 1020 -14.91 -6.11 17.35
CA ALA A 1020 -15.81 -6.91 18.18
C ALA A 1020 -15.13 -7.38 19.46
N LEU A 1021 -13.87 -7.81 19.39
CA LEU A 1021 -13.17 -8.22 20.60
C LEU A 1021 -12.94 -7.05 21.55
N SER A 1022 -12.67 -5.86 21.01
CA SER A 1022 -12.57 -4.67 21.86
C SER A 1022 -13.92 -4.34 22.50
N THR A 1023 -15.01 -4.58 21.76
CA THR A 1023 -16.34 -4.39 22.33
C THR A 1023 -16.61 -5.34 23.49
N LEU A 1024 -16.21 -6.62 23.36
CA LEU A 1024 -16.34 -7.54 24.50
C LEU A 1024 -15.43 -7.14 25.65
N SER A 1025 -14.19 -6.71 25.34
CA SER A 1025 -13.25 -6.32 26.39
C SER A 1025 -13.70 -5.07 27.14
N LEU A 1026 -14.56 -4.25 26.52
CA LEU A 1026 -15.23 -3.20 27.28
C LEU A 1026 -16.45 -3.71 28.03
N ASP A 1027 -17.26 -4.56 27.36
CA ASP A 1027 -18.59 -4.89 27.89
C ASP A 1027 -18.51 -5.76 29.13
N THR A 1028 -17.70 -6.83 29.10
CA THR A 1028 -17.59 -7.68 30.28
C THR A 1028 -16.87 -6.99 31.43
N ILE A 1029 -15.90 -6.12 31.13
CA ILE A 1029 -15.22 -5.35 32.17
C ILE A 1029 -16.20 -4.40 32.87
N THR A 1030 -17.02 -3.69 32.09
CA THR A 1030 -17.98 -2.76 32.68
C THR A 1030 -19.08 -3.50 33.45
N SER A 1031 -19.53 -4.64 32.91
CA SER A 1031 -20.55 -5.43 33.60
C SER A 1031 -20.03 -6.00 34.91
N TYR A 1032 -18.78 -6.46 34.93
CA TYR A 1032 -18.21 -7.00 36.16
C TYR A 1032 -17.95 -5.89 37.19
N ASN A 1033 -17.56 -4.69 36.72
CA ASN A 1033 -17.41 -3.58 37.65
C ASN A 1033 -18.74 -3.16 38.23
N ASP A 1034 -19.82 -3.23 37.43
CA ASP A 1034 -21.15 -2.98 37.95
C ASP A 1034 -21.61 -4.10 38.89
N ILE A 1035 -21.08 -5.31 38.75
CA ILE A 1035 -21.53 -6.42 39.59
C ILE A 1035 -20.71 -6.60 40.87
N LEU A 1036 -19.51 -6.02 40.96
CA LEU A 1036 -18.68 -6.25 42.14
C LEU A 1036 -18.68 -5.07 43.11
N ASN A 1037 -18.54 -3.84 42.61
CA ASN A 1037 -18.34 -2.68 43.47
C ASN A 1037 -19.57 -2.30 44.29
N LYS A 1038 -20.72 -2.90 44.03
CA LYS A 1038 -21.95 -2.63 44.75
C LYS A 1038 -22.16 -3.54 45.95
N ASN A 1039 -21.20 -4.41 46.27
CA ASN A 1039 -21.41 -5.44 47.28
C ASN A 1039 -20.56 -5.25 48.54
N SER A 1040 -19.23 -5.27 48.41
CA SER A 1040 -18.39 -5.29 49.61
C SER A 1040 -17.37 -4.16 49.66
N LYS A 1041 -16.57 -3.99 48.61
CA LYS A 1041 -15.42 -3.09 48.65
C LYS A 1041 -15.51 -2.06 47.53
N LYS A 1042 -14.45 -1.28 47.37
CA LYS A 1042 -14.34 -0.27 46.33
C LYS A 1042 -13.48 -0.80 45.18
N SER A 1043 -13.73 -0.25 44.00
CA SER A 1043 -13.02 -0.66 42.80
C SER A 1043 -12.61 0.57 42.00
N ARG A 1044 -11.44 0.48 41.36
CA ARG A 1044 -10.93 1.54 40.50
C ARG A 1044 -10.58 0.94 39.14
N LEU A 1045 -11.06 1.56 38.07
CA LEU A 1045 -10.82 1.09 36.72
C LEU A 1045 -9.46 1.57 36.20
N ALA A 1046 -8.93 0.81 35.24
CA ALA A 1046 -7.69 1.20 34.58
C ALA A 1046 -7.64 0.51 33.21
N PHE A 1047 -7.85 1.28 32.16
CA PHE A 1047 -7.71 0.79 30.79
C PHE A 1047 -6.35 1.22 30.26
N LEU A 1048 -5.63 0.29 29.65
CA LEU A 1048 -4.33 0.57 29.05
C LEU A 1048 -4.42 0.43 27.54
N SER A 1049 -3.84 1.39 26.83
CA SER A 1049 -3.87 1.39 25.37
C SER A 1049 -2.45 1.40 24.83
N ALA A 1050 -1.61 0.50 25.33
CA ALA A 1050 -0.18 0.54 25.06
C ALA A 1050 0.14 0.15 23.62
N ASP A 1051 1.27 0.65 23.14
CA ASP A 1051 1.87 0.22 21.88
C ASP A 1051 3.37 0.16 22.10
N GLN A 1052 3.96 -1.00 21.89
CA GLN A 1052 5.36 -1.21 22.23
C GLN A 1052 6.27 -0.56 21.19
N SER A 1053 7.45 -0.15 21.64
CA SER A 1053 8.44 0.48 20.79
C SER A 1053 9.53 -0.51 20.47
N LYS A 1054 9.92 -0.56 19.18
CA LYS A 1054 10.90 -1.49 18.64
C LYS A 1054 10.53 -2.93 18.99
N TRP A 1055 9.36 -3.34 18.47
CA TRP A 1055 8.82 -4.66 18.76
C TRP A 1055 9.70 -5.77 18.18
N SER A 1056 10.40 -5.49 17.10
CA SER A 1056 11.29 -6.46 16.46
C SER A 1056 12.76 -6.14 16.66
N ALA A 1057 13.13 -4.86 16.69
CA ALA A 1057 14.54 -4.48 16.76
C ALA A 1057 15.12 -4.71 18.15
N SER A 1058 14.38 -4.34 19.19
CA SER A 1058 14.86 -4.46 20.56
C SER A 1058 14.54 -5.81 21.18
N ASP A 1059 13.92 -6.72 20.43
CA ASP A 1059 13.47 -7.99 20.96
C ASP A 1059 14.59 -9.02 20.94
N LEU A 1060 14.73 -9.75 22.04
CA LEU A 1060 15.56 -10.94 22.05
C LEU A 1060 14.86 -12.04 21.27
N THR A 1061 15.62 -12.74 20.43
CA THR A 1061 15.03 -13.76 19.57
C THR A 1061 15.22 -15.16 20.13
N TYR A 1062 16.27 -15.39 20.91
CA TYR A 1062 16.56 -16.70 21.49
C TYR A 1062 15.51 -17.17 22.50
N LYS A 1063 14.65 -16.28 22.98
CA LYS A 1063 13.54 -16.70 23.84
C LYS A 1063 12.46 -17.45 23.08
N TYR A 1064 12.44 -17.39 21.75
CA TYR A 1064 11.47 -18.13 20.97
C TYR A 1064 11.80 -19.62 20.90
N VAL A 1065 13.04 -20.01 21.20
CA VAL A 1065 13.39 -21.42 21.29
C VAL A 1065 12.68 -22.06 22.48
N LEU A 1066 12.54 -21.30 23.57
CA LEU A 1066 11.83 -21.80 24.75
C LEU A 1066 10.34 -21.98 24.48
N ALA A 1067 9.77 -21.20 23.57
CA ALA A 1067 8.39 -21.37 23.16
C ALA A 1067 8.19 -22.58 22.26
N ILE A 1068 9.26 -23.11 21.66
CA ILE A 1068 9.18 -24.26 20.78
C ILE A 1068 9.48 -25.56 21.51
N ILE A 1069 10.43 -25.53 22.45
CA ILE A 1069 10.74 -26.71 23.26
C ILE A 1069 9.54 -27.12 24.10
N LEU A 1070 8.87 -26.14 24.70
CA LEU A 1070 7.73 -26.42 25.57
C LEU A 1070 6.44 -26.66 24.80
N ASN A 1071 6.46 -26.59 23.47
CA ASN A 1071 5.26 -26.82 22.67
C ASN A 1071 4.88 -28.30 22.70
N PRO A 1072 3.69 -28.65 23.19
CA PRO A 1072 3.29 -30.06 23.20
C PRO A 1072 2.76 -30.56 21.87
N ILE A 1073 2.32 -29.66 21.00
CA ILE A 1073 1.70 -30.05 19.72
C ILE A 1073 2.85 -30.15 18.69
N LEU A 1074 3.62 -31.22 18.84
CA LEU A 1074 4.89 -31.32 18.12
C LEU A 1074 5.44 -32.74 18.25
N THR A 1075 6.63 -32.92 17.73
CA THR A 1075 7.37 -34.17 17.68
C THR A 1075 8.82 -33.81 17.94
N THR A 1076 9.57 -34.72 18.56
CA THR A 1076 10.97 -34.44 18.89
C THR A 1076 11.86 -34.30 17.66
N GLY A 1077 11.39 -34.69 16.47
CA GLY A 1077 12.09 -34.41 15.24
C GLY A 1077 11.71 -33.07 14.64
N GLU A 1078 10.40 -32.76 14.64
CA GLU A 1078 9.95 -31.47 14.14
C GLU A 1078 10.40 -30.31 15.03
N ALA A 1079 10.44 -30.56 16.35
CA ALA A 1079 10.94 -29.55 17.27
C ALA A 1079 12.40 -29.24 17.01
N SER A 1080 13.20 -30.28 16.73
CA SER A 1080 14.60 -30.07 16.39
C SER A 1080 14.75 -29.31 15.08
N LEU A 1081 13.87 -29.58 14.12
CA LEU A 1081 13.89 -28.84 12.85
C LEU A 1081 13.57 -27.37 13.06
N MET A 1082 12.57 -27.06 13.89
CA MET A 1082 12.22 -25.66 14.13
C MET A 1082 13.28 -24.93 14.93
N ILE A 1083 13.88 -25.61 15.92
CA ILE A 1083 14.94 -25.00 16.72
C ILE A 1083 16.17 -24.72 15.84
N GLU A 1084 16.53 -25.66 14.97
CA GLU A 1084 17.65 -25.45 14.06
C GLU A 1084 17.34 -24.37 13.03
N CYS A 1085 16.08 -24.28 12.60
CA CYS A 1085 15.66 -23.21 11.69
C CYS A 1085 15.81 -21.83 12.33
N ILE A 1086 15.35 -21.69 13.58
CA ILE A 1086 15.46 -20.41 14.27
C ILE A 1086 16.92 -20.08 14.60
N LEU A 1087 17.71 -21.09 14.93
CA LEU A 1087 19.12 -20.87 15.23
C LEU A 1087 19.91 -20.43 14.00
N MET A 1088 19.60 -21.00 12.83
CA MET A 1088 20.27 -20.52 11.62
C MET A 1088 19.70 -19.18 11.16
N TYR A 1089 18.43 -18.90 11.49
CA TYR A 1089 17.87 -17.59 11.19
C TYR A 1089 18.49 -16.49 12.05
N VAL A 1090 18.96 -16.84 13.24
CA VAL A 1090 19.66 -15.88 14.07
C VAL A 1090 21.13 -15.77 13.68
N LYS A 1091 21.81 -16.92 13.57
CA LYS A 1091 23.26 -16.93 13.48
C LYS A 1091 23.80 -16.63 12.08
N LEU A 1092 22.96 -16.68 11.05
CA LEU A 1092 23.45 -16.56 9.68
C LEU A 1092 22.74 -15.49 8.85
N LYS A 1093 21.81 -14.74 9.43
CA LYS A 1093 21.08 -13.73 8.66
C LYS A 1093 21.96 -12.51 8.42
N LYS A 1094 21.77 -11.91 7.24
CA LYS A 1094 22.49 -10.71 6.84
C LYS A 1094 21.59 -9.88 5.95
N VAL A 1095 21.93 -8.60 5.82
CA VAL A 1095 21.17 -7.66 5.02
C VAL A 1095 22.08 -7.08 3.95
N CYS A 1096 21.63 -7.15 2.69
CA CYS A 1096 22.40 -6.65 1.55
C CYS A 1096 21.78 -5.34 1.07
N ILE A 1097 22.54 -4.27 1.13
CA ILE A 1097 22.11 -2.97 0.60
C ILE A 1097 22.10 -3.04 -0.92
N PRO A 1098 21.14 -2.42 -1.61
CA PRO A 1098 21.12 -2.43 -3.08
C PRO A 1098 22.31 -1.70 -3.68
N THR A 1099 22.50 -1.91 -4.99
CA THR A 1099 23.73 -1.50 -5.67
C THR A 1099 23.86 0.02 -5.75
N ASP A 1100 22.79 0.70 -6.19
CA ASP A 1100 22.85 2.15 -6.37
C ASP A 1100 23.00 2.87 -5.03
N ILE A 1101 22.28 2.38 -4.01
CA ILE A 1101 22.36 2.98 -2.68
C ILE A 1101 23.75 2.81 -2.09
N PHE A 1102 24.30 1.59 -2.19
CA PHE A 1102 25.62 1.32 -1.64
C PHE A 1102 26.70 2.07 -2.40
N LEU A 1103 26.54 2.23 -3.71
CA LEU A 1103 27.48 3.05 -4.48
C LEU A 1103 27.38 4.52 -4.08
N ASN A 1104 26.18 5.00 -3.76
CA ASN A 1104 26.00 6.37 -3.28
C ASN A 1104 26.71 6.59 -1.95
N LEU A 1105 26.51 5.66 -0.99
CA LEU A 1105 27.22 5.81 0.28
C LEU A 1105 28.72 5.61 0.13
N ARG A 1106 29.15 4.77 -0.81
CA ARG A 1106 30.59 4.56 -1.03
C ARG A 1106 31.24 5.81 -1.61
N LYS A 1107 30.59 6.46 -2.59
CA LYS A 1107 31.18 7.68 -3.14
C LYS A 1107 31.10 8.85 -2.15
N ALA A 1108 30.03 8.91 -1.34
CA ALA A 1108 29.95 9.95 -0.30
C ALA A 1108 31.02 9.74 0.76
N GLN A 1109 31.26 8.49 1.16
CA GLN A 1109 32.31 8.15 2.10
C GLN A 1109 33.70 8.37 1.54
N GLY A 1110 33.88 8.18 0.23
CA GLY A 1110 35.17 8.50 -0.39
C GLY A 1110 35.44 9.99 -0.43
N THR A 1111 34.42 10.79 -0.75
CA THR A 1111 34.62 12.24 -0.79
C THR A 1111 34.74 12.86 0.59
N PHE A 1112 34.02 12.33 1.58
CA PHE A 1112 34.02 12.90 2.93
C PHE A 1112 35.08 12.22 3.79
N GLY A 1113 35.00 12.42 5.10
CA GLY A 1113 35.95 11.94 6.08
C GLY A 1113 35.85 10.48 6.46
N GLN A 1114 35.09 9.68 5.70
CA GLN A 1114 35.03 8.22 5.81
C GLN A 1114 34.51 7.76 7.17
N ASN A 1115 33.42 8.38 7.63
CA ASN A 1115 32.74 7.97 8.85
C ASN A 1115 31.25 7.82 8.58
N GLU A 1116 30.67 6.76 9.13
CA GLU A 1116 29.23 6.51 9.04
C GLU A 1116 28.68 6.20 10.42
N THR A 1117 27.35 6.27 10.53
CA THR A 1117 26.66 6.07 11.80
C THR A 1117 26.82 4.66 12.34
N ALA A 1118 26.26 3.68 11.63
CA ALA A 1118 26.35 2.29 12.07
C ALA A 1118 26.72 1.37 10.92
N ILE A 1119 26.33 1.75 9.71
CA ILE A 1119 26.57 0.92 8.52
C ILE A 1119 28.05 0.85 8.21
N GLY A 1120 28.78 1.95 8.42
CA GLY A 1120 30.21 1.94 8.21
C GLY A 1120 30.94 1.06 9.21
N LEU A 1121 30.50 1.07 10.47
CA LEU A 1121 31.14 0.24 11.48
C LEU A 1121 30.80 -1.23 11.30
N LEU A 1122 29.58 -1.54 10.85
CA LEU A 1122 29.19 -2.94 10.66
C LEU A 1122 29.83 -3.53 9.41
N THR A 1123 30.09 -2.72 8.39
CA THR A 1123 30.63 -3.19 7.12
C THR A 1123 32.13 -2.93 7.00
N LYS A 1124 32.83 -2.81 8.13
CA LYS A 1124 34.29 -2.67 8.20
C LYS A 1124 34.79 -1.44 7.44
N GLY A 1125 34.05 -0.35 7.54
CA GLY A 1125 34.42 0.86 6.83
C GLY A 1125 33.83 0.99 5.45
N LEU A 1126 32.61 0.47 5.24
CA LEU A 1126 31.91 0.44 3.94
C LEU A 1126 32.71 -0.28 2.86
N THR A 1127 33.56 -1.23 3.27
CA THR A 1127 34.34 -2.03 2.33
C THR A 1127 33.64 -3.33 1.95
N THR A 1128 32.47 -3.59 2.53
CA THR A 1128 31.66 -4.74 2.18
C THR A 1128 30.19 -4.32 2.21
N ASN A 1129 29.33 -5.17 1.67
CA ASN A 1129 27.92 -4.85 1.52
C ASN A 1129 27.04 -5.47 2.59
N THR A 1130 27.28 -6.74 2.94
CA THR A 1130 26.41 -7.44 3.86
C THR A 1130 26.81 -7.14 5.30
N TYR A 1131 25.87 -6.60 6.08
CA TYR A 1131 26.13 -6.38 7.49
C TYR A 1131 25.24 -7.28 8.34
N PRO A 1132 25.74 -7.80 9.45
CA PRO A 1132 24.98 -8.80 10.22
C PRO A 1132 23.81 -8.17 10.97
N VAL A 1133 22.64 -8.78 10.82
CA VAL A 1133 21.45 -8.46 11.61
C VAL A 1133 20.99 -9.79 12.20
N SER A 1134 21.40 -10.04 13.45
CA SER A 1134 21.19 -11.34 14.08
C SER A 1134 19.96 -11.37 14.98
N MET A 1135 19.96 -10.59 16.06
CA MET A 1135 18.86 -10.61 17.02
C MET A 1135 17.83 -9.54 16.70
N ASN A 1136 17.41 -9.53 15.44
CA ASN A 1136 16.34 -8.65 14.96
C ASN A 1136 15.67 -9.40 13.81
N TRP A 1137 14.62 -10.15 14.13
CA TRP A 1137 13.75 -10.69 13.09
C TRP A 1137 13.02 -9.54 12.43
N LEU A 1138 12.88 -9.61 11.11
CA LEU A 1138 12.27 -8.52 10.38
C LEU A 1138 10.77 -8.47 10.66
N GLN A 1139 10.20 -7.27 10.55
CA GLN A 1139 8.82 -7.06 10.96
C GLN A 1139 7.85 -7.77 10.02
N GLY A 1140 6.90 -8.50 10.59
CA GLY A 1140 5.97 -9.29 9.84
C GLY A 1140 6.37 -10.74 9.64
N ASN A 1141 7.60 -11.10 10.01
CA ASN A 1141 8.07 -12.47 9.82
C ASN A 1141 7.65 -13.41 10.94
N LEU A 1142 7.48 -12.91 12.16
CA LEU A 1142 7.09 -13.71 13.31
C LEU A 1142 5.88 -13.10 13.99
N ASN A 1143 4.86 -12.77 13.19
CA ASN A 1143 3.73 -12.00 13.69
C ASN A 1143 2.75 -12.81 14.54
N TYR A 1144 2.82 -14.14 14.50
CA TYR A 1144 1.99 -14.96 15.38
C TYR A 1144 2.75 -15.46 16.60
N LEU A 1145 4.04 -15.77 16.45
CA LEU A 1145 4.83 -16.26 17.57
C LEU A 1145 5.07 -15.14 18.58
N SER A 1146 5.36 -13.93 18.11
CA SER A 1146 5.54 -12.80 19.02
C SER A 1146 4.24 -12.42 19.70
N SER A 1147 3.10 -12.58 19.02
CA SER A 1147 1.82 -12.33 19.67
C SER A 1147 1.49 -13.40 20.70
N VAL A 1148 1.89 -14.65 20.44
CA VAL A 1148 1.75 -15.72 21.41
C VAL A 1148 2.59 -15.43 22.65
N TYR A 1149 3.83 -14.96 22.44
CA TYR A 1149 4.71 -14.60 23.55
C TYR A 1149 4.17 -13.40 24.32
N HIS A 1150 3.54 -12.45 23.62
CA HIS A 1150 2.93 -11.29 24.27
C HIS A 1150 1.75 -11.71 25.16
N SER A 1151 0.90 -12.62 24.66
CA SER A 1151 -0.22 -13.10 25.46
C SER A 1151 0.26 -13.94 26.64
N CYS A 1152 1.34 -14.70 26.44
CA CYS A 1152 1.94 -15.45 27.54
C CYS A 1152 2.50 -14.51 28.61
N ALA A 1153 3.11 -13.40 28.17
CA ALA A 1153 3.60 -12.39 29.10
C ALA A 1153 2.47 -11.74 29.88
N MET A 1154 1.33 -11.52 29.23
CA MET A 1154 0.20 -10.93 29.94
C MET A 1154 -0.42 -11.91 30.93
N LYS A 1155 -0.48 -13.19 30.58
CA LYS A 1155 -0.94 -14.20 31.53
C LYS A 1155 0.01 -14.32 32.72
N ALA A 1156 1.32 -14.18 32.47
CA ALA A 1156 2.28 -14.14 33.56
C ALA A 1156 2.13 -12.89 34.41
N TYR A 1157 1.73 -11.76 33.80
CA TYR A 1157 1.44 -10.55 34.55
C TYR A 1157 0.26 -10.77 35.50
N HIS A 1158 -0.80 -11.42 35.01
CA HIS A 1158 -1.95 -11.71 35.86
C HIS A 1158 -1.59 -12.68 36.99
N LYS A 1159 -0.78 -13.70 36.67
CA LYS A 1159 -0.35 -14.65 37.70
C LYS A 1159 0.58 -13.98 38.72
N THR A 1160 1.39 -13.02 38.30
CA THR A 1160 2.24 -12.28 39.22
C THR A 1160 1.42 -11.38 40.12
N LEU A 1161 0.43 -10.68 39.56
CA LEU A 1161 -0.40 -9.80 40.37
C LEU A 1161 -1.34 -10.57 41.29
N GLU A 1162 -1.61 -11.85 40.98
CA GLU A 1162 -2.38 -12.67 41.91
C GLU A 1162 -1.60 -13.05 43.17
N CYS A 1163 -0.29 -12.79 43.22
CA CYS A 1163 0.50 -13.06 44.41
C CYS A 1163 0.39 -11.98 45.48
N TYR A 1164 -0.27 -10.87 45.19
CA TYR A 1164 -0.50 -9.85 46.21
C TYR A 1164 -1.52 -10.36 47.23
N LYS A 1165 -1.25 -10.10 48.50
CA LYS A 1165 -1.99 -10.78 49.57
C LYS A 1165 -3.37 -10.18 49.79
N ASP A 1166 -3.43 -8.94 50.25
CA ASP A 1166 -4.72 -8.33 50.63
C ASP A 1166 -5.32 -7.50 49.51
N CYS A 1167 -5.43 -8.07 48.32
CA CYS A 1167 -6.06 -7.42 47.17
C CYS A 1167 -6.42 -8.47 46.14
N ASP A 1168 -7.49 -8.21 45.38
CA ASP A 1168 -7.91 -9.09 44.29
C ASP A 1168 -7.78 -8.34 42.97
N PHE A 1169 -7.06 -8.94 42.02
CA PHE A 1169 -6.86 -8.37 40.71
C PHE A 1169 -7.34 -9.35 39.65
N GLN A 1170 -8.10 -8.84 38.68
CA GLN A 1170 -8.42 -9.61 37.49
C GLN A 1170 -8.14 -8.77 36.25
N THR A 1171 -7.45 -9.36 35.29
CA THR A 1171 -6.90 -8.66 34.14
C THR A 1171 -7.51 -9.23 32.86
N ARG A 1172 -7.90 -8.34 31.96
CA ARG A 1172 -8.34 -8.71 30.62
C ARG A 1172 -7.46 -7.99 29.62
N TRP A 1173 -6.89 -8.73 28.68
CA TRP A 1173 -5.94 -8.18 27.74
C TRP A 1173 -6.26 -8.68 26.33
N ILE A 1174 -5.84 -7.90 25.35
CA ILE A 1174 -6.06 -8.24 23.95
C ILE A 1174 -4.77 -7.93 23.21
N VAL A 1175 -4.26 -8.91 22.45
CA VAL A 1175 -2.93 -8.83 21.85
C VAL A 1175 -3.06 -8.96 20.34
N HIS A 1176 -2.49 -8.00 19.61
CA HIS A 1176 -2.31 -8.07 18.15
C HIS A 1176 -0.89 -7.60 17.86
N SER A 1177 0.06 -8.55 17.94
CA SER A 1177 1.48 -8.33 17.69
C SER A 1177 2.05 -7.22 18.56
N ASP A 1178 2.09 -6.01 18.01
CA ASP A 1178 2.69 -4.86 18.66
C ASP A 1178 1.75 -4.19 19.65
N ASP A 1179 0.44 -4.36 19.50
CA ASP A 1179 -0.54 -3.56 20.21
C ASP A 1179 -0.94 -4.23 21.53
N ASN A 1180 -1.77 -3.53 22.31
CA ASN A 1180 -2.26 -4.01 23.61
C ASN A 1180 -3.51 -3.25 24.00
N ALA A 1181 -4.44 -3.92 24.67
CA ALA A 1181 -5.70 -3.31 25.11
C ALA A 1181 -6.05 -3.79 26.52
N THR A 1182 -5.06 -3.73 27.42
CA THR A 1182 -5.21 -4.27 28.77
C THR A 1182 -6.20 -3.46 29.60
N SER A 1183 -7.08 -4.19 30.30
CA SER A 1183 -7.92 -3.62 31.35
C SER A 1183 -7.58 -4.29 32.67
N LEU A 1184 -7.84 -3.59 33.76
CA LEU A 1184 -7.57 -4.13 35.10
C LEU A 1184 -8.50 -3.46 36.09
N ILE A 1185 -9.08 -4.28 36.98
CA ILE A 1185 -10.00 -3.81 38.00
C ILE A 1185 -9.49 -4.31 39.35
N ALA A 1186 -9.10 -3.38 40.22
CA ALA A 1186 -8.61 -3.74 41.54
C ALA A 1186 -9.74 -3.71 42.56
N SER A 1187 -9.52 -4.41 43.67
CA SER A 1187 -10.49 -4.46 44.74
C SER A 1187 -9.78 -4.73 46.06
N GLY A 1188 -10.43 -4.37 47.16
CA GLY A 1188 -9.86 -4.56 48.47
C GLY A 1188 -9.30 -3.30 49.09
N GLU A 1189 -8.14 -3.40 49.75
CA GLU A 1189 -7.49 -2.26 50.37
C GLU A 1189 -6.68 -1.53 49.30
N VAL A 1190 -7.38 -0.68 48.55
CA VAL A 1190 -6.76 -0.01 47.40
C VAL A 1190 -5.80 1.07 47.85
N ASP A 1191 -6.12 1.77 48.94
CA ASP A 1191 -5.35 2.94 49.34
C ASP A 1191 -3.95 2.58 49.84
N LYS A 1192 -3.81 1.44 50.54
CA LYS A 1192 -2.49 1.01 50.97
C LYS A 1192 -1.66 0.47 49.80
N MET A 1193 -2.28 -0.31 48.93
CA MET A 1193 -1.55 -0.91 47.84
C MET A 1193 -1.16 0.09 46.75
N LEU A 1194 -1.88 1.21 46.65
CA LEU A 1194 -1.53 2.22 45.64
C LEU A 1194 -0.20 2.89 45.98
N THR A 1195 0.04 3.19 47.26
CA THR A 1195 1.35 3.67 47.65
C THR A 1195 2.35 2.55 47.88
N ASP A 1196 1.90 1.29 47.97
CA ASP A 1196 2.83 0.18 47.87
C ASP A 1196 3.41 0.09 46.47
N PHE A 1197 2.60 0.34 45.45
CA PHE A 1197 3.05 0.33 44.07
C PHE A 1197 3.59 1.67 43.60
N SER A 1198 3.67 2.66 44.50
CA SER A 1198 4.22 4.01 44.24
C SER A 1198 3.45 4.71 43.13
N SER A 1199 2.18 4.98 43.39
CA SER A 1199 1.32 5.66 42.44
C SER A 1199 0.24 6.42 43.20
N SER A 1200 -0.70 7.02 42.46
CA SER A 1200 -1.79 7.78 43.05
C SER A 1200 -3.17 7.29 42.63
N SER A 1201 -3.28 6.58 41.51
CA SER A 1201 -4.55 6.03 41.06
C SER A 1201 -4.29 4.77 40.27
N LEU A 1202 -5.37 4.06 39.95
CA LEU A 1202 -5.26 2.81 39.20
C LEU A 1202 -4.68 2.94 37.79
N PRO A 1203 -5.02 3.95 36.95
CA PRO A 1203 -4.29 4.08 35.68
C PRO A 1203 -2.81 4.33 35.84
N GLU A 1204 -2.40 5.11 36.86
CA GLU A 1204 -0.99 5.30 37.13
C GLU A 1204 -0.34 4.00 37.60
N MET A 1205 -1.07 3.24 38.42
CA MET A 1205 -0.64 1.90 38.83
C MET A 1205 -0.40 0.99 37.63
N LEU A 1206 -1.35 0.98 36.70
CA LEU A 1206 -1.24 0.09 35.54
C LEU A 1206 -0.10 0.51 34.62
N PHE A 1207 0.03 1.81 34.38
CA PHE A 1207 1.09 2.30 33.49
C PHE A 1207 2.47 2.10 34.10
N ARG A 1208 2.58 2.10 35.43
CA ARG A 1208 3.88 1.81 36.04
C ARG A 1208 4.15 0.32 36.13
N SER A 1209 3.17 -0.47 36.59
CA SER A 1209 3.34 -1.89 36.83
C SER A 1209 3.53 -2.70 35.56
N ILE A 1210 2.76 -2.42 34.50
CA ILE A 1210 2.92 -3.15 33.25
C ILE A 1210 4.24 -2.80 32.59
N GLU A 1211 4.66 -1.54 32.68
CA GLU A 1211 5.97 -1.13 32.16
C GLU A 1211 7.11 -1.80 32.91
N ALA A 1212 6.97 -1.96 34.23
CA ALA A 1212 8.00 -2.66 34.99
C ALA A 1212 7.97 -4.16 34.73
N HIS A 1213 6.79 -4.73 34.47
CA HIS A 1213 6.68 -6.17 34.25
C HIS A 1213 7.20 -6.57 32.87
N PHE A 1214 6.93 -5.74 31.86
CA PHE A 1214 7.31 -6.07 30.48
C PHE A 1214 8.81 -6.10 30.26
N LYS A 1215 9.59 -5.45 31.13
CA LYS A 1215 11.04 -5.45 30.98
C LYS A 1215 11.65 -6.82 31.25
N SER A 1216 10.94 -7.69 31.97
CA SER A 1216 11.40 -9.06 32.18
C SER A 1216 11.03 -9.99 31.04
N PHE A 1217 10.27 -9.50 30.04
CA PHE A 1217 9.87 -10.31 28.90
C PHE A 1217 10.37 -9.72 27.58
N CYS A 1218 11.39 -8.86 27.65
CA CYS A 1218 12.00 -8.17 26.50
C CYS A 1218 10.97 -7.39 25.68
N ILE A 1219 10.02 -6.79 26.38
CA ILE A 1219 8.99 -5.95 25.78
C ILE A 1219 9.18 -4.54 26.31
N THR A 1220 9.36 -3.58 25.40
CA THR A 1220 9.66 -2.20 25.77
C THR A 1220 8.42 -1.35 25.55
N LEU A 1221 7.88 -0.83 26.65
CA LEU A 1221 6.73 0.07 26.58
C LEU A 1221 7.22 1.52 26.49
N ASN A 1222 6.70 2.27 25.53
CA ASN A 1222 7.14 3.62 25.27
C ASN A 1222 6.13 4.62 25.80
N PRO A 1223 6.53 5.58 26.63
CA PRO A 1223 5.61 6.62 27.13
C PRO A 1223 5.31 7.73 26.13
N LYS A 1224 5.01 7.36 24.89
CA LYS A 1224 4.57 8.32 23.87
C LYS A 1224 3.16 8.00 23.37
N LYS A 1225 2.93 6.80 22.86
CA LYS A 1225 1.62 6.38 22.40
C LYS A 1225 0.89 5.50 23.40
N SER A 1226 1.51 5.21 24.54
CA SER A 1226 0.91 4.36 25.57
C SER A 1226 0.32 5.27 26.64
N TYR A 1227 -1.00 5.28 26.74
CA TYR A 1227 -1.70 6.04 27.75
C TYR A 1227 -2.58 5.12 28.59
N ALA A 1228 -2.93 5.58 29.78
CA ALA A 1228 -3.78 4.84 30.70
C ALA A 1228 -4.89 5.75 31.17
N SER A 1229 -6.13 5.28 31.07
CA SER A 1229 -7.30 6.05 31.48
C SER A 1229 -8.31 5.14 32.14
N SER A 1230 -9.26 5.74 32.84
CA SER A 1230 -10.29 4.99 33.56
C SER A 1230 -11.56 4.79 32.76
N SER A 1231 -11.67 5.40 31.57
CA SER A 1231 -12.88 5.26 30.78
C SER A 1231 -12.65 5.05 29.30
N GLU A 1232 -11.42 5.21 28.80
CA GLU A 1232 -11.15 5.20 27.36
C GLU A 1232 -10.06 4.19 27.07
N VAL A 1233 -10.27 3.38 26.03
CA VAL A 1233 -9.22 2.50 25.52
C VAL A 1233 -9.12 2.73 24.01
N GLU A 1234 -7.97 2.41 23.46
CA GLU A 1234 -7.76 2.38 22.01
C GLU A 1234 -7.00 1.10 21.69
N PHE A 1235 -7.28 0.52 20.53
CA PHE A 1235 -6.61 -0.72 20.14
C PHE A 1235 -5.71 -0.55 18.94
N ILE A 1236 -6.24 -0.21 17.77
CA ILE A 1236 -5.40 0.04 16.60
C ILE A 1236 -5.74 1.41 16.06
N SER A 1237 -6.99 1.56 15.63
CA SER A 1237 -7.56 2.86 15.34
C SER A 1237 -8.97 3.02 15.90
N GLU A 1238 -9.69 1.93 16.14
CA GLU A 1238 -10.98 1.99 16.80
C GLU A 1238 -10.80 2.31 18.27
N ARG A 1239 -11.86 2.85 18.88
CA ARG A 1239 -11.76 3.42 20.21
C ARG A 1239 -13.16 3.48 20.81
N ILE A 1240 -13.31 2.93 22.01
CA ILE A 1240 -14.61 2.81 22.67
C ILE A 1240 -14.50 3.40 24.07
N VAL A 1241 -15.43 4.28 24.41
CA VAL A 1241 -15.45 4.98 25.69
C VAL A 1241 -16.76 4.65 26.40
N ASN A 1242 -16.64 3.98 27.56
CA ASN A 1242 -17.77 3.69 28.46
C ASN A 1242 -18.90 2.92 27.78
N GLY A 1243 -18.54 1.90 27.01
CA GLY A 1243 -19.53 1.07 26.36
C GLY A 1243 -20.07 1.62 25.05
N ALA A 1244 -19.60 2.77 24.61
CA ALA A 1244 -19.98 3.36 23.33
C ALA A 1244 -18.73 3.64 22.52
N ILE A 1245 -18.81 3.43 21.21
CA ILE A 1245 -17.65 3.50 20.34
C ILE A 1245 -17.68 4.80 19.55
N ILE A 1246 -16.59 5.56 19.64
CA ILE A 1246 -16.39 6.75 18.80
C ILE A 1246 -16.06 6.29 17.38
N PRO A 1247 -16.72 6.83 16.34
CA PRO A 1247 -16.63 6.19 15.01
C PRO A 1247 -15.26 6.20 14.34
N LEU A 1248 -14.62 7.37 14.23
CA LEU A 1248 -13.32 7.55 13.58
C LEU A 1248 -13.35 7.08 12.12
N TYR A 1249 -14.12 7.82 11.32
CA TYR A 1249 -14.18 7.64 9.88
C TYR A 1249 -13.11 8.43 9.14
N CYS A 1250 -12.09 8.92 9.85
CA CYS A 1250 -11.10 9.84 9.28
C CYS A 1250 -10.19 9.14 8.30
N ARG A 1251 -9.84 7.88 8.59
CA ARG A 1251 -8.91 7.13 7.74
C ARG A 1251 -9.51 6.90 6.36
N HIS A 1252 -10.78 6.54 6.30
CA HIS A 1252 -11.44 6.29 5.02
C HIS A 1252 -11.66 7.58 4.25
N LEU A 1253 -12.00 8.66 4.95
CA LEU A 1253 -12.17 9.96 4.30
C LEU A 1253 -10.86 10.49 3.74
N ALA A 1254 -9.74 10.22 4.42
CA ALA A 1254 -8.44 10.62 3.89
C ALA A 1254 -7.97 9.69 2.78
N ASN A 1255 -8.31 8.40 2.85
CA ASN A 1255 -7.99 7.48 1.76
C ASN A 1255 -8.80 7.76 0.51
N CYS A 1256 -9.97 8.40 0.66
CA CYS A 1256 -10.77 8.80 -0.49
C CYS A 1256 -10.11 9.90 -1.31
N CYS A 1257 -9.14 10.61 -0.75
CA CYS A 1257 -8.52 11.75 -1.41
C CYS A 1257 -7.03 11.62 -1.63
N THR A 1258 -6.32 10.88 -0.79
CA THR A 1258 -4.86 10.84 -0.82
C THR A 1258 -4.31 9.53 -1.37
N GLU A 1259 -4.83 8.39 -0.94
CA GLU A 1259 -4.25 7.11 -1.34
C GLU A 1259 -4.85 6.62 -2.64
N SER A 1260 -3.97 6.26 -3.57
CA SER A 1260 -4.39 5.66 -4.84
C SER A 1260 -3.26 4.77 -5.33
N SER A 1261 -3.60 3.80 -6.17
CA SER A 1261 -2.63 2.84 -6.68
C SER A 1261 -1.98 3.27 -7.98
N HIS A 1262 -2.66 4.10 -8.78
CA HIS A 1262 -2.21 4.58 -10.09
C HIS A 1262 -1.90 3.41 -11.03
N ILE A 1263 -2.98 2.70 -11.40
CA ILE A 1263 -2.89 1.61 -12.37
C ILE A 1263 -3.88 1.79 -13.51
N SER A 1264 -5.15 2.02 -13.21
CA SER A 1264 -6.15 2.27 -14.25
C SER A 1264 -7.33 3.01 -13.63
N TYR A 1265 -8.24 3.46 -14.50
CA TYR A 1265 -9.43 4.16 -14.03
C TYR A 1265 -10.41 3.19 -13.37
N PHE A 1266 -10.63 2.04 -13.99
CA PHE A 1266 -11.54 1.03 -13.44
C PHE A 1266 -11.02 0.52 -12.10
N ASP A 1267 -9.73 0.18 -12.04
CA ASP A 1267 -9.15 -0.37 -10.82
C ASP A 1267 -9.13 0.64 -9.68
N ASP A 1268 -8.71 1.88 -9.95
CA ASP A 1268 -8.66 2.87 -8.88
C ASP A 1268 -10.05 3.35 -8.47
N LEU A 1269 -11.01 3.40 -9.39
CA LEU A 1269 -12.36 3.76 -8.97
C LEU A 1269 -13.00 2.67 -8.12
N MET A 1270 -12.79 1.40 -8.49
CA MET A 1270 -13.29 0.30 -7.67
C MET A 1270 -12.57 0.23 -6.33
N SER A 1271 -11.30 0.65 -6.28
CA SER A 1271 -10.56 0.64 -5.02
C SER A 1271 -10.95 1.80 -4.10
N LEU A 1272 -11.21 2.97 -4.67
CA LEU A 1272 -11.61 4.12 -3.85
C LEU A 1272 -13.04 4.01 -3.40
N SER A 1273 -13.88 3.30 -4.15
CA SER A 1273 -15.25 3.12 -3.68
C SER A 1273 -15.34 2.14 -2.51
N ILE A 1274 -14.30 1.33 -2.26
CA ILE A 1274 -14.19 0.62 -1.00
C ILE A 1274 -14.14 1.59 0.17
N HIS A 1275 -13.31 2.64 0.04
CA HIS A 1275 -13.19 3.63 1.09
C HIS A 1275 -14.45 4.45 1.24
N VAL A 1276 -15.15 4.71 0.13
CA VAL A 1276 -16.46 5.34 0.21
C VAL A 1276 -17.45 4.44 0.97
N THR A 1277 -17.37 3.12 0.71
CA THR A 1277 -18.25 2.17 1.40
C THR A 1277 -17.98 2.15 2.90
N MET A 1278 -16.71 2.06 3.31
CA MET A 1278 -16.42 2.06 4.75
C MET A 1278 -16.66 3.42 5.39
N LEU A 1279 -16.60 4.50 4.60
CA LEU A 1279 -17.07 5.80 5.07
C LEU A 1279 -18.56 5.74 5.40
N LEU A 1280 -19.33 5.06 4.55
CA LEU A 1280 -20.75 4.87 4.85
C LEU A 1280 -20.96 3.95 6.04
N ARG A 1281 -20.07 2.97 6.25
CA ARG A 1281 -20.20 2.07 7.40
C ARG A 1281 -19.97 2.81 8.71
N LYS A 1282 -18.88 3.57 8.81
CA LYS A 1282 -18.45 4.12 10.10
C LYS A 1282 -18.99 5.52 10.36
N GLY A 1283 -20.29 5.70 10.17
CA GLY A 1283 -20.99 6.88 10.66
C GLY A 1283 -20.58 8.24 10.13
N CYS A 1284 -20.34 8.35 8.82
CA CYS A 1284 -20.01 9.65 8.25
C CYS A 1284 -21.27 10.52 8.16
N PRO A 1285 -21.16 11.82 8.41
CA PRO A 1285 -22.31 12.71 8.20
C PRO A 1285 -22.67 12.83 6.72
N ASN A 1286 -23.92 13.21 6.48
CA ASN A 1286 -24.49 13.20 5.14
C ASN A 1286 -24.15 14.44 4.33
N GLU A 1287 -23.30 15.33 4.83
CA GLU A 1287 -22.86 16.48 4.05
C GLU A 1287 -21.45 16.33 3.51
N VAL A 1288 -20.71 15.32 3.96
CA VAL A 1288 -19.37 15.06 3.43
C VAL A 1288 -19.41 13.92 2.42
N ILE A 1289 -20.50 13.14 2.39
CA ILE A 1289 -20.58 12.02 1.44
C ILE A 1289 -20.61 12.45 -0.02
N PRO A 1290 -21.40 13.46 -0.44
CA PRO A 1290 -21.23 13.95 -1.83
C PRO A 1290 -19.87 14.53 -2.11
N PHE A 1291 -19.23 15.15 -1.13
CA PHE A 1291 -17.85 15.61 -1.33
C PHE A 1291 -16.88 14.43 -1.38
N ALA A 1292 -17.20 13.32 -0.72
CA ALA A 1292 -16.38 12.12 -0.87
C ALA A 1292 -16.52 11.52 -2.26
N TYR A 1293 -17.75 11.53 -2.80
CA TYR A 1293 -17.99 11.14 -4.19
C TYR A 1293 -17.18 11.99 -5.14
N GLY A 1294 -17.23 13.31 -4.96
CA GLY A 1294 -16.46 14.22 -5.81
C GLY A 1294 -14.96 14.05 -5.64
N ALA A 1295 -14.50 13.72 -4.43
CA ALA A 1295 -13.07 13.53 -4.20
C ALA A 1295 -12.55 12.28 -4.89
N VAL A 1296 -13.28 11.16 -4.77
CA VAL A 1296 -12.82 9.96 -5.46
C VAL A 1296 -12.97 10.11 -6.97
N GLN A 1297 -13.95 10.90 -7.42
CA GLN A 1297 -14.08 11.17 -8.85
C GLN A 1297 -12.91 11.99 -9.38
N VAL A 1298 -12.50 13.02 -8.64
CA VAL A 1298 -11.37 13.84 -9.07
C VAL A 1298 -10.09 13.02 -9.05
N GLN A 1299 -9.89 12.22 -7.99
CA GLN A 1299 -8.67 11.41 -7.90
C GLN A 1299 -8.62 10.31 -8.94
N ALA A 1300 -9.78 9.82 -9.40
CA ALA A 1300 -9.77 8.81 -10.45
C ALA A 1300 -9.68 9.42 -11.84
N LEU A 1301 -10.31 10.57 -12.06
CA LEU A 1301 -10.40 11.18 -13.38
C LEU A 1301 -9.27 12.14 -13.69
N SER A 1302 -8.42 12.46 -12.74
CA SER A 1302 -7.47 13.55 -12.91
C SER A 1302 -6.11 13.11 -13.45
N ILE A 1303 -5.92 11.84 -13.80
CA ILE A 1303 -4.63 11.35 -14.29
C ILE A 1303 -4.74 10.87 -15.74
N TYR A 1304 -5.56 9.85 -16.00
CA TYR A 1304 -5.66 9.23 -17.30
C TYR A 1304 -7.03 9.33 -17.96
N SER A 1305 -8.09 8.87 -17.32
CA SER A 1305 -9.43 9.01 -17.88
C SER A 1305 -9.89 10.43 -17.59
N MET A 1306 -9.66 11.33 -18.55
CA MET A 1306 -9.53 12.75 -18.29
C MET A 1306 -10.83 13.40 -17.80
N LEU A 1307 -10.66 14.62 -17.29
CA LEU A 1307 -11.73 15.41 -16.70
C LEU A 1307 -12.67 15.94 -17.78
N PRO A 1308 -13.87 16.44 -17.41
CA PRO A 1308 -14.78 17.01 -18.40
C PRO A 1308 -14.18 18.11 -19.25
N GLY A 1309 -14.28 17.93 -20.57
CA GLY A 1309 -13.76 18.85 -21.55
C GLY A 1309 -12.46 18.41 -22.18
N GLU A 1310 -11.75 17.45 -21.59
CA GLU A 1310 -10.44 17.05 -22.08
C GLU A 1310 -10.57 15.89 -23.05
N VAL A 1311 -9.44 15.27 -23.40
CA VAL A 1311 -9.41 14.35 -24.54
C VAL A 1311 -9.91 12.95 -24.17
N ASN A 1312 -9.53 12.43 -23.01
CA ASN A 1312 -9.96 11.08 -22.62
C ASN A 1312 -11.21 11.12 -21.73
N ASP A 1313 -12.22 11.86 -22.16
CA ASP A 1313 -13.48 11.86 -21.46
C ASP A 1313 -14.33 10.68 -21.92
N SER A 1314 -15.49 10.53 -21.31
CA SER A 1314 -16.46 9.55 -21.75
C SER A 1314 -17.86 10.11 -21.94
N ILE A 1315 -18.20 11.21 -21.28
CA ILE A 1315 -19.45 11.89 -21.61
C ILE A 1315 -19.34 12.55 -22.98
N ARG A 1316 -18.21 13.20 -23.27
CA ARG A 1316 -17.95 13.85 -24.54
C ARG A 1316 -17.85 12.87 -25.71
N ILE A 1317 -17.18 11.73 -25.50
CA ILE A 1317 -17.04 10.74 -26.56
C ILE A 1317 -18.38 10.08 -26.86
N PHE A 1318 -19.16 9.76 -25.82
CA PHE A 1318 -20.49 9.21 -26.02
C PHE A 1318 -21.45 10.21 -26.63
N LYS A 1319 -21.26 11.50 -26.36
CA LYS A 1319 -22.07 12.54 -26.97
C LYS A 1319 -21.69 12.79 -28.42
N LYS A 1320 -20.43 12.62 -28.78
CA LYS A 1320 -19.99 12.88 -30.15
C LYS A 1320 -20.48 11.81 -31.10
N LEU A 1321 -20.41 10.54 -30.70
CA LEU A 1321 -20.79 9.44 -31.57
C LEU A 1321 -22.29 9.16 -31.57
N GLY A 1322 -23.07 9.87 -30.77
CA GLY A 1322 -24.50 9.63 -30.70
C GLY A 1322 -24.86 8.29 -30.09
N VAL A 1323 -24.15 7.88 -29.03
CA VAL A 1323 -24.47 6.63 -28.36
C VAL A 1323 -25.77 6.80 -27.59
N SER A 1324 -26.61 5.75 -27.62
CA SER A 1324 -27.95 5.82 -27.03
C SER A 1324 -27.91 5.85 -25.50
N LEU A 1325 -26.78 5.51 -24.89
CA LEU A 1325 -26.67 5.56 -23.43
C LEU A 1325 -26.64 7.01 -22.95
N LYS A 1326 -27.31 7.26 -21.83
CA LYS A 1326 -27.37 8.60 -21.26
C LYS A 1326 -26.11 8.88 -20.45
N SER A 1327 -26.10 10.00 -19.73
CA SER A 1327 -24.91 10.40 -18.99
C SER A 1327 -24.71 9.54 -17.74
N ASN A 1328 -25.79 9.20 -17.05
CA ASN A 1328 -25.71 8.43 -15.82
C ASN A 1328 -25.85 6.94 -16.06
N GLU A 1329 -25.80 6.49 -17.32
CA GLU A 1329 -25.91 5.08 -17.65
C GLU A 1329 -24.65 4.53 -18.32
N ILE A 1330 -23.61 5.33 -18.42
CA ILE A 1330 -22.35 4.83 -18.98
C ILE A 1330 -21.68 3.91 -17.96
N PRO A 1331 -21.25 2.72 -18.36
CA PRO A 1331 -20.59 1.81 -17.41
C PRO A 1331 -19.24 2.34 -16.94
N THR A 1332 -18.81 1.81 -15.79
CA THR A 1332 -17.58 2.26 -15.15
C THR A 1332 -16.36 1.92 -16.00
N ASN A 1333 -16.33 0.71 -16.59
CA ASN A 1333 -15.22 0.32 -17.44
C ASN A 1333 -15.22 1.03 -18.78
N MET A 1334 -16.32 1.69 -19.15
CA MET A 1334 -16.39 2.56 -20.32
C MET A 1334 -15.85 3.96 -20.04
N GLY A 1335 -15.25 4.19 -18.88
CA GLY A 1335 -14.84 5.52 -18.49
C GLY A 1335 -15.94 6.34 -17.84
N GLY A 1336 -17.07 5.72 -17.51
CA GLY A 1336 -18.18 6.44 -16.93
C GLY A 1336 -17.97 6.74 -15.46
N TRP A 1337 -18.98 7.36 -14.86
CA TRP A 1337 -18.88 7.90 -13.52
C TRP A 1337 -19.71 7.05 -12.56
N LEU A 1338 -19.17 6.87 -11.35
CA LEU A 1338 -19.85 6.19 -10.26
C LEU A 1338 -21.11 6.94 -9.88
N THR A 1339 -22.26 6.35 -10.17
CA THR A 1339 -23.55 7.00 -9.93
C THR A 1339 -24.50 6.11 -9.14
N SER A 1340 -23.98 5.07 -8.49
CA SER A 1340 -24.81 4.24 -7.64
C SER A 1340 -25.27 5.03 -6.42
N PRO A 1341 -26.49 4.79 -5.94
CA PRO A 1341 -26.99 5.54 -4.78
C PRO A 1341 -26.30 5.19 -3.47
N ILE A 1342 -26.80 5.78 -2.38
CA ILE A 1342 -26.16 5.61 -1.08
C ILE A 1342 -26.34 4.19 -0.56
N GLU A 1343 -27.56 3.66 -0.67
CA GLU A 1343 -27.86 2.36 -0.07
C GLU A 1343 -27.26 1.17 -0.83
N PRO A 1344 -27.39 1.02 -2.16
CA PRO A 1344 -26.79 -0.17 -2.78
C PRO A 1344 -25.27 -0.14 -2.82
N LEU A 1345 -24.66 1.04 -2.80
CA LEU A 1345 -23.20 1.09 -2.69
C LEU A 1345 -22.75 0.68 -1.30
N SER A 1346 -23.52 1.04 -0.27
CA SER A 1346 -23.16 0.68 1.09
C SER A 1346 -23.35 -0.81 1.36
N ILE A 1347 -24.44 -1.40 0.84
CA ILE A 1347 -24.70 -2.81 1.09
C ILE A 1347 -23.82 -3.69 0.20
N LEU A 1348 -23.91 -3.51 -1.11
CA LEU A 1348 -23.19 -4.38 -2.03
C LEU A 1348 -21.75 -3.95 -2.20
N GLY A 1349 -21.52 -2.74 -2.71
CA GLY A 1349 -20.18 -2.25 -2.90
C GLY A 1349 -20.00 -1.54 -4.22
N PRO A 1350 -18.73 -1.39 -4.64
CA PRO A 1350 -18.45 -0.76 -5.94
C PRO A 1350 -18.96 -1.54 -7.13
N SER A 1351 -19.13 -2.85 -7.00
CA SER A 1351 -19.57 -3.69 -8.11
C SER A 1351 -21.07 -3.62 -8.34
N SER A 1352 -21.79 -2.77 -7.61
CA SER A 1352 -23.22 -2.63 -7.78
C SER A 1352 -23.63 -1.62 -8.82
N ASN A 1353 -22.72 -0.74 -9.25
CA ASN A 1353 -23.07 0.31 -10.22
C ASN A 1353 -23.41 -0.27 -11.58
N ASP A 1354 -22.53 -1.12 -12.12
CA ASP A 1354 -22.77 -1.76 -13.40
C ASP A 1354 -23.95 -2.72 -13.33
N GLN A 1355 -24.12 -3.39 -12.19
CA GLN A 1355 -25.26 -4.26 -11.98
C GLN A 1355 -26.57 -3.48 -12.00
N ILE A 1356 -26.59 -2.29 -11.37
CA ILE A 1356 -27.79 -1.47 -11.33
C ILE A 1356 -28.14 -0.95 -12.72
N ILE A 1357 -27.14 -0.47 -13.46
CA ILE A 1357 -27.44 0.05 -14.79
C ILE A 1357 -27.82 -1.07 -15.77
N TYR A 1358 -27.23 -2.26 -15.61
CA TYR A 1358 -27.63 -3.41 -16.42
C TYR A 1358 -29.05 -3.85 -16.10
N TYR A 1359 -29.40 -3.87 -14.81
CA TYR A 1359 -30.76 -4.23 -14.41
C TYR A 1359 -31.77 -3.21 -14.91
N ASN A 1360 -31.39 -1.93 -14.90
CA ASN A 1360 -32.30 -0.88 -15.37
C ASN A 1360 -32.54 -0.97 -16.87
N VAL A 1361 -31.47 -1.18 -17.66
CA VAL A 1361 -31.67 -1.28 -19.11
C VAL A 1361 -32.36 -2.59 -19.48
N ILE A 1362 -32.16 -3.66 -18.69
CA ILE A 1362 -32.85 -4.92 -18.98
C ILE A 1362 -34.34 -4.80 -18.67
N ARG A 1363 -34.67 -4.21 -17.51
CA ARG A 1363 -36.07 -4.01 -17.13
C ARG A 1363 -36.78 -3.05 -18.09
N ASP A 1364 -36.06 -2.06 -18.63
CA ASP A 1364 -36.64 -1.24 -19.68
C ASP A 1364 -36.74 -1.99 -21.00
N PHE A 1365 -35.86 -2.95 -21.25
CA PHE A 1365 -35.87 -3.68 -22.52
C PHE A 1365 -37.07 -4.62 -22.62
N LEU A 1366 -37.30 -5.43 -21.59
CA LEU A 1366 -38.48 -6.29 -21.63
C LEU A 1366 -39.71 -5.65 -20.99
N ASN A 1367 -39.64 -4.36 -20.67
CA ASN A 1367 -40.80 -3.51 -20.33
C ASN A 1367 -41.55 -4.01 -19.10
N LYS A 1368 -40.80 -4.27 -18.04
CA LYS A 1368 -41.38 -4.75 -16.78
C LYS A 1368 -41.23 -3.70 -15.70
N LYS A 1369 -41.89 -3.94 -14.58
CA LYS A 1369 -41.94 -2.97 -13.48
C LYS A 1369 -41.02 -3.35 -12.33
N SER A 1370 -41.12 -4.57 -11.81
CA SER A 1370 -40.32 -5.01 -10.67
C SER A 1370 -39.34 -6.09 -11.11
N LEU A 1371 -38.49 -6.49 -10.17
CA LEU A 1371 -37.51 -7.55 -10.46
C LEU A 1371 -38.17 -8.92 -10.49
N GLU A 1372 -39.25 -9.11 -9.73
CA GLU A 1372 -39.89 -10.43 -9.68
C GLU A 1372 -40.58 -10.77 -11.00
N GLU A 1373 -41.11 -9.77 -11.71
CA GLU A 1373 -41.70 -10.02 -13.02
C GLU A 1373 -40.62 -10.41 -14.03
N VAL A 1374 -39.46 -9.76 -13.96
CA VAL A 1374 -38.33 -10.12 -14.80
C VAL A 1374 -37.87 -11.53 -14.48
N LYS A 1375 -37.86 -11.90 -13.20
CA LYS A 1375 -37.43 -13.24 -12.81
C LYS A 1375 -38.38 -14.32 -13.30
N ASP A 1376 -39.69 -14.12 -13.14
CA ASP A 1376 -40.62 -15.15 -13.61
C ASP A 1376 -40.81 -15.14 -15.12
N SER A 1377 -40.40 -14.08 -15.81
CA SER A 1377 -40.40 -14.11 -17.26
C SER A 1377 -39.13 -14.76 -17.83
N VAL A 1378 -37.97 -14.50 -17.21
CA VAL A 1378 -36.73 -15.11 -17.65
C VAL A 1378 -36.70 -16.60 -17.30
N SER A 1379 -37.36 -17.00 -16.22
CA SER A 1379 -37.36 -18.39 -15.76
C SER A 1379 -38.00 -19.35 -16.77
N SER A 1380 -38.83 -18.85 -17.69
CA SER A 1380 -39.28 -19.65 -18.82
C SER A 1380 -38.19 -19.65 -19.88
N SER A 1381 -37.78 -20.84 -20.32
CA SER A 1381 -36.65 -20.96 -21.23
C SER A 1381 -36.99 -20.53 -22.65
N SER A 1382 -38.26 -20.53 -23.03
CA SER A 1382 -38.69 -20.15 -24.36
C SER A 1382 -39.08 -18.68 -24.45
N TYR A 1383 -38.53 -17.84 -23.59
CA TYR A 1383 -38.85 -16.41 -23.57
C TYR A 1383 -37.75 -15.55 -24.16
N LEU A 1384 -36.49 -15.77 -23.78
CA LEU A 1384 -35.41 -14.91 -24.24
C LEU A 1384 -35.09 -15.14 -25.71
N GLN A 1385 -35.34 -16.35 -26.22
CA GLN A 1385 -35.16 -16.60 -27.65
C GLN A 1385 -36.14 -15.79 -28.49
N MET A 1386 -37.39 -15.69 -28.03
CA MET A 1386 -38.39 -14.90 -28.75
C MET A 1386 -38.06 -13.42 -28.71
N ARG A 1387 -37.57 -12.93 -27.56
CA ARG A 1387 -37.18 -11.52 -27.46
C ARG A 1387 -35.96 -11.23 -28.33
N PHE A 1388 -35.02 -12.16 -28.40
CA PHE A 1388 -33.86 -11.97 -29.28
C PHE A 1388 -34.26 -11.99 -30.75
N ARG A 1389 -35.20 -12.86 -31.12
CA ARG A 1389 -35.67 -12.90 -32.50
C ARG A 1389 -36.46 -11.64 -32.85
N GLU A 1390 -37.24 -11.12 -31.90
CA GLU A 1390 -37.96 -9.86 -32.11
C GLU A 1390 -36.99 -8.70 -32.25
N LEU A 1391 -35.92 -8.68 -31.45
CA LEU A 1391 -34.89 -7.66 -31.58
C LEU A 1391 -34.17 -7.75 -32.93
N LYS A 1392 -33.90 -8.98 -33.39
CA LYS A 1392 -33.27 -9.17 -34.69
C LYS A 1392 -34.17 -8.69 -35.83
N GLY A 1393 -35.47 -8.98 -35.74
CA GLY A 1393 -36.40 -8.49 -36.74
C GLY A 1393 -36.56 -6.98 -36.71
N LYS A 1394 -36.53 -6.38 -35.52
CA LYS A 1394 -36.59 -4.93 -35.39
C LYS A 1394 -35.35 -4.27 -35.99
N TYR A 1395 -34.17 -4.83 -35.73
CA TYR A 1395 -32.95 -4.35 -36.38
C TYR A 1395 -33.00 -4.57 -37.88
N GLU A 1396 -33.71 -5.62 -38.32
CA GLU A 1396 -33.80 -5.92 -39.75
C GLU A 1396 -34.65 -4.90 -40.49
N LYS A 1397 -35.94 -4.79 -40.15
CA LYS A 1397 -36.84 -4.13 -41.10
C LYS A 1397 -36.81 -2.60 -41.02
N GLY A 1398 -37.26 -2.00 -39.91
CA GLY A 1398 -37.26 -0.55 -39.88
C GLY A 1398 -37.18 0.22 -38.58
N THR A 1399 -37.16 -0.44 -37.43
CA THR A 1399 -37.46 0.23 -36.17
C THR A 1399 -36.52 -0.21 -35.06
N LEU A 1400 -35.88 0.76 -34.41
CA LEU A 1400 -35.02 0.50 -33.26
C LEU A 1400 -35.21 1.64 -32.27
N GLU A 1401 -35.91 1.36 -31.17
CA GLU A 1401 -36.13 2.35 -30.13
C GLU A 1401 -34.86 2.53 -29.29
N GLU A 1402 -34.94 3.45 -28.33
CA GLU A 1402 -33.77 3.80 -27.51
C GLU A 1402 -33.35 2.64 -26.61
N LYS A 1403 -34.33 1.95 -26.01
CA LYS A 1403 -34.05 0.84 -25.12
C LYS A 1403 -33.40 -0.33 -25.84
N ASP A 1404 -33.82 -0.57 -27.08
CA ASP A 1404 -33.22 -1.64 -27.89
C ASP A 1404 -31.76 -1.35 -28.21
N LYS A 1405 -31.44 -0.09 -28.54
CA LYS A 1405 -30.06 0.28 -28.83
C LYS A 1405 -29.20 0.23 -27.58
N LYS A 1406 -29.75 0.62 -26.42
CA LYS A 1406 -29.03 0.48 -25.16
C LYS A 1406 -28.74 -0.98 -24.84
N MET A 1407 -29.74 -1.86 -25.05
CA MET A 1407 -29.56 -3.28 -24.80
C MET A 1407 -28.53 -3.89 -25.76
N ILE A 1408 -28.55 -3.47 -27.02
CA ILE A 1408 -27.57 -3.96 -28.00
C ILE A 1408 -26.16 -3.52 -27.62
N PHE A 1409 -26.00 -2.27 -27.20
CA PHE A 1409 -24.70 -1.76 -26.76
C PHE A 1409 -24.18 -2.55 -25.56
N LEU A 1410 -25.04 -2.82 -24.57
CA LEU A 1410 -24.55 -3.52 -23.40
C LEU A 1410 -24.36 -5.02 -23.64
N ILE A 1411 -25.10 -5.60 -24.58
CA ILE A 1411 -24.85 -6.98 -25.01
C ILE A 1411 -23.46 -7.10 -25.64
N ASN A 1412 -23.14 -6.17 -26.54
CA ASN A 1412 -21.83 -6.21 -27.17
C ASN A 1412 -20.71 -5.87 -26.19
N LEU A 1413 -21.00 -5.03 -25.20
CA LEU A 1413 -20.01 -4.77 -24.15
C LEU A 1413 -19.77 -6.00 -23.28
N PHE A 1414 -20.83 -6.76 -22.98
CA PHE A 1414 -20.67 -8.00 -22.23
C PHE A 1414 -19.90 -9.04 -23.04
N GLU A 1415 -20.07 -9.05 -24.36
CA GLU A 1415 -19.21 -9.90 -25.19
C GLU A 1415 -17.76 -9.45 -25.15
N LYS A 1416 -17.48 -8.16 -25.30
CA LYS A 1416 -16.12 -7.71 -25.50
C LYS A 1416 -15.39 -7.35 -24.22
N ALA A 1417 -16.10 -7.04 -23.13
CA ALA A 1417 -15.43 -6.56 -21.93
C ALA A 1417 -15.99 -7.23 -20.68
N SER A 1418 -16.23 -8.54 -20.76
CA SER A 1418 -16.47 -9.29 -19.54
C SER A 1418 -15.15 -9.55 -18.84
N VAL A 1419 -15.22 -9.79 -17.53
CA VAL A 1419 -14.00 -9.89 -16.73
C VAL A 1419 -13.28 -11.20 -17.00
N SER A 1420 -14.01 -12.22 -17.43
CA SER A 1420 -13.44 -13.50 -17.83
C SER A 1420 -12.71 -13.45 -19.16
N GLU A 1421 -12.91 -12.41 -19.96
CA GLU A 1421 -12.35 -12.37 -21.31
C GLU A 1421 -10.85 -12.11 -21.27
N ASP A 1422 -10.11 -12.91 -22.05
CA ASP A 1422 -8.65 -12.83 -22.20
C ASP A 1422 -7.94 -12.94 -20.86
N SER A 1423 -8.43 -13.82 -20.00
CA SER A 1423 -7.86 -14.01 -18.67
C SER A 1423 -8.04 -15.45 -18.23
N ASP A 1424 -7.02 -15.99 -17.57
CA ASP A 1424 -7.09 -17.29 -16.93
C ASP A 1424 -6.52 -17.16 -15.53
N VAL A 1425 -7.17 -17.80 -14.55
CA VAL A 1425 -6.79 -17.65 -13.16
C VAL A 1425 -5.67 -18.60 -12.73
N LEU A 1426 -5.15 -19.42 -13.65
CA LEU A 1426 -4.07 -20.33 -13.31
C LEU A 1426 -2.70 -19.80 -13.70
N THR A 1427 -2.63 -18.88 -14.67
CA THR A 1427 -1.38 -18.19 -14.94
C THR A 1427 -1.19 -17.01 -13.97
N ILE A 1428 -2.17 -16.10 -13.93
CA ILE A 1428 -2.23 -15.04 -12.93
C ILE A 1428 -3.54 -15.22 -12.17
N GLY A 1429 -3.45 -15.41 -10.85
CA GLY A 1429 -4.62 -15.66 -10.05
C GLY A 1429 -5.41 -14.42 -9.69
N MET A 1430 -6.65 -14.32 -10.16
CA MET A 1430 -7.54 -13.22 -9.87
C MET A 1430 -8.76 -13.72 -9.09
N LYS A 1431 -9.62 -12.79 -8.68
CA LYS A 1431 -10.69 -13.11 -7.75
C LYS A 1431 -12.10 -12.95 -8.30
N PHE A 1432 -12.28 -12.20 -9.40
CA PHE A 1432 -13.56 -12.01 -10.09
C PHE A 1432 -14.62 -11.41 -9.17
N GLN A 1433 -14.37 -10.16 -8.77
CA GLN A 1433 -15.24 -9.45 -7.84
C GLN A 1433 -16.21 -8.50 -8.54
N THR A 1434 -16.29 -8.53 -9.86
CA THR A 1434 -17.16 -7.61 -10.59
C THR A 1434 -17.65 -8.29 -11.86
N MET A 1435 -18.56 -7.60 -12.56
CA MET A 1435 -19.16 -8.15 -13.77
C MET A 1435 -18.32 -7.90 -15.02
N LEU A 1436 -17.80 -6.69 -15.19
CA LEU A 1436 -17.03 -6.31 -16.36
C LEU A 1436 -15.59 -6.01 -15.96
N THR A 1437 -14.79 -5.57 -16.94
CA THR A 1437 -13.38 -5.28 -16.72
C THR A 1437 -12.92 -4.21 -17.71
N GLN A 1438 -11.70 -3.75 -17.50
CA GLN A 1438 -11.03 -2.79 -18.36
C GLN A 1438 -10.99 -3.27 -19.80
N ILE A 1439 -11.34 -2.39 -20.75
CA ILE A 1439 -11.44 -2.79 -22.14
C ILE A 1439 -10.22 -2.40 -22.97
N ILE A 1440 -9.40 -1.46 -22.50
CA ILE A 1440 -8.06 -1.26 -23.03
C ILE A 1440 -7.09 -1.69 -21.95
N LYS A 1441 -6.30 -2.73 -22.24
CA LYS A 1441 -5.22 -3.17 -21.37
C LYS A 1441 -3.91 -2.88 -22.08
N LEU A 1442 -3.22 -1.84 -21.63
CA LEU A 1442 -1.98 -1.42 -22.27
C LEU A 1442 -0.87 -2.42 -21.92
N PRO A 1443 -0.15 -2.94 -22.91
CA PRO A 1443 0.94 -3.89 -22.62
C PRO A 1443 2.11 -3.20 -21.94
N ASN A 1444 2.47 -3.70 -20.76
CA ASN A 1444 3.62 -3.16 -20.05
C ASN A 1444 4.92 -3.57 -20.72
N PHE A 1445 4.92 -4.70 -21.43
CA PHE A 1445 6.06 -5.15 -22.20
C PHE A 1445 5.61 -5.44 -23.62
N ILE A 1446 6.55 -5.32 -24.56
CA ILE A 1446 6.33 -5.70 -25.95
C ILE A 1446 7.24 -6.88 -26.27
N ASN A 1447 6.75 -7.78 -27.12
CA ASN A 1447 7.41 -9.02 -27.55
C ASN A 1447 7.63 -9.92 -26.32
N GLU A 1448 8.65 -10.79 -26.37
CA GLU A 1448 8.89 -11.76 -25.31
C GLU A 1448 9.85 -11.23 -24.25
N ASN A 1449 9.92 -9.92 -24.03
CA ASN A 1449 10.74 -9.39 -22.96
C ASN A 1449 10.13 -9.66 -21.59
N ALA A 1450 8.79 -9.74 -21.51
CA ALA A 1450 8.14 -10.15 -20.28
C ALA A 1450 8.38 -11.62 -19.99
N LEU A 1451 8.37 -12.46 -21.03
CA LEU A 1451 8.54 -13.90 -20.86
C LEU A 1451 9.98 -14.30 -20.62
N ASN A 1452 10.95 -13.42 -20.83
CA ASN A 1452 12.34 -13.75 -20.62
C ASN A 1452 12.65 -13.78 -19.12
N LYS A 1453 13.94 -14.03 -18.81
CA LYS A 1453 14.53 -14.28 -17.49
C LYS A 1453 13.71 -15.23 -16.62
N MET A 1454 13.09 -16.22 -17.26
CA MET A 1454 12.20 -17.18 -16.61
C MET A 1454 12.70 -18.58 -16.90
N SER A 1455 12.67 -19.43 -15.87
CA SER A 1455 13.09 -20.82 -16.08
C SER A 1455 12.08 -21.60 -16.91
N SER A 1456 10.80 -21.24 -16.80
CA SER A 1456 9.76 -21.89 -17.60
C SER A 1456 9.95 -21.61 -19.09
N TYR A 1457 10.33 -20.37 -19.43
CA TYR A 1457 10.59 -20.05 -20.84
C TYR A 1457 11.89 -20.67 -21.31
N LYS A 1458 12.89 -20.74 -20.43
CA LYS A 1458 14.17 -21.33 -20.82
C LYS A 1458 14.05 -22.83 -21.04
N ASP A 1459 13.17 -23.49 -20.30
CA ASP A 1459 12.87 -24.89 -20.58
C ASP A 1459 11.94 -25.05 -21.78
N PHE A 1460 10.99 -24.13 -21.97
CA PHE A 1460 10.07 -24.21 -23.10
C PHE A 1460 10.79 -23.94 -24.42
N SER A 1461 11.82 -23.10 -24.40
CA SER A 1461 12.59 -22.80 -25.59
C SER A 1461 13.62 -23.86 -25.94
N LYS A 1462 13.82 -24.85 -25.07
CA LYS A 1462 14.85 -25.87 -25.28
C LYS A 1462 14.28 -27.12 -25.91
N LEU A 1463 13.29 -27.74 -25.26
CA LEU A 1463 12.66 -28.92 -25.84
C LEU A 1463 11.71 -28.57 -26.99
N TYR A 1464 11.24 -27.32 -27.05
CA TYR A 1464 10.61 -26.78 -28.25
C TYR A 1464 11.49 -25.64 -28.74
N PRO A 1465 12.34 -25.87 -29.75
CA PRO A 1465 13.38 -24.90 -30.10
C PRO A 1465 12.84 -23.65 -30.79
N ASN A 1466 13.75 -22.84 -31.33
CA ASN A 1466 13.47 -21.51 -31.86
C ASN A 1466 12.52 -21.47 -33.06
N LEU A 1467 12.07 -22.63 -33.52
CA LEU A 1467 10.92 -22.69 -34.43
C LEU A 1467 9.65 -22.18 -33.76
N LYS A 1468 9.55 -22.33 -32.43
CA LYS A 1468 8.40 -21.82 -31.68
C LYS A 1468 8.79 -20.94 -30.51
N LYS A 1469 10.07 -20.69 -30.27
CA LYS A 1469 10.47 -19.80 -29.19
C LYS A 1469 10.33 -18.34 -29.59
N ASN A 1470 10.96 -17.96 -30.70
CA ASN A 1470 11.06 -16.57 -31.14
C ASN A 1470 10.44 -16.50 -32.52
N GLU A 1471 9.23 -15.98 -32.64
CA GLU A 1471 8.49 -15.31 -31.57
C GLU A 1471 7.01 -15.60 -31.71
N ASP A 1472 6.18 -14.71 -31.15
CA ASP A 1472 4.73 -14.81 -31.27
C ASP A 1472 4.26 -14.88 -32.73
N LEU A 1473 4.98 -14.22 -33.65
CA LEU A 1473 4.63 -14.36 -35.05
C LEU A 1473 5.00 -15.72 -35.60
N TYR A 1474 6.09 -16.33 -35.11
CA TYR A 1474 6.46 -17.68 -35.53
C TYR A 1474 5.43 -18.69 -35.07
N LYS A 1475 4.88 -18.51 -33.87
CA LYS A 1475 3.81 -19.39 -33.41
C LYS A 1475 2.50 -19.09 -34.12
N SER A 1476 2.26 -17.83 -34.46
CA SER A 1476 1.03 -17.47 -35.17
C SER A 1476 1.05 -17.94 -36.62
N THR A 1477 2.24 -18.15 -37.19
CA THR A 1477 2.33 -18.71 -38.54
C THR A 1477 2.02 -20.20 -38.57
N ALA A 1478 1.91 -20.85 -37.42
CA ALA A 1478 1.50 -22.24 -37.33
C ALA A 1478 -0.02 -22.40 -37.27
N LYS A 1479 -0.77 -21.40 -37.73
CA LYS A 1479 -2.22 -21.46 -37.78
C LYS A 1479 -2.76 -21.07 -39.16
N ASN A 1480 -1.87 -20.83 -40.12
CA ASN A 1480 -2.18 -20.42 -41.51
C ASN A 1480 -3.08 -19.18 -41.57
N ILE A 1498 7.39 -24.57 -41.92
CA ILE A 1498 6.59 -25.78 -41.98
C ILE A 1498 6.87 -26.62 -40.73
N ALA A 1499 8.06 -26.44 -40.15
CA ALA A 1499 8.44 -27.21 -38.97
C ALA A 1499 7.72 -26.71 -37.72
N SER A 1500 7.38 -25.42 -37.68
CA SER A 1500 6.66 -24.87 -36.53
C SER A 1500 5.25 -25.44 -36.43
N SER A 1501 4.63 -25.77 -37.57
CA SER A 1501 3.35 -26.46 -37.56
C SER A 1501 3.48 -27.86 -36.95
N LEU A 1502 4.58 -28.56 -37.26
CA LEU A 1502 4.81 -29.87 -36.66
C LEU A 1502 5.06 -29.77 -35.16
N GLU A 1503 5.80 -28.74 -34.73
CA GLU A 1503 6.01 -28.53 -33.30
C GLU A 1503 4.70 -28.20 -32.58
N MET A 1504 3.85 -27.37 -33.21
CA MET A 1504 2.54 -27.07 -32.63
C MET A 1504 1.66 -28.30 -32.58
N GLU A 1505 1.74 -29.15 -33.60
CA GLU A 1505 1.00 -30.41 -33.61
C GLU A 1505 1.44 -31.33 -32.47
N SER A 1506 2.76 -31.43 -32.25
CA SER A 1506 3.27 -32.24 -31.14
C SER A 1506 2.85 -31.65 -29.79
N VAL A 1507 2.89 -30.31 -29.68
CA VAL A 1507 2.51 -29.63 -28.44
C VAL A 1507 1.06 -29.92 -28.09
N HIS A 1508 0.16 -29.77 -29.08
CA HIS A 1508 -1.24 -30.01 -28.79
C HIS A 1508 -1.61 -31.48 -28.81
N ASP A 1509 -0.76 -32.35 -29.35
CA ASP A 1509 -1.00 -33.79 -29.24
C ASP A 1509 -0.69 -34.28 -27.83
N ILE A 1510 0.42 -33.83 -27.24
CA ILE A 1510 0.69 -34.19 -25.85
C ILE A 1510 -0.01 -33.26 -24.86
N MET A 1511 -0.70 -32.23 -25.35
CA MET A 1511 -1.57 -31.41 -24.52
C MET A 1511 -3.01 -31.95 -24.46
N ILE A 1512 -3.56 -32.39 -25.60
CA ILE A 1512 -4.96 -32.79 -25.63
C ILE A 1512 -5.16 -34.22 -25.12
N LYS A 1513 -4.10 -35.03 -25.03
CA LYS A 1513 -4.23 -36.34 -24.41
C LYS A 1513 -4.18 -36.26 -22.90
N ASN A 1514 -3.74 -35.13 -22.34
CA ASN A 1514 -3.66 -34.90 -20.90
C ASN A 1514 -4.42 -33.61 -20.61
N PRO A 1515 -5.75 -33.68 -20.50
CA PRO A 1515 -6.55 -32.44 -20.48
C PRO A 1515 -6.52 -31.70 -19.16
N GLU A 1516 -6.23 -32.40 -18.06
CA GLU A 1516 -6.31 -31.79 -16.74
C GLU A 1516 -5.10 -30.93 -16.41
N THR A 1517 -4.10 -30.87 -17.28
CA THR A 1517 -2.87 -30.16 -16.93
C THR A 1517 -2.89 -28.68 -17.29
N ILE A 1518 -3.82 -28.23 -18.13
CA ILE A 1518 -3.81 -26.85 -18.61
C ILE A 1518 -4.98 -26.02 -18.13
N LEU A 1519 -6.06 -26.62 -17.60
CA LEU A 1519 -7.15 -25.77 -17.14
C LEU A 1519 -7.76 -26.22 -15.81
N ILE A 1520 -6.96 -26.83 -14.93
CA ILE A 1520 -7.22 -26.84 -13.49
C ILE A 1520 -5.90 -26.75 -12.74
N ALA A 1521 -6.01 -26.77 -11.41
CA ALA A 1521 -4.86 -26.73 -10.52
C ALA A 1521 -4.05 -28.03 -10.67
N PRO A 1522 -2.74 -27.96 -10.41
CA PRO A 1522 -1.91 -29.17 -10.48
C PRO A 1522 -2.32 -30.22 -9.45
N LEU A 1523 -2.74 -31.38 -9.95
CA LEU A 1523 -3.05 -32.49 -9.07
C LEU A 1523 -1.80 -33.08 -8.45
N ASN A 1524 -0.73 -33.15 -9.23
CA ASN A 1524 0.55 -33.72 -8.78
C ASN A 1524 1.65 -33.16 -9.66
N ASP A 1525 2.85 -33.70 -9.51
CA ASP A 1525 3.90 -33.47 -10.49
C ASP A 1525 3.51 -34.17 -11.79
N ARG A 1526 4.00 -33.59 -12.91
CA ARG A 1526 3.60 -33.79 -14.31
C ARG A 1526 2.24 -33.14 -14.59
N ASP A 1527 1.60 -32.60 -13.57
CA ASP A 1527 0.49 -31.68 -13.72
C ASP A 1527 0.86 -30.29 -13.26
N PHE A 1528 2.09 -30.09 -12.82
CA PHE A 1528 2.63 -28.79 -12.42
C PHE A 1528 3.83 -28.37 -13.26
N LEU A 1529 4.74 -29.31 -13.54
CA LEU A 1529 5.96 -28.96 -14.28
C LEU A 1529 5.65 -28.62 -15.73
N LEU A 1530 4.68 -29.28 -16.34
CA LEU A 1530 4.27 -28.92 -17.69
C LEU A 1530 3.01 -28.05 -17.73
N SER A 1531 2.35 -27.83 -16.58
CA SER A 1531 1.34 -26.79 -16.51
C SER A 1531 1.96 -25.41 -16.72
N GLN A 1532 3.15 -25.19 -16.16
CA GLN A 1532 3.90 -23.96 -16.40
C GLN A 1532 4.56 -23.95 -17.78
N LEU A 1533 4.61 -25.08 -18.47
CA LEU A 1533 5.19 -25.16 -19.79
C LEU A 1533 4.16 -25.00 -20.90
N PHE A 1534 2.90 -25.32 -20.61
CA PHE A 1534 1.84 -25.32 -21.62
C PHE A 1534 1.01 -24.04 -21.57
N MET A 1535 1.49 -23.06 -20.79
CA MET A 1535 0.88 -21.76 -20.74
C MET A 1535 1.64 -20.72 -21.54
N TYR A 1536 2.74 -21.10 -22.18
CA TYR A 1536 3.51 -20.23 -23.06
C TYR A 1536 3.23 -20.54 -24.52
N THR A 1537 2.06 -21.11 -24.79
CA THR A 1537 1.62 -21.46 -26.12
C THR A 1537 0.35 -20.71 -26.55
N SER A 1538 -0.51 -20.35 -25.61
CA SER A 1538 -1.70 -19.54 -25.83
C SER A 1538 -1.35 -18.09 -26.08
N PRO A 1539 -1.96 -17.45 -27.10
CA PRO A 1539 -1.74 -16.01 -27.30
C PRO A 1539 -2.31 -15.14 -26.20
N SER A 1540 -3.40 -15.56 -25.56
CA SER A 1540 -4.03 -14.81 -24.48
C SER A 1540 -3.39 -15.08 -23.13
N LYS A 1541 -2.41 -15.99 -23.06
CA LYS A 1541 -1.70 -16.26 -21.82
C LYS A 1541 -0.31 -15.61 -21.77
N ARG A 1542 0.23 -15.19 -22.91
CA ARG A 1542 1.40 -14.31 -22.94
C ARG A 1542 1.00 -12.85 -22.89
N ASN A 1543 -0.16 -12.50 -23.46
CA ASN A 1543 -0.70 -11.16 -23.31
C ASN A 1543 -1.04 -10.87 -21.85
N GLN A 1544 -1.60 -11.86 -21.15
CA GLN A 1544 -1.98 -11.68 -19.75
C GLN A 1544 -0.74 -11.50 -18.87
N LEU A 1545 0.33 -12.24 -19.16
CA LEU A 1545 1.57 -12.04 -18.42
C LEU A 1545 2.29 -10.76 -18.84
N SER A 1546 1.99 -10.24 -20.04
CA SER A 1546 2.65 -9.02 -20.50
C SER A 1546 2.07 -7.74 -19.90
N ASN A 1547 0.76 -7.67 -19.70
CA ASN A 1547 0.13 -6.44 -19.20
C ASN A 1547 -0.15 -6.52 -17.70
N GLN A 1548 0.77 -7.13 -16.94
CA GLN A 1548 0.62 -7.18 -15.50
C GLN A 1548 0.77 -5.79 -14.89
N SER A 1549 -0.07 -5.48 -13.92
CA SER A 1549 -0.14 -4.15 -13.33
C SER A 1549 1.06 -3.93 -12.41
N THR A 1550 2.05 -3.19 -12.89
CA THR A 1550 3.19 -2.83 -12.08
C THR A 1550 2.86 -1.58 -11.25
N ALA A 1551 3.84 -1.13 -10.45
CA ALA A 1551 3.60 -0.02 -9.54
C ALA A 1551 3.59 1.32 -10.28
N LYS A 1552 4.73 1.67 -10.87
CA LYS A 1552 5.02 2.94 -11.54
C LYS A 1552 4.78 4.11 -10.58
N LEU A 1553 4.45 5.28 -11.12
CA LEU A 1553 4.23 6.49 -10.34
C LEU A 1553 3.53 7.50 -11.23
N ALA A 1554 3.33 8.70 -10.71
CA ALA A 1554 2.78 9.79 -11.50
C ALA A 1554 3.81 10.26 -12.54
N LEU A 1555 3.29 10.96 -13.56
CA LEU A 1555 3.98 11.46 -14.76
C LEU A 1555 4.35 10.32 -15.73
N ASP A 1556 4.12 9.07 -15.32
CA ASP A 1556 4.22 7.93 -16.20
C ASP A 1556 2.85 7.43 -16.64
N ARG A 1557 1.78 8.07 -16.18
CA ARG A 1557 0.42 7.67 -16.53
C ARG A 1557 -0.36 8.86 -17.06
N VAL A 1558 -0.02 10.06 -16.59
CA VAL A 1558 -0.62 11.27 -17.17
C VAL A 1558 0.01 11.57 -18.52
N LEU A 1559 1.18 11.02 -18.79
CA LEU A 1559 1.81 11.17 -20.10
C LEU A 1559 1.47 10.02 -21.04
N ARG A 1560 1.28 8.82 -20.52
CA ARG A 1560 0.89 7.68 -21.36
C ARG A 1560 -0.55 7.83 -21.87
N SER A 1561 -1.39 8.55 -21.13
CA SER A 1561 -2.76 8.76 -21.56
C SER A 1561 -2.86 9.68 -22.78
N LYS A 1562 -1.83 10.47 -23.05
CA LYS A 1562 -1.82 11.38 -24.19
C LYS A 1562 -0.74 10.99 -25.19
N ALA A 1563 -0.56 9.69 -25.40
CA ALA A 1563 0.49 9.18 -26.27
C ALA A 1563 -0.06 8.09 -27.17
N ARG A 1564 0.60 7.90 -28.31
CA ARG A 1564 0.25 6.84 -29.25
C ARG A 1564 0.80 5.52 -28.72
N THR A 1565 -0.06 4.76 -28.04
CA THR A 1565 0.36 3.56 -27.33
C THR A 1565 0.19 2.30 -28.18
N PHE A 1566 0.85 1.24 -27.75
CA PHE A 1566 0.70 -0.06 -28.39
C PHE A 1566 -0.65 -0.67 -28.06
N VAL A 1567 -1.09 -1.59 -28.90
CA VAL A 1567 -2.37 -2.28 -28.70
C VAL A 1567 -2.18 -3.60 -27.97
N ASP A 1568 -1.31 -4.47 -28.49
CA ASP A 1568 -1.07 -5.78 -27.88
C ASP A 1568 0.41 -6.09 -27.99
N ILE A 1569 0.76 -7.36 -27.76
CA ILE A 1569 2.16 -7.77 -27.68
C ILE A 1569 2.85 -7.76 -29.04
N SER A 1570 2.10 -7.77 -30.15
CA SER A 1570 2.72 -7.83 -31.47
C SER A 1570 1.80 -7.10 -32.46
N SER A 1571 2.11 -5.82 -32.68
CA SER A 1571 1.40 -5.02 -33.69
C SER A 1571 2.29 -3.86 -34.07
N THR A 1572 2.39 -3.59 -35.38
CA THR A 1572 3.10 -2.41 -35.84
C THR A 1572 2.28 -1.14 -35.69
N GLU A 1573 0.98 -1.24 -35.45
CA GLU A 1573 0.13 -0.08 -35.33
C GLU A 1573 0.22 0.50 -33.92
N LYS A 1574 0.47 1.80 -33.85
CA LYS A 1574 0.45 2.54 -32.60
C LYS A 1574 -0.67 3.57 -32.67
N MET A 1575 -1.53 3.58 -31.65
CA MET A 1575 -2.70 4.44 -31.68
C MET A 1575 -3.02 4.89 -30.26
N THR A 1576 -3.67 6.06 -30.16
CA THR A 1576 -3.91 6.70 -28.88
C THR A 1576 -5.05 6.02 -28.13
N TYR A 1577 -5.25 6.45 -26.89
CA TYR A 1577 -6.31 5.87 -26.05
C TYR A 1577 -7.68 6.30 -26.52
N GLU A 1578 -7.85 7.58 -26.87
CA GLU A 1578 -9.17 8.05 -27.27
C GLU A 1578 -9.56 7.51 -28.64
N GLU A 1579 -8.60 7.33 -29.55
CA GLU A 1579 -8.92 6.73 -30.84
C GLU A 1579 -9.24 5.25 -30.71
N ASN A 1580 -8.57 4.56 -29.78
CA ASN A 1580 -8.93 3.17 -29.46
C ASN A 1580 -10.34 3.09 -28.89
N MET A 1581 -10.71 4.03 -28.02
CA MET A 1581 -12.06 4.06 -27.48
C MET A 1581 -13.09 4.36 -28.57
N GLU A 1582 -12.76 5.26 -29.50
CA GLU A 1582 -13.65 5.54 -30.63
C GLU A 1582 -13.86 4.29 -31.49
N LYS A 1583 -12.77 3.56 -31.76
CA LYS A 1583 -12.86 2.33 -32.55
C LYS A 1583 -13.69 1.27 -31.84
N LYS A 1584 -13.51 1.13 -30.52
CA LYS A 1584 -14.26 0.12 -29.78
C LYS A 1584 -15.75 0.47 -29.68
N ILE A 1585 -16.08 1.74 -29.48
CA ILE A 1585 -17.49 2.13 -29.42
C ILE A 1585 -18.13 2.00 -30.80
N LEU A 1586 -17.40 2.32 -31.86
CA LEU A 1586 -17.92 2.10 -33.22
C LEU A 1586 -18.06 0.61 -33.52
N GLU A 1587 -17.24 -0.24 -32.92
CA GLU A 1587 -17.39 -1.68 -33.10
C GLU A 1587 -18.62 -2.21 -32.38
N MET A 1588 -18.84 -1.77 -31.14
CA MET A 1588 -20.00 -2.22 -30.36
C MET A 1588 -21.20 -1.30 -30.58
N LEU A 1589 -21.61 -1.15 -31.83
CA LEU A 1589 -22.78 -0.34 -32.13
C LEU A 1589 -23.77 -1.14 -32.98
N LYS A 1590 -23.26 -2.07 -33.78
CA LYS A 1590 -24.10 -2.90 -34.62
C LYS A 1590 -24.78 -3.98 -33.78
N PHE A 1591 -25.78 -4.63 -34.38
CA PHE A 1591 -26.57 -5.61 -33.66
C PHE A 1591 -25.77 -6.88 -33.39
N ASP A 1592 -25.02 -7.35 -34.39
CA ASP A 1592 -24.09 -8.48 -34.30
C ASP A 1592 -24.80 -9.76 -33.86
N LEU A 1593 -25.64 -10.27 -34.76
CA LEU A 1593 -26.39 -11.50 -34.53
C LEU A 1593 -25.44 -12.68 -34.31
N ASP A 1594 -26.01 -13.72 -33.69
CA ASP A 1594 -25.44 -14.84 -32.89
C ASP A 1594 -25.00 -14.39 -31.50
N SER A 1595 -25.57 -13.29 -31.00
CA SER A 1595 -25.27 -12.79 -29.66
C SER A 1595 -26.33 -13.20 -28.63
N TYR A 1596 -26.98 -14.35 -28.84
CA TYR A 1596 -28.03 -14.77 -27.91
C TYR A 1596 -27.44 -15.32 -26.62
N CYS A 1597 -26.31 -16.04 -26.71
CA CYS A 1597 -25.72 -16.68 -25.54
C CYS A 1597 -25.21 -15.65 -24.54
N SER A 1598 -24.56 -14.59 -25.02
CA SER A 1598 -24.09 -13.55 -24.11
C SER A 1598 -25.24 -12.71 -23.58
N PHE A 1599 -26.32 -12.58 -24.34
CA PHE A 1599 -27.53 -11.92 -23.84
C PHE A 1599 -28.11 -12.69 -22.65
N LYS A 1600 -28.27 -14.01 -22.80
CA LYS A 1600 -28.78 -14.81 -21.69
C LYS A 1600 -27.80 -14.86 -20.53
N THR A 1601 -26.50 -14.86 -20.81
CA THR A 1601 -25.50 -14.86 -19.75
C THR A 1601 -25.53 -13.56 -18.96
N CYS A 1602 -25.65 -12.41 -19.65
CA CYS A 1602 -25.68 -11.13 -18.95
C CYS A 1602 -27.00 -10.94 -18.20
N VAL A 1603 -28.10 -11.52 -18.69
CA VAL A 1603 -29.34 -11.48 -17.94
C VAL A 1603 -29.25 -12.35 -16.68
N ASN A 1604 -28.75 -13.58 -16.83
CA ASN A 1604 -28.71 -14.51 -15.72
C ASN A 1604 -27.61 -14.22 -14.71
N LEU A 1605 -26.59 -13.45 -15.08
CA LEU A 1605 -25.61 -13.01 -14.10
C LEU A 1605 -26.16 -11.90 -13.21
N VAL A 1606 -27.13 -11.14 -13.70
CA VAL A 1606 -27.72 -10.04 -12.93
C VAL A 1606 -28.88 -10.51 -12.07
N ILE A 1607 -29.83 -11.24 -12.67
CA ILE A 1607 -31.06 -11.56 -11.95
C ILE A 1607 -30.85 -12.62 -10.88
N LYS A 1608 -29.94 -13.58 -11.09
CA LYS A 1608 -29.83 -14.73 -10.20
C LYS A 1608 -29.04 -14.45 -8.93
N ASP A 1609 -28.60 -13.22 -8.68
CA ASP A 1609 -27.89 -12.90 -7.45
C ASP A 1609 -28.85 -12.92 -6.27
N VAL A 1610 -28.44 -13.60 -5.19
CA VAL A 1610 -29.31 -13.72 -4.02
C VAL A 1610 -29.39 -12.40 -3.27
N ASN A 1611 -28.27 -11.68 -3.15
CA ASN A 1611 -28.27 -10.42 -2.41
C ASN A 1611 -29.05 -9.34 -3.14
N PHE A 1612 -28.86 -9.24 -4.46
CA PHE A 1612 -29.52 -8.21 -5.26
C PHE A 1612 -31.02 -8.41 -5.31
N SER A 1613 -31.46 -9.67 -5.51
CA SER A 1613 -32.87 -9.98 -5.70
C SER A 1613 -33.69 -9.84 -4.43
N MET A 1614 -33.06 -9.67 -3.26
CA MET A 1614 -33.80 -9.32 -2.06
C MET A 1614 -33.48 -7.93 -1.55
N LEU A 1615 -32.37 -7.33 -1.97
CA LEU A 1615 -32.11 -5.94 -1.61
C LEU A 1615 -33.00 -4.99 -2.40
N ILE A 1616 -33.21 -5.28 -3.70
CA ILE A 1616 -34.02 -4.39 -4.54
C ILE A 1616 -35.49 -4.32 -4.11
N PRO A 1617 -36.19 -5.43 -3.82
CA PRO A 1617 -37.57 -5.27 -3.31
C PRO A 1617 -37.68 -4.60 -1.94
N ILE A 1618 -36.63 -4.68 -1.12
CA ILE A 1618 -36.63 -3.93 0.14
C ILE A 1618 -36.51 -2.44 -0.12
N LEU A 1619 -35.61 -2.05 -1.03
CA LEU A 1619 -35.43 -0.64 -1.36
C LEU A 1619 -36.65 -0.06 -2.07
N ASP A 1620 -37.35 -0.87 -2.86
CA ASP A 1620 -38.52 -0.39 -3.58
C ASP A 1620 -39.75 -0.24 -2.68
N SER A 1621 -39.84 -1.01 -1.61
CA SER A 1621 -41.04 -1.08 -0.77
C SER A 1621 -40.70 -0.82 0.69
N ALA A 1622 -39.95 0.26 0.94
CA ALA A 1622 -39.54 0.63 2.28
C ALA A 1622 -40.33 1.84 2.77
N TYR A 1623 -40.82 1.75 4.00
CA TYR A 1623 -41.50 2.89 4.61
C TYR A 1623 -40.50 4.01 4.88
N PRO A 1624 -40.91 5.28 4.74
CA PRO A 1624 -39.98 6.40 4.95
C PRO A 1624 -39.41 6.51 6.37
N CYS A 1625 -40.28 6.67 7.36
CA CYS A 1625 -39.82 7.00 8.71
C CYS A 1625 -40.97 6.87 9.70
N GLU A 1626 -40.62 7.06 10.98
CA GLU A 1626 -41.54 7.41 12.05
C GLU A 1626 -42.57 6.34 12.39
N SER A 1627 -42.34 5.08 11.97
CA SER A 1627 -43.12 3.97 12.48
C SER A 1627 -42.27 3.02 13.31
N ARG A 1628 -41.23 2.44 12.72
CA ARG A 1628 -40.16 1.76 13.45
C ARG A 1628 -38.78 2.13 12.93
N LYS A 1629 -38.68 2.84 11.81
CA LYS A 1629 -37.41 2.99 11.12
C LYS A 1629 -36.54 4.08 11.73
N ARG A 1630 -37.00 5.32 11.69
CA ARG A 1630 -36.17 6.43 12.15
C ARG A 1630 -37.05 7.56 12.67
N ASP A 1631 -36.51 8.26 13.68
CA ASP A 1631 -37.15 9.46 14.19
C ASP A 1631 -36.16 10.58 14.53
N ASN A 1632 -34.86 10.36 14.36
CA ASN A 1632 -33.85 11.36 14.64
C ASN A 1632 -33.32 11.96 13.34
N TYR A 1633 -32.53 13.02 13.46
CA TYR A 1633 -32.21 13.85 12.30
C TYR A 1633 -30.74 13.87 11.93
N ASN A 1634 -29.84 14.13 12.88
CA ASN A 1634 -28.44 14.44 12.55
C ASN A 1634 -27.61 13.17 12.61
N PHE A 1635 -27.07 12.76 11.45
CA PHE A 1635 -26.30 11.53 11.26
C PHE A 1635 -27.07 10.30 11.73
N ARG A 1636 -28.39 10.37 11.59
CA ARG A 1636 -29.26 9.33 12.11
C ARG A 1636 -30.40 8.99 11.16
N TRP A 1637 -30.28 9.31 9.88
CA TRP A 1637 -31.10 8.68 8.87
C TRP A 1637 -30.42 7.46 8.27
N PHE A 1638 -29.13 7.54 7.99
CA PHE A 1638 -28.46 6.42 7.35
C PHE A 1638 -28.29 5.21 8.26
N GLN A 1639 -27.95 5.42 9.53
CA GLN A 1639 -27.75 4.31 10.43
C GLN A 1639 -29.03 3.90 11.14
N THR A 1640 -30.19 4.32 10.63
CA THR A 1640 -31.47 4.00 11.24
C THR A 1640 -32.48 3.48 10.21
N GLU A 1641 -32.32 3.88 8.95
CA GLU A 1641 -33.31 3.60 7.91
C GLU A 1641 -32.84 2.58 6.89
N LYS A 1642 -31.58 2.65 6.43
CA LYS A 1642 -31.03 1.62 5.57
C LYS A 1642 -29.69 1.05 5.99
N TRP A 1643 -29.45 0.85 7.28
CA TRP A 1643 -28.45 -0.13 7.69
C TRP A 1643 -28.85 -0.88 8.95
N ILE A 1644 -30.15 -0.94 9.21
CA ILE A 1644 -30.68 -1.81 10.28
C ILE A 1644 -32.05 -2.38 9.87
N PRO A 1645 -32.97 -1.66 9.23
CA PRO A 1645 -34.11 -2.35 8.61
C PRO A 1645 -33.80 -3.04 7.29
N VAL A 1646 -32.57 -2.91 6.78
CA VAL A 1646 -32.06 -3.79 5.74
C VAL A 1646 -31.25 -4.93 6.33
N VAL A 1647 -30.85 -4.85 7.59
CA VAL A 1647 -30.17 -5.94 8.28
C VAL A 1647 -31.13 -6.69 9.21
N GLU A 1648 -32.36 -6.21 9.36
CA GLU A 1648 -33.47 -7.11 9.64
C GLU A 1648 -34.02 -7.71 8.36
N GLY A 1649 -33.57 -7.23 7.20
CA GLY A 1649 -34.02 -7.75 5.93
C GLY A 1649 -33.46 -9.11 5.61
N SER A 1650 -32.15 -9.21 5.44
CA SER A 1650 -31.59 -10.50 5.05
C SER A 1650 -31.41 -11.46 6.24
N PRO A 1651 -30.65 -11.12 7.35
CA PRO A 1651 -30.51 -12.13 8.41
C PRO A 1651 -31.43 -12.01 9.62
N GLY A 1652 -32.13 -10.90 9.80
CA GLY A 1652 -32.92 -10.70 11.01
C GLY A 1652 -32.07 -10.25 12.18
N LEU A 1653 -32.49 -9.19 12.87
CA LEU A 1653 -31.66 -8.55 13.88
C LEU A 1653 -32.56 -7.70 14.79
N VAL A 1654 -32.03 -7.31 15.95
CA VAL A 1654 -32.82 -6.65 16.98
C VAL A 1654 -32.25 -5.26 17.26
N VAL A 1655 -30.93 -5.10 17.08
CA VAL A 1655 -30.21 -3.91 17.52
C VAL A 1655 -30.62 -2.68 16.70
N MET A 1656 -30.62 -1.52 17.34
CA MET A 1656 -31.13 -0.30 16.73
C MET A 1656 -30.06 0.49 15.97
N HIS A 1657 -29.00 0.89 16.67
CA HIS A 1657 -27.97 1.76 16.12
C HIS A 1657 -26.64 1.02 16.16
N ALA A 1658 -25.95 0.93 15.04
CA ALA A 1658 -24.74 0.12 15.00
C ALA A 1658 -23.78 0.61 13.93
N VAL A 1659 -22.50 0.50 14.22
CA VAL A 1659 -21.42 0.70 13.25
C VAL A 1659 -21.07 -0.68 12.69
N TYR A 1660 -21.03 -0.80 11.36
CA TYR A 1660 -21.06 -2.10 10.70
C TYR A 1660 -19.70 -2.51 10.19
N GLY A 1661 -19.32 -3.75 10.51
CA GLY A 1661 -18.27 -4.45 9.80
C GLY A 1661 -18.92 -5.58 9.04
N SER A 1662 -19.03 -5.44 7.71
CA SER A 1662 -19.87 -6.33 6.92
C SER A 1662 -19.20 -7.68 6.71
N ASN A 1663 -19.89 -8.52 5.94
CA ASN A 1663 -19.47 -9.89 5.68
C ASN A 1663 -18.37 -9.91 4.62
N TYR A 1664 -18.17 -11.07 4.00
CA TYR A 1664 -17.21 -11.19 2.91
C TYR A 1664 -17.68 -10.43 1.67
N ILE A 1665 -16.88 -10.52 0.61
CA ILE A 1665 -17.16 -9.78 -0.62
C ILE A 1665 -18.44 -10.31 -1.28
N GLU A 1666 -19.27 -9.38 -1.75
CA GLU A 1666 -20.46 -9.75 -2.50
C GLU A 1666 -20.06 -10.45 -3.78
N ASN A 1667 -20.56 -11.66 -3.97
CA ASN A 1667 -20.05 -12.58 -4.99
C ASN A 1667 -20.73 -12.30 -6.32
N LEU A 1668 -19.95 -11.80 -7.28
CA LEU A 1668 -20.31 -11.81 -8.69
C LEU A 1668 -19.36 -12.68 -9.51
N GLY A 1669 -18.71 -13.64 -8.85
CA GLY A 1669 -17.77 -14.53 -9.50
C GLY A 1669 -18.11 -16.00 -9.36
N LEU A 1670 -19.34 -16.29 -8.93
CA LEU A 1670 -19.85 -17.66 -8.94
C LEU A 1670 -20.21 -18.12 -10.34
N LYS A 1671 -20.49 -17.18 -11.24
CA LYS A 1671 -20.84 -17.46 -12.62
C LYS A 1671 -19.71 -17.10 -13.60
N ASN A 1672 -18.73 -16.32 -13.16
CA ASN A 1672 -17.68 -15.91 -14.07
C ASN A 1672 -16.51 -16.88 -14.13
N ILE A 1673 -16.22 -17.61 -13.05
CA ILE A 1673 -15.20 -18.65 -13.13
C ILE A 1673 -15.63 -19.85 -13.99
N PRO A 1674 -16.93 -20.22 -14.16
CA PRO A 1674 -17.24 -21.06 -15.32
C PRO A 1674 -16.95 -20.42 -16.66
N LEU A 1675 -17.11 -19.10 -16.79
CA LEU A 1675 -16.84 -18.44 -18.07
C LEU A 1675 -15.36 -18.50 -18.42
N THR A 1676 -14.48 -18.26 -17.46
CA THR A 1676 -13.05 -18.39 -17.71
C THR A 1676 -12.68 -19.86 -17.96
N ASP A 1677 -13.17 -20.76 -17.11
CA ASP A 1677 -12.80 -22.17 -17.18
C ASP A 1677 -13.42 -22.90 -18.35
N ASP A 1678 -14.38 -22.30 -19.05
CA ASP A 1678 -14.82 -22.84 -20.32
C ASP A 1678 -14.29 -22.07 -21.53
N SER A 1679 -13.92 -20.79 -21.36
CA SER A 1679 -13.28 -20.06 -22.43
C SER A 1679 -11.89 -20.62 -22.72
N ILE A 1680 -11.16 -21.05 -21.69
CA ILE A 1680 -9.84 -21.64 -21.95
C ILE A 1680 -10.01 -22.99 -22.65
N ASN A 1681 -11.08 -23.73 -22.33
CA ASN A 1681 -11.37 -24.99 -22.99
C ASN A 1681 -11.71 -24.78 -24.46
N VAL A 1682 -12.52 -23.76 -24.77
CA VAL A 1682 -12.82 -23.44 -26.16
C VAL A 1682 -11.56 -22.98 -26.89
N LEU A 1683 -10.67 -22.27 -26.19
CA LEU A 1683 -9.44 -21.80 -26.84
C LEU A 1683 -8.51 -22.95 -27.17
N THR A 1684 -8.33 -23.91 -26.26
CA THR A 1684 -7.46 -25.04 -26.60
C THR A 1684 -8.14 -25.98 -27.59
N SER A 1685 -9.48 -26.01 -27.61
CA SER A 1685 -10.19 -26.74 -28.65
C SER A 1685 -9.91 -26.15 -30.03
N THR A 1686 -9.99 -24.82 -30.14
CA THR A 1686 -9.72 -24.16 -31.42
C THR A 1686 -8.26 -24.28 -31.82
N PHE A 1687 -7.35 -24.16 -30.86
CA PHE A 1687 -5.93 -24.27 -31.18
C PHE A 1687 -5.48 -25.71 -31.36
N GLY A 1688 -6.31 -26.69 -30.99
CA GLY A 1688 -6.03 -28.07 -31.32
C GLY A 1688 -6.60 -28.44 -32.67
N THR A 1689 -7.73 -27.83 -33.03
CA THR A 1689 -8.34 -28.10 -34.33
C THR A 1689 -7.79 -27.26 -35.47
N GLY A 1690 -7.00 -26.23 -35.16
CA GLY A 1690 -6.52 -25.36 -36.22
C GLY A 1690 -5.37 -25.88 -37.06
N LEU A 1691 -4.66 -26.92 -36.61
CA LEU A 1691 -3.49 -27.39 -37.35
C LEU A 1691 -3.86 -28.27 -38.54
N ILE A 1692 -4.56 -29.38 -38.27
CA ILE A 1692 -4.79 -30.42 -39.27
C ILE A 1692 -5.71 -29.94 -40.38
N MET A 1693 -6.59 -28.98 -40.07
CA MET A 1693 -7.74 -28.65 -40.91
C MET A 1693 -8.30 -27.31 -40.46
N GLU A 1694 -9.24 -26.78 -41.25
CA GLU A 1694 -9.90 -25.53 -40.91
C GLU A 1694 -11.39 -25.73 -40.64
N ASP A 1695 -12.14 -26.23 -41.63
CA ASP A 1695 -13.58 -26.54 -41.55
C ASP A 1695 -14.44 -25.34 -41.16
N VAL A 1696 -15.75 -25.55 -41.01
CA VAL A 1696 -16.61 -24.53 -40.41
C VAL A 1696 -17.35 -25.16 -39.23
N LYS A 1697 -18.20 -26.14 -39.52
CA LYS A 1697 -19.05 -26.79 -38.52
C LYS A 1697 -19.41 -28.19 -38.99
N SER A 1698 -20.08 -28.93 -38.10
CA SER A 1698 -20.66 -30.26 -38.37
C SER A 1698 -19.58 -31.25 -38.83
N LEU A 1699 -18.62 -31.50 -37.95
CA LEU A 1699 -17.42 -32.22 -38.29
C LEU A 1699 -17.63 -33.73 -38.22
N VAL A 1700 -17.09 -34.44 -39.20
CA VAL A 1700 -17.10 -35.90 -39.25
C VAL A 1700 -15.64 -36.35 -39.37
N LYS A 1701 -15.04 -36.74 -38.26
CA LYS A 1701 -13.65 -37.20 -38.26
C LYS A 1701 -13.41 -38.47 -37.47
N GLY A 1702 -14.24 -38.81 -36.48
CA GLY A 1702 -13.89 -39.87 -35.56
C GLY A 1702 -13.02 -39.32 -34.44
N LYS A 1703 -12.17 -40.18 -33.89
CA LYS A 1703 -11.18 -39.91 -32.82
C LYS A 1703 -11.81 -39.10 -31.67
N ASP A 1704 -12.69 -39.82 -30.96
CA ASP A 1704 -13.80 -39.37 -30.11
C ASP A 1704 -13.57 -38.11 -29.31
N SER A 1705 -12.36 -37.91 -28.78
CA SER A 1705 -12.03 -36.68 -28.06
C SER A 1705 -12.07 -35.44 -28.94
N PHE A 1706 -11.96 -35.60 -30.27
CA PHE A 1706 -12.08 -34.48 -31.19
C PHE A 1706 -13.51 -34.31 -31.71
N GLU A 1707 -14.20 -35.42 -31.98
CA GLU A 1707 -15.57 -35.34 -32.47
C GLU A 1707 -16.50 -34.80 -31.39
N THR A 1708 -16.28 -35.18 -30.13
CA THR A 1708 -17.13 -34.66 -29.06
C THR A 1708 -16.85 -33.19 -28.79
N GLU A 1709 -15.60 -32.73 -28.98
CA GLU A 1709 -15.35 -31.31 -28.84
C GLU A 1709 -15.87 -30.51 -30.04
N ALA A 1710 -15.94 -31.14 -31.22
CA ALA A 1710 -16.57 -30.49 -32.36
C ALA A 1710 -18.07 -30.37 -32.17
N PHE A 1711 -18.69 -31.39 -31.58
CA PHE A 1711 -20.09 -31.27 -31.16
C PHE A 1711 -20.26 -30.29 -30.02
N SER A 1712 -19.21 -30.12 -29.20
CA SER A 1712 -19.27 -29.15 -28.10
C SER A 1712 -19.21 -27.73 -28.62
N ASN A 1713 -18.57 -27.51 -29.76
CA ASN A 1713 -18.41 -26.16 -30.31
C ASN A 1713 -19.53 -25.80 -31.28
N SER A 1714 -20.76 -26.22 -30.98
CA SER A 1714 -21.94 -26.02 -31.82
C SER A 1714 -22.22 -24.55 -32.11
N ASN A 1715 -22.51 -23.76 -31.08
CA ASN A 1715 -22.71 -22.33 -31.29
C ASN A 1715 -21.55 -21.51 -30.71
N GLU A 1716 -21.31 -21.64 -29.41
CA GLU A 1716 -20.18 -21.01 -28.73
C GLU A 1716 -19.51 -21.93 -27.71
N CYS A 1717 -20.19 -23.01 -27.32
CA CYS A 1717 -20.02 -23.96 -26.21
C CYS A 1717 -20.49 -23.37 -24.89
N GLN A 1718 -20.74 -22.07 -24.78
CA GLN A 1718 -21.12 -21.49 -23.49
C GLN A 1718 -22.59 -21.69 -23.19
N ARG A 1719 -23.45 -21.52 -24.20
CA ARG A 1719 -24.86 -21.82 -24.01
C ARG A 1719 -25.09 -23.32 -23.83
N LEU A 1720 -24.26 -24.16 -24.48
CA LEU A 1720 -24.31 -25.59 -24.23
C LEU A 1720 -23.93 -25.89 -22.78
N VAL A 1721 -22.89 -25.23 -22.28
CA VAL A 1721 -22.44 -25.38 -20.89
C VAL A 1721 -23.58 -25.06 -19.93
N LYS A 1722 -24.21 -23.89 -20.13
CA LYS A 1722 -25.21 -23.41 -19.20
C LYS A 1722 -26.48 -24.26 -19.25
N ALA A 1723 -26.99 -24.53 -20.46
CA ALA A 1723 -28.23 -25.30 -20.59
C ALA A 1723 -28.03 -26.75 -20.19
N CYS A 1724 -26.96 -27.40 -20.69
CA CYS A 1724 -26.75 -28.82 -20.47
C CYS A 1724 -26.46 -29.12 -19.00
N ASN A 1725 -25.70 -28.26 -18.33
CA ASN A 1725 -25.48 -28.50 -16.92
C ASN A 1725 -26.50 -27.79 -16.04
N TYR A 1726 -27.47 -27.10 -16.64
CA TYR A 1726 -28.66 -26.68 -15.92
C TYR A 1726 -29.71 -27.77 -15.88
N MET A 1727 -29.82 -28.58 -16.94
CA MET A 1727 -30.85 -29.60 -17.01
C MET A 1727 -30.44 -30.95 -16.42
N ILE A 1728 -29.16 -31.18 -16.14
CA ILE A 1728 -28.69 -32.31 -15.36
C ILE A 1728 -27.69 -31.84 -14.30
N ALA A 1729 -27.30 -32.78 -13.44
CA ALA A 1729 -26.24 -32.55 -12.46
C ALA A 1729 -25.59 -33.91 -12.17
N ALA A 1730 -24.47 -34.18 -12.85
CA ALA A 1730 -23.80 -35.47 -12.71
C ALA A 1730 -22.95 -35.53 -11.44
N GLN A 1731 -21.94 -34.65 -11.37
CA GLN A 1731 -21.04 -34.49 -10.22
C GLN A 1731 -20.31 -35.79 -9.87
N ASN A 1732 -19.48 -36.25 -10.80
CA ASN A 1732 -18.67 -37.43 -10.59
C ASN A 1732 -17.36 -37.00 -9.94
N ARG A 1733 -16.84 -37.89 -9.08
CA ARG A 1733 -15.60 -37.59 -8.37
C ARG A 1733 -14.40 -37.71 -9.30
N LEU A 1734 -13.25 -37.26 -8.80
CA LEU A 1734 -12.03 -37.14 -9.60
C LEU A 1734 -11.03 -38.21 -9.18
N LEU A 1735 -10.56 -38.98 -10.15
CA LEU A 1735 -9.33 -39.75 -10.01
C LEU A 1735 -8.52 -39.70 -11.30
N ALA A 1736 -9.04 -39.04 -12.35
CA ALA A 1736 -8.45 -38.74 -13.66
C ALA A 1736 -8.32 -39.96 -14.56
N ILE A 1737 -8.62 -41.14 -14.03
CA ILE A 1737 -8.96 -42.29 -14.86
C ILE A 1737 -10.44 -42.64 -14.73
N ASN A 1738 -11.03 -42.44 -13.55
CA ASN A 1738 -12.47 -42.60 -13.37
C ASN A 1738 -13.21 -41.51 -14.16
N THR A 1739 -12.74 -40.27 -14.09
CA THR A 1739 -13.44 -39.19 -14.77
C THR A 1739 -13.14 -39.20 -16.27
N CYS A 1740 -11.93 -39.61 -16.66
CA CYS A 1740 -11.65 -39.79 -18.08
C CYS A 1740 -12.29 -41.04 -18.66
N PHE A 1741 -12.82 -41.92 -17.81
CA PHE A 1741 -13.57 -43.08 -18.31
C PHE A 1741 -14.87 -42.64 -18.96
N THR A 1742 -15.54 -41.64 -18.39
CA THR A 1742 -16.82 -41.16 -18.91
C THR A 1742 -16.69 -40.58 -20.31
N ARG A 1743 -15.98 -39.46 -20.43
CA ARG A 1743 -15.68 -38.77 -21.68
C ARG A 1743 -14.71 -37.65 -21.39
N LYS A 1744 -13.87 -37.32 -22.37
CA LYS A 1744 -12.90 -36.25 -22.23
C LYS A 1744 -13.54 -34.87 -22.30
N SER A 1745 -14.74 -34.75 -22.87
CA SER A 1745 -15.29 -33.44 -23.20
C SER A 1745 -16.57 -33.10 -22.44
N PHE A 1746 -17.63 -33.91 -22.53
CA PHE A 1746 -18.94 -33.42 -22.10
C PHE A 1746 -19.15 -33.44 -20.58
N PRO A 1747 -18.92 -34.53 -19.83
CA PRO A 1747 -19.00 -34.41 -18.37
C PRO A 1747 -17.67 -34.15 -17.67
N PHE A 1748 -16.57 -34.04 -18.43
CA PHE A 1748 -15.28 -33.76 -17.83
C PHE A 1748 -15.16 -32.30 -17.42
N TYR A 1749 -15.73 -31.39 -18.21
CA TYR A 1749 -15.61 -29.95 -17.93
C TYR A 1749 -16.30 -29.55 -16.64
N SER A 1750 -17.32 -30.30 -16.21
CA SER A 1750 -17.94 -30.04 -14.92
C SER A 1750 -16.96 -30.27 -13.78
N LYS A 1751 -16.05 -31.23 -13.95
CA LYS A 1751 -14.89 -31.35 -13.06
C LYS A 1751 -13.70 -30.59 -13.67
N PHE A 1752 -13.91 -29.32 -14.04
CA PHE A 1752 -12.83 -28.35 -14.02
C PHE A 1752 -13.21 -27.06 -13.31
N ASN A 1753 -14.33 -27.03 -12.61
CA ASN A 1753 -14.69 -25.87 -11.82
C ASN A 1753 -15.09 -26.23 -10.38
N LEU A 1754 -15.44 -27.49 -10.12
CA LEU A 1754 -15.90 -28.01 -8.83
C LEU A 1754 -17.12 -27.25 -8.34
N GLY A 1755 -18.20 -27.42 -9.09
CA GLY A 1755 -19.48 -26.82 -8.76
C GLY A 1755 -20.17 -26.37 -10.03
N ARG A 1756 -21.49 -26.29 -9.97
CA ARG A 1756 -22.29 -25.85 -11.10
C ARG A 1756 -23.54 -25.16 -10.59
N GLY A 1757 -23.79 -23.94 -11.08
CA GLY A 1757 -24.89 -23.14 -10.56
C GLY A 1757 -24.73 -22.85 -9.09
N PHE A 1758 -23.50 -22.59 -8.64
CA PHE A 1758 -23.19 -22.50 -7.22
C PHE A 1758 -23.82 -21.23 -6.66
N ILE A 1759 -24.98 -21.37 -6.05
CA ILE A 1759 -25.69 -20.25 -5.47
C ILE A 1759 -25.30 -20.16 -4.00
N SER A 1760 -24.90 -18.97 -3.57
CA SER A 1760 -24.45 -18.78 -2.21
C SER A 1760 -25.64 -18.45 -1.32
N ASN A 1761 -25.39 -18.28 -0.03
CA ASN A 1761 -26.41 -17.87 0.92
C ASN A 1761 -26.34 -16.36 1.08
N THR A 1762 -27.46 -15.76 1.46
CA THR A 1762 -27.52 -14.31 1.64
C THR A 1762 -26.68 -13.90 2.84
N LEU A 1763 -25.76 -12.97 2.61
CA LEU A 1763 -24.73 -12.66 3.59
C LEU A 1763 -25.32 -11.87 4.76
N ALA A 1764 -24.91 -12.26 5.97
CA ALA A 1764 -25.29 -11.56 7.18
C ALA A 1764 -24.28 -10.44 7.44
N LEU A 1765 -24.79 -9.23 7.61
CA LEU A 1765 -23.91 -8.06 7.72
C LEU A 1765 -23.16 -8.03 9.04
N LEU A 1766 -23.76 -8.57 10.11
CA LEU A 1766 -23.21 -8.68 11.47
C LEU A 1766 -22.52 -7.42 12.02
PG RTP B . 25.47 18.77 -17.78
O1G RTP B . 25.20 19.47 -19.06
O2G RTP B . 26.88 18.12 -17.84
O3G RTP B . 24.41 17.68 -17.57
O3B RTP B . 25.40 19.82 -16.57
PB RTP B . 25.72 19.45 -15.01
O1B RTP B . 26.34 18.08 -14.93
O2B RTP B . 26.68 20.44 -14.44
O3A RTP B . 24.36 19.50 -14.15
PA RTP B . 23.19 18.30 -14.04
O1A RTP B . 23.76 16.92 -14.46
O2A RTP B . 22.02 18.64 -14.94
O5' RTP B . 22.68 18.23 -12.42
C5' RTP B . 23.25 19.18 -11.49
C4' RTP B . 24.15 18.44 -10.49
O4' RTP B . 23.28 17.96 -9.19
C1' RTP B . 23.14 16.68 -9.30
N1 RTP B . 21.89 16.36 -10.12
N2 RTP B . 21.85 15.58 -11.24
N3 RTP B . 19.57 13.50 -12.76
C6 RTP B . 20.12 14.80 -12.90
O3 RTP B . 20.20 15.31 -13.99
C3 RTP B . 20.62 15.55 -11.67
N4 RTP B . 19.86 16.31 -10.82
C5 RTP B . 20.67 16.81 -9.87
C2' RTP B . 24.40 16.21 -10.07
O2' RTP B . 25.44 16.06 -9.20
C3' RTP B . 24.68 17.38 -11.04
O3' RTP B . 26.16 17.56 -11.22
PG RTP C . 7.43 6.11 16.04
O1G RTP C . 8.44 6.15 17.14
O2G RTP C . 7.90 7.02 14.86
O3G RTP C . 6.09 6.61 16.58
O3B RTP C . 7.27 4.60 15.52
PB RTP C . 6.51 4.20 14.14
O1B RTP C . 6.46 2.70 13.98
O2B RTP C . 5.11 4.74 14.15
O3A RTP C . 7.31 4.85 12.91
PA RTP C . 8.71 4.18 12.26
O1A RTP C . 9.64 5.32 11.78
O2A RTP C . 8.34 3.31 11.07
O5' RTP C . 9.51 3.25 13.43
C5' RTP C . 10.18 2.04 13.01
C4' RTP C . 9.98 0.96 14.06
O4' RTP C . 9.58 1.64 15.48
C1' RTP C . 8.79 0.80 16.08
N1 RTP C . 7.83 1.55 16.99
N2 RTP C . 8.19 2.52 17.86
N3 RTP C . 7.71 5.26 19.28
C6 RTP C . 7.06 4.04 19.54
O3 RTP C . 6.48 3.85 20.58
C3 RTP C . 7.11 2.95 18.48
N4 RTP C . 6.05 2.24 17.99
C5 RTP C . 6.52 1.37 17.07
C2' RTP C . 8.03 0.11 14.92
O2' RTP C . 7.74 -1.18 15.24
C3' RTP C . 9.00 0.17 13.72
O3' RTP C . 9.52 -1.20 13.42
#